data_9IP2
#
_entry.id   9IP2
#
_cell.length_a   1.00
_cell.length_b   1.00
_cell.length_c   1.00
_cell.angle_alpha   90.00
_cell.angle_beta   90.00
_cell.angle_gamma   90.00
#
_symmetry.space_group_name_H-M   'P 1'
#
loop_
_entity.id
_entity.type
_entity.pdbx_description
1 polymer 'RNA-directed RNA polymerase L,Maltose/maltodextrin-binding periplasmic protein'
2 polymer 'Maltose/maltodextrin-binding periplasmic protein,Polymerase cofactor VP35'
3 non-polymer 'ZINC ION'
#
loop_
_entity_poly.entity_id
_entity_poly.type
_entity_poly.pdbx_seq_one_letter_code
_entity_poly.pdbx_strand_id
1 'polypeptide(L)'
;MQHPTQYPDARLSSPIILDQCDLLARSLGLYSHYSHNPKLRNCRIPHHIYRLRNSTALKTFLQNCSILTVPFHSIWDHIL
TSIQYDAINHVDDFKYLLPSELVKYANWDNEFLKAYLNKILGLDHVFSASARSQCEDFSPKENPYYWGMLLLVHLSQLAR
RIKGQRGSLRSNWKFIGTDLELFGIADFVIFKVPVKTIIRNAVSLQASKPGLRIWYRDQNLTPYLCDDEFIVSVASYECF
IMIKDVFIERYNTWEICARAWLEDSDGADYPPLDVLGELYNQGDQIIAMYLEDGFKLIKHLEPLCVSCIQTHGIFTPRKY
WFQSQMIKSYYDELHDLNLKLQISDNKAECAQNFIKTIVQAKLTPQQYCELFSLQKHWGHPVLYNDVALDKVKKHAQSTK
ILKPKVMFETFCVFKFIVAKNHYHSQGSWYKTTHDLHLTPYLRQHIVSNSFPSQAEIYQHLWEWYFVEHEPLFSTKIISD
LSIFIKDRATAVNQECWDSVFDRSVLGYNPPVRFQSKRVPEQFLGQADFSLNQILEFAEKLEYLAPSYRNFSFSLKEKEL
NIGRTFGKLPYRVRNVQTLAEALLADGLAKAFPSNMMVVTEREQKEALLHQASWHHNSASIGENAIVRGASFVTDLEKYN
LAFRYEFTRHFIDYCNRCYGVKNLFDWMHFLIPLCYMHVSDFYSPPHCVTEDNRNNPPDCANAYHYHLGGIEGLQQKLWT
CISCAQITLVELKTKLKLKSSVMGDNQCITTLSLFPIDAPNDYQENEAELNAARVAVELAITTGYSGIFLKPEETFVHSG
FIYFGKKQYLNGVQLPQSLKTMARCGPLSDSIFDDLQGSLASIGTSFERGTSETRHIFPSRWIASFHSMLAINLLNQNHL
GFPLGFNIDISCFKKPLTFSEKLIALITPQVLGGLSFLNPEKLFYRNISDPLTSGLFQLKNALEFLEKEELFYILISKKP
GLADASDFVMNPLGLNVPGSKEIITFLRQTVRENITITSQNRIINSLFHIGSDLEDQRVCEWLLSSNPVMSRFAADIFSR
TPSGKRLQVLGYLEGTRTLLASRTISLTTEGTMLMKLRELTRNRWKSWFSYIDALDDDLSESLEKFTCTVDVANFLRAYS
WSDVLKGKRLIGATLPCLLEQFEVKWINLSEDLREQFNLSSDSKSTINLLPYDCKELRLEGSNDTELNYVSCALDRKVVQ
KHPSVNRLAWTIGNRAPYIGSRTEDKIGYPPLRVNCPSAALKEAIEMVSRLLWVTQGTADREKLLIPLLNSRVNLDYQTV
LNFLPTHYSGNIVHRYNDQYGQHSFMANRMSNTSTRAIISTNTLGKYAGGGQAAIDSNIIFQNTINLGVAVLDIALSLAK
LSSASNVTFRLMLNKCCTRHVPSEYLYFDKPLDVDLNKYMDNELVYDNDPLCSGIKGRLGRVSRSTLTLSLNVSDIGSYD
FPTIAAWTLGETIVGSIFSDESSQSTDPISSGCTKTFVTHFLVYPVESIFYAFGANLIVESLSLSRIKSIKNLSDLTFLI
SSTIRNLSHRSLRILQSTFRHELVLTRLAHHIPLISLMLGGSAGEKSSSDAVRLFLTASYQNFINNFSCLMKKGQSSLPV
WLYFPSEGQQLKPILKILQRLSDLLSPDKIQKRKILADTCCPIGSFWVYPSKSTRTNHYYASLNYWRDKANKVKNTPFSH
LINCSFPEFSSHTSSVSSNQQVTNSKYIVYPENITEINARTRLINYGSTALQGMDTKMPLSEQNLVENCRPSEGIRFKDN
QKITKHDQRCEREESSPQQMFPEDNMQTPAHIHSSSPFQILIKSLDAHEDFDASKIILNSEINNLNLTEYTLNTKLLTTP
TRTEILDTSPLQSSRYSSTSRERSLLSREQASYLYVDCSNIPSISLDPGFRSMSDQNQVQMLINTYKRDLHACFDSNQFC
RFTGVVSSMHYKLYDLLPPGKLKKAICLAEGEGSGARLLLKWKETDYLFFNTLATDSQQEAEILSGRVIPRMLYNIDRLS
ALLESRRLILNNLTIQITDITNPLWLDSVIQYLPEDSDILTMDAETTKDETREQLYKTIVNIWTRTSPNIPKISIIKVFL
LDYEGTLFLMKNAIQYYGQVQLKKPYSSNAKNSEWYLCCGKRRIQRLQIDFSDQVGIFLICKAMSRQRQAIPYWLKHIEK
NYPASLHEFFLTLGFPSLESSFCHRYTIPFSEGKALFHKVQSYVRQGKQHLHSLMLDYENNSPLLDLRNHFICSLRGKIT
KYYNDILKLNLVIKAVEKGKNWSQLVEILPNMHSVCIVHVDHECSGCEKRLLLKLDFIRNTKIAEQKLLNRVIGYILFFP
FGLFKSGSLRASRENLYFQGSGWSHPQFEKGGGSGGGSGGSAWSHPQFEKGSASHHHHHHGTKTEEGKLVIWINGDKGYN
GLAEVGKKFEKDTGIKVTVEHPDKLEEKFPQVAATGDGPDIIFWAHDRFGGYAQSGLLAEITPDKAFQDKLYPFTWDAVR
YNGKLIAYPIAVEALSLIYNKDLLPNPPKTWEEIPALDKELKAKGKSALMFNLQEPYFTWPLIAADGGYAFKYENGKYDI
KDVGVDNAGAKAGLTFLVDLIKNKHMNADTDYSIAEAAFNKGETAMTINGPWAWSNIDTSKVNYGVTVLPTFKGQPSKPF
VGVLSAGINAASPNKELAKEFLENYLLTDEGLEAVNKDKPLGAVALKSYEEELAKDPRIAATMENAQKGEIMPNIPQMSA
FWYAVRTAVINAASGRQTVDEALKDAQTGDYKDDDDK
;
A
2 'polypeptide(L)'
;MGSSHHHHHHGTKTEEGKLVIWINGDKGYNGLAEVGKKFEKDTGIKVTVEHPDKLEEKFPQVAATGDGPDIIFWAHDRFG
GYAQSGLLAEITPDKAFQDKLYPFTWDAVRYNGKLIAYPIAVEALSLIYNKDLLPNPPKTWEEIPALDKELKAKGKSALM
FNLQEPYFTWPLIAADGGYAFKYENGKYDIKDVGVDNAGAKAGLTFLVDLIKNKHMNADTDYSIAEAAFNKGETAMTING
PWAWSNIDTSKVNYGVTVLPTFKGQPSKPFVGVLSAGINAASPNKELAKEFLENYLLTDEGLEAVNKDKPLGAVALKSYE
EELAKDPRIAATMENAQKGEIMPNIPQMSAFWYAVRTAVINAASGRQTVDEALKDAQTGTDYDIPTTLEVLFQGPLGSMW
DSSYMQQVSEGLMTGKVPIDQVFGANPLEKLYKRRKPKGTVGLQCSPCLMSKATSTDDIIWDQLIVKRTLADLLIPINRQ
ISDIQSTLSEVTTRVHEIERQLHEITPVLKMGRTLEAISKGMSEMLAKYDHLVISTGRTTAPAAAFDAYLNEHGVPPPQP
AIFKDLGVAQQACSKGTMVKNATTDAADKMSKVLELSEETFSKPNLSAKDLALLLFTHLPGNNTPFHILAQVLSKIAYKS
GKSGAFLDAFHQILSEGENAQAALTRLSRTFDAFLGVVPPVIRVKNFQTVPRPCQKSLRAVPPNPTIDKGWVCVYSSEQG
ETRALKI
;
B,C,D,E
#
# COMPACT_ATOMS: atom_id res chain seq x y z
N PRO A 4 -18.39 -22.29 -15.54
CA PRO A 4 -17.20 -23.16 -15.63
C PRO A 4 -15.87 -22.43 -15.44
N THR A 5 -15.72 -21.27 -16.10
CA THR A 5 -14.47 -20.50 -16.04
C THR A 5 -14.25 -19.91 -14.65
N GLN A 6 -15.32 -19.47 -14.00
CA GLN A 6 -15.24 -18.78 -12.72
C GLN A 6 -15.87 -19.62 -11.61
N TYR A 7 -15.25 -19.55 -10.45
CA TYR A 7 -15.63 -20.31 -9.27
C TYR A 7 -15.56 -19.41 -8.05
N PRO A 8 -16.19 -19.79 -6.94
CA PRO A 8 -16.06 -19.00 -5.73
C PRO A 8 -14.61 -18.87 -5.34
N ASP A 9 -14.30 -17.76 -4.68
CA ASP A 9 -12.92 -17.40 -4.39
C ASP A 9 -12.28 -18.39 -3.41
N ALA A 10 -11.02 -18.73 -3.66
CA ALA A 10 -10.33 -19.69 -2.80
C ALA A 10 -10.00 -19.09 -1.43
N ARG A 11 -9.64 -17.82 -1.40
CA ARG A 11 -9.32 -17.07 -0.20
C ARG A 11 -10.32 -15.95 0.00
N LEU A 12 -10.33 -15.39 1.21
CA LEU A 12 -11.29 -14.35 1.55
C LEU A 12 -10.90 -13.03 0.92
N SER A 13 -11.71 -12.55 -0.05
CA SER A 13 -11.58 -11.18 -0.56
C SER A 13 -12.97 -10.56 -0.77
N SER A 14 -13.55 -10.02 0.30
CA SER A 14 -14.80 -9.25 0.34
C SER A 14 -15.02 -8.88 1.80
N PRO A 15 -15.73 -7.80 2.10
CA PRO A 15 -16.12 -7.52 3.49
C PRO A 15 -17.12 -8.54 4.01
N ILE A 16 -17.14 -8.68 5.34
CA ILE A 16 -18.03 -9.62 6.02
C ILE A 16 -19.30 -8.86 6.40
N ILE A 17 -20.39 -9.18 5.70
CA ILE A 17 -21.69 -8.58 5.89
C ILE A 17 -22.68 -9.68 6.23
N LEU A 18 -23.45 -9.47 7.29
CA LEU A 18 -24.36 -10.51 7.76
C LEU A 18 -25.82 -10.07 7.77
N ASP A 19 -26.20 -9.18 6.84
CA ASP A 19 -27.59 -8.73 6.76
C ASP A 19 -28.54 -9.85 6.34
N GLN A 20 -28.22 -10.55 5.24
CA GLN A 20 -29.12 -11.58 4.69
C GLN A 20 -29.35 -12.74 5.65
N CYS A 21 -28.45 -12.94 6.63
CA CYS A 21 -28.64 -13.98 7.64
C CYS A 21 -29.92 -13.73 8.44
N ASP A 22 -30.22 -12.47 8.74
CA ASP A 22 -31.48 -12.16 9.42
C ASP A 22 -32.69 -12.68 8.65
N LEU A 23 -32.60 -12.74 7.31
CA LEU A 23 -33.71 -13.23 6.51
C LEU A 23 -33.80 -14.74 6.56
N LEU A 24 -32.67 -15.45 6.73
CA LEU A 24 -32.75 -16.91 6.81
C LEU A 24 -33.37 -17.30 8.13
N ALA A 25 -32.89 -16.70 9.22
CA ALA A 25 -33.45 -17.06 10.51
C ALA A 25 -34.95 -16.79 10.56
N ARG A 26 -35.44 -15.67 10.03
CA ARG A 26 -36.90 -15.49 10.09
C ARG A 26 -37.67 -16.57 9.33
N SER A 27 -37.06 -17.18 8.31
CA SER A 27 -37.81 -18.21 7.59
C SER A 27 -37.69 -19.59 8.22
N LEU A 28 -36.83 -19.76 9.21
CA LEU A 28 -36.73 -21.02 9.93
C LEU A 28 -37.38 -20.92 11.30
N GLY A 29 -37.95 -19.77 11.65
CA GLY A 29 -38.54 -19.68 12.97
C GLY A 29 -37.61 -19.35 14.11
N LEU A 30 -36.36 -18.96 13.84
CA LEU A 30 -35.40 -18.61 14.88
C LEU A 30 -35.38 -17.10 15.06
N TYR A 31 -34.61 -16.65 16.04
CA TYR A 31 -34.48 -15.23 16.34
C TYR A 31 -33.04 -14.80 16.08
N SER A 32 -32.88 -13.64 15.47
CA SER A 32 -31.57 -13.09 15.14
C SER A 32 -31.67 -11.57 14.96
N HIS A 33 -30.63 -10.84 15.31
CA HIS A 33 -30.64 -9.38 15.24
C HIS A 33 -29.33 -8.83 14.68
N TYR A 34 -28.85 -9.38 13.57
CA TYR A 34 -27.59 -8.89 13.02
C TYR A 34 -27.66 -7.45 12.55
N SER A 35 -28.76 -7.05 11.90
CA SER A 35 -28.82 -5.78 11.17
C SER A 35 -29.47 -4.68 11.99
N HIS A 36 -29.03 -3.44 11.74
CA HIS A 36 -29.64 -2.26 12.33
C HIS A 36 -30.74 -1.67 11.44
N ASN A 37 -30.98 -2.24 10.28
CA ASN A 37 -31.95 -1.70 9.32
C ASN A 37 -33.36 -2.17 9.66
N PRO A 38 -34.29 -1.24 9.91
CA PRO A 38 -35.68 -1.65 10.21
C PRO A 38 -36.47 -2.17 9.01
N LYS A 39 -35.94 -2.08 7.79
CA LYS A 39 -36.63 -2.69 6.66
C LYS A 39 -36.68 -4.20 6.78
N LEU A 40 -35.65 -4.80 7.38
CA LEU A 40 -35.51 -6.26 7.49
C LEU A 40 -36.32 -6.88 8.62
N ARG A 41 -36.92 -6.08 9.50
CA ARG A 41 -37.69 -6.73 10.54
C ARG A 41 -39.03 -7.23 9.99
N ASN A 42 -39.58 -6.55 8.95
CA ASN A 42 -40.94 -6.85 8.51
C ASN A 42 -41.14 -6.97 7.02
N CYS A 43 -40.09 -6.92 6.21
CA CYS A 43 -40.23 -7.11 4.78
C CYS A 43 -40.66 -8.54 4.48
N ARG A 44 -41.03 -8.82 3.23
CA ARG A 44 -41.33 -10.20 2.85
C ARG A 44 -40.04 -10.86 2.36
N ILE A 45 -39.88 -12.13 2.72
CA ILE A 45 -38.61 -12.83 2.51
C ILE A 45 -38.40 -13.05 1.00
N PRO A 46 -37.22 -12.75 0.45
CA PRO A 46 -36.97 -13.09 -0.95
C PRO A 46 -37.15 -14.57 -1.23
N HIS A 47 -37.69 -14.88 -2.41
CA HIS A 47 -38.08 -16.26 -2.64
C HIS A 47 -36.89 -17.21 -2.63
N HIS A 48 -35.76 -16.80 -3.18
CA HIS A 48 -34.61 -17.72 -3.23
C HIS A 48 -34.03 -18.03 -1.86
N ILE A 49 -34.39 -17.28 -0.82
CA ILE A 49 -34.05 -17.59 0.57
C ILE A 49 -35.19 -18.31 1.28
N TYR A 50 -36.42 -17.89 1.04
CA TYR A 50 -37.55 -18.51 1.71
C TYR A 50 -37.73 -19.95 1.31
N ARG A 51 -37.27 -20.34 0.12
CA ARG A 51 -37.50 -21.72 -0.31
C ARG A 51 -36.58 -22.73 0.41
N LEU A 52 -35.50 -22.27 1.07
CA LEU A 52 -34.56 -23.18 1.73
C LEU A 52 -35.15 -23.86 2.94
N ARG A 53 -36.26 -23.34 3.47
CA ARG A 53 -36.83 -23.97 4.65
C ARG A 53 -37.46 -25.31 4.35
N ASN A 54 -37.60 -25.66 3.07
CA ASN A 54 -38.27 -26.88 2.67
C ASN A 54 -37.32 -28.07 2.56
N SER A 55 -36.01 -27.87 2.68
CA SER A 55 -35.09 -29.00 2.53
C SER A 55 -35.18 -29.92 3.74
N THR A 56 -35.27 -31.23 3.48
CA THR A 56 -35.42 -32.18 4.58
C THR A 56 -34.13 -32.37 5.36
N ALA A 57 -32.99 -32.21 4.71
CA ALA A 57 -31.73 -32.35 5.43
C ALA A 57 -31.57 -31.25 6.46
N LEU A 58 -31.96 -30.02 6.13
CA LEU A 58 -31.83 -28.91 7.07
C LEU A 58 -32.82 -29.01 8.22
N LYS A 59 -33.97 -29.65 8.02
CA LYS A 59 -34.90 -29.76 9.13
C LYS A 59 -34.47 -30.79 10.17
N THR A 60 -33.81 -31.88 9.75
CA THR A 60 -33.27 -32.81 10.75
C THR A 60 -32.01 -32.29 11.43
N PHE A 61 -31.27 -31.40 10.77
CA PHE A 61 -30.10 -30.82 11.43
C PHE A 61 -30.51 -29.88 12.54
N LEU A 62 -31.68 -29.28 12.44
CA LEU A 62 -32.16 -28.31 13.41
C LEU A 62 -33.08 -28.93 14.45
N GLN A 63 -33.08 -30.25 14.60
CA GLN A 63 -33.85 -30.88 15.67
C GLN A 63 -33.15 -30.74 17.00
N ASN A 64 -33.94 -30.56 18.06
CA ASN A 64 -33.42 -30.41 19.40
C ASN A 64 -32.57 -29.14 19.58
N CYS A 65 -32.90 -28.06 18.87
CA CYS A 65 -32.24 -26.77 18.98
C CYS A 65 -33.18 -25.74 19.58
N SER A 66 -32.59 -24.68 20.11
CA SER A 66 -33.36 -23.63 20.74
C SER A 66 -33.88 -22.64 19.71
N ILE A 67 -34.88 -21.84 20.10
CA ILE A 67 -35.39 -20.79 19.23
C ILE A 67 -34.39 -19.65 19.11
N LEU A 68 -33.58 -19.41 20.12
CA LEU A 68 -32.63 -18.31 20.10
C LEU A 68 -31.33 -18.71 19.42
N THR A 69 -30.67 -17.74 18.80
CA THR A 69 -29.36 -17.94 18.21
C THR A 69 -28.42 -16.94 18.86
N VAL A 70 -27.11 -17.09 18.63
CA VAL A 70 -26.12 -16.19 19.22
C VAL A 70 -25.31 -15.65 18.06
N PRO A 71 -24.70 -14.47 18.20
CA PRO A 71 -23.86 -13.96 17.10
C PRO A 71 -22.66 -14.86 16.91
N PHE A 72 -21.89 -14.57 15.86
CA PHE A 72 -20.89 -15.49 15.37
C PHE A 72 -19.65 -15.48 16.22
N HIS A 73 -19.27 -14.34 16.79
CA HIS A 73 -17.95 -14.26 17.42
C HIS A 73 -17.95 -14.85 18.84
N SER A 74 -19.05 -14.61 19.57
CA SER A 74 -19.21 -15.23 20.88
C SER A 74 -18.92 -16.74 20.87
N ILE A 75 -19.11 -17.38 19.73
CA ILE A 75 -18.75 -18.77 19.47
C ILE A 75 -17.34 -18.91 18.92
N TRP A 76 -16.86 -17.90 18.18
CA TRP A 76 -15.51 -17.93 17.59
C TRP A 76 -14.48 -18.59 18.48
N ASP A 77 -14.50 -18.22 19.73
CA ASP A 77 -13.48 -18.84 20.61
C ASP A 77 -13.58 -20.38 20.68
N HIS A 78 -14.79 -20.87 20.97
CA HIS A 78 -15.05 -22.31 21.10
C HIS A 78 -14.88 -23.04 19.78
N ILE A 79 -15.23 -22.41 18.67
CA ILE A 79 -15.03 -23.02 17.36
C ILE A 79 -13.56 -23.35 17.13
N LEU A 80 -12.68 -22.36 17.35
CA LEU A 80 -11.26 -22.60 17.10
C LEU A 80 -10.75 -23.73 17.97
N THR A 81 -11.06 -23.69 19.27
CA THR A 81 -10.55 -24.74 20.17
C THR A 81 -11.08 -26.12 19.78
N SER A 82 -12.37 -26.21 19.44
CA SER A 82 -12.96 -27.51 19.16
C SER A 82 -12.40 -28.15 17.90
N ILE A 83 -12.28 -27.37 16.82
CA ILE A 83 -11.67 -27.90 15.59
C ILE A 83 -10.22 -28.28 15.82
N GLN A 84 -9.49 -27.48 16.61
CA GLN A 84 -8.09 -27.80 16.86
C GLN A 84 -7.92 -29.15 17.54
N TYR A 85 -8.77 -29.46 18.53
CA TYR A 85 -8.59 -30.67 19.32
C TYR A 85 -9.38 -31.88 18.83
N ASP A 86 -10.33 -31.70 17.92
CA ASP A 86 -11.17 -32.81 17.50
C ASP A 86 -10.87 -33.31 16.10
N ALA A 87 -10.02 -32.63 15.35
CA ALA A 87 -9.83 -32.96 13.95
C ALA A 87 -9.10 -34.27 13.74
N ILE A 88 -8.43 -34.82 14.75
CA ILE A 88 -7.65 -36.04 14.55
C ILE A 88 -8.50 -37.30 14.52
N ASN A 89 -9.76 -37.23 14.94
CA ASN A 89 -10.65 -38.37 14.96
C ASN A 89 -11.41 -38.52 13.65
N HIS A 90 -11.10 -37.69 12.66
CA HIS A 90 -11.79 -37.67 11.38
C HIS A 90 -10.79 -37.82 10.27
N VAL A 91 -9.78 -38.67 10.47
CA VAL A 91 -8.76 -38.80 9.45
C VAL A 91 -9.33 -39.52 8.23
N ASP A 92 -10.30 -40.42 8.45
CA ASP A 92 -10.86 -41.14 7.31
C ASP A 92 -11.56 -40.24 6.33
N ASP A 93 -12.01 -39.06 6.76
CA ASP A 93 -12.66 -38.16 5.83
C ASP A 93 -11.66 -37.61 4.81
N PHE A 94 -10.42 -37.34 5.23
CA PHE A 94 -9.38 -36.89 4.30
C PHE A 94 -8.21 -37.88 4.29
N LYS A 95 -8.51 -39.16 4.13
CA LYS A 95 -7.47 -40.18 4.02
C LYS A 95 -6.60 -39.96 2.79
N TYR A 96 -7.20 -39.57 1.66
CA TYR A 96 -6.46 -39.05 0.52
C TYR A 96 -5.85 -37.76 1.05
N LEU A 97 -5.06 -37.03 0.29
CA LEU A 97 -4.19 -35.95 0.79
C LEU A 97 -2.97 -36.56 1.49
N LEU A 98 -2.96 -37.87 1.77
CA LEU A 98 -1.80 -38.65 2.17
C LEU A 98 -0.89 -37.85 3.08
N PRO A 99 -1.26 -37.54 4.33
CA PRO A 99 -0.44 -36.61 5.12
C PRO A 99 1.02 -37.03 5.31
N SER A 100 1.28 -38.32 5.54
CA SER A 100 2.64 -38.79 5.74
C SER A 100 3.50 -38.54 4.52
N GLU A 101 2.92 -38.65 3.31
CA GLU A 101 3.68 -38.34 2.10
C GLU A 101 4.00 -36.86 1.97
N LEU A 102 3.11 -35.96 2.40
CA LEU A 102 3.47 -34.53 2.40
C LEU A 102 4.71 -34.30 3.24
N VAL A 103 4.74 -34.85 4.46
CA VAL A 103 5.91 -34.65 5.31
C VAL A 103 7.15 -35.27 4.66
N LYS A 104 6.99 -36.46 4.09
CA LYS A 104 8.15 -37.12 3.49
C LYS A 104 8.75 -36.29 2.34
N TYR A 105 7.90 -35.76 1.46
CA TYR A 105 8.45 -34.98 0.35
C TYR A 105 9.13 -33.71 0.83
N ALA A 106 8.55 -33.01 1.81
CA ALA A 106 9.18 -31.79 2.30
C ALA A 106 10.56 -32.06 2.91
N ASN A 107 10.68 -33.14 3.69
CA ASN A 107 11.97 -33.49 4.28
C ASN A 107 13.00 -33.78 3.20
N TRP A 108 12.59 -34.54 2.18
CA TRP A 108 13.53 -34.85 1.10
C TRP A 108 14.00 -33.58 0.43
N ASP A 109 13.11 -32.61 0.23
CA ASP A 109 13.53 -31.37 -0.42
C ASP A 109 14.53 -30.59 0.44
N ASN A 110 14.35 -30.51 1.78
CA ASN A 110 15.41 -29.84 2.56
C ASN A 110 16.74 -30.55 2.46
N GLU A 111 16.74 -31.88 2.52
CA GLU A 111 18.05 -32.53 2.37
C GLU A 111 18.68 -32.21 1.03
N PHE A 112 17.87 -32.19 -0.04
CA PHE A 112 18.42 -31.87 -1.36
C PHE A 112 19.02 -30.47 -1.39
N LEU A 113 18.32 -29.48 -0.87
CA LEU A 113 18.85 -28.13 -0.93
C LEU A 113 20.12 -27.98 -0.09
N LYS A 114 20.21 -28.66 1.04
CA LYS A 114 21.45 -28.59 1.83
C LYS A 114 22.62 -29.15 1.04
N ALA A 115 22.42 -30.28 0.36
CA ALA A 115 23.50 -30.82 -0.46
C ALA A 115 23.89 -29.87 -1.57
N TYR A 116 22.91 -29.27 -2.23
CA TYR A 116 23.19 -28.33 -3.32
C TYR A 116 24.03 -27.15 -2.83
N LEU A 117 23.64 -26.53 -1.72
CA LEU A 117 24.37 -25.36 -1.21
C LEU A 117 25.74 -25.74 -0.66
N ASN A 118 25.88 -26.92 -0.06
CA ASN A 118 27.20 -27.34 0.38
C ASN A 118 28.14 -27.49 -0.81
N LYS A 119 27.63 -28.01 -1.93
CA LYS A 119 28.48 -28.13 -3.11
C LYS A 119 28.81 -26.77 -3.72
N ILE A 120 27.84 -25.86 -3.76
CA ILE A 120 28.08 -24.58 -4.41
C ILE A 120 29.07 -23.76 -3.60
N LEU A 121 28.85 -23.64 -2.28
CA LEU A 121 29.71 -22.80 -1.45
C LEU A 121 31.09 -23.40 -1.26
N GLY A 122 31.30 -24.66 -1.61
CA GLY A 122 32.64 -25.15 -1.47
C GLY A 122 33.03 -25.66 -0.11
N LEU A 123 32.18 -25.53 0.89
CA LEU A 123 32.46 -26.04 2.23
C LEU A 123 31.52 -27.20 2.51
N ASP A 124 32.08 -28.35 2.86
CA ASP A 124 31.24 -29.40 3.39
C ASP A 124 30.84 -29.03 4.82
N HIS A 125 29.69 -29.54 5.25
CA HIS A 125 29.31 -29.44 6.65
C HIS A 125 29.02 -28.00 7.10
N VAL A 126 28.63 -27.09 6.20
CA VAL A 126 28.18 -25.80 6.69
C VAL A 126 26.84 -25.98 7.38
N PHE A 127 26.00 -26.85 6.82
CA PHE A 127 24.67 -27.12 7.33
C PHE A 127 24.63 -28.55 7.87
N SER A 128 24.28 -28.67 9.17
CA SER A 128 24.29 -29.87 10.02
C SER A 128 22.88 -30.37 10.26
N ALA A 129 22.77 -31.39 11.13
CA ALA A 129 21.52 -32.13 11.32
C ALA A 129 21.00 -32.00 12.75
N SER A 130 19.90 -31.27 12.91
CA SER A 130 19.13 -31.26 14.16
C SER A 130 18.11 -32.36 13.98
N ALA A 131 18.46 -33.56 14.46
CA ALA A 131 17.66 -34.76 14.19
C ALA A 131 16.23 -34.62 14.69
N ARG A 132 15.94 -33.55 15.44
CA ARG A 132 14.59 -33.33 15.93
C ARG A 132 13.68 -32.77 14.85
N SER A 133 14.18 -31.89 13.99
CA SER A 133 13.34 -31.40 12.90
C SER A 133 13.24 -32.39 11.76
N GLN A 134 14.15 -33.33 11.65
CA GLN A 134 14.20 -34.23 10.51
C GLN A 134 13.37 -35.48 10.70
N CYS A 135 12.82 -35.75 11.88
CA CYS A 135 12.01 -36.95 11.99
C CYS A 135 10.60 -36.70 11.47
N GLU A 136 9.99 -37.77 10.98
CA GLU A 136 8.67 -37.67 10.37
C GLU A 136 7.60 -37.22 11.32
N ASP A 137 7.82 -37.35 12.62
CA ASP A 137 6.77 -37.17 13.60
C ASP A 137 6.84 -35.78 14.25
N PHE A 138 7.74 -34.91 13.78
CA PHE A 138 7.93 -33.61 14.41
C PHE A 138 6.70 -32.73 14.29
N SER A 139 6.19 -32.55 13.09
CA SER A 139 5.11 -31.59 12.83
C SER A 139 3.78 -32.15 13.31
N PRO A 140 3.44 -33.42 13.07
CA PRO A 140 2.19 -33.97 13.63
C PRO A 140 2.10 -33.91 15.13
N LYS A 141 3.22 -34.06 15.81
CA LYS A 141 3.25 -34.21 17.26
C LYS A 141 3.44 -32.89 17.98
N GLU A 142 4.15 -31.93 17.38
CA GLU A 142 4.50 -30.69 18.08
C GLU A 142 3.81 -29.43 17.57
N ASN A 143 3.13 -29.47 16.43
CA ASN A 143 2.41 -28.31 15.91
C ASN A 143 0.94 -28.44 16.23
N PRO A 144 0.35 -27.50 16.98
CA PRO A 144 -1.04 -27.69 17.38
C PRO A 144 -2.09 -27.46 16.30
N TYR A 145 -1.71 -27.06 15.09
CA TYR A 145 -2.67 -26.73 14.05
C TYR A 145 -2.61 -27.69 12.86
N TYR A 146 -1.87 -28.79 12.97
CA TYR A 146 -1.64 -29.64 11.81
C TYR A 146 -2.95 -30.28 11.34
N TRP A 147 -3.58 -31.07 12.21
CA TRP A 147 -4.79 -31.79 11.81
C TRP A 147 -5.96 -30.85 11.50
N GLY A 148 -6.14 -29.78 12.27
CA GLY A 148 -7.22 -28.88 11.92
C GLY A 148 -7.03 -28.24 10.56
N MET A 149 -5.77 -27.88 10.23
CA MET A 149 -5.51 -27.30 8.91
C MET A 149 -5.85 -28.25 7.78
N LEU A 150 -5.47 -29.53 7.90
CA LEU A 150 -5.81 -30.46 6.83
C LEU A 150 -7.33 -30.63 6.73
N LEU A 151 -8.02 -30.77 7.86
CA LEU A 151 -9.46 -30.94 7.78
C LEU A 151 -10.14 -29.76 7.13
N LEU A 152 -9.72 -28.53 7.44
CA LEU A 152 -10.38 -27.37 6.85
C LEU A 152 -9.99 -27.18 5.38
N VAL A 153 -8.82 -27.64 4.94
CA VAL A 153 -8.54 -27.65 3.49
C VAL A 153 -9.57 -28.52 2.75
N HIS A 154 -9.79 -29.74 3.25
CA HIS A 154 -10.82 -30.60 2.66
C HIS A 154 -12.23 -29.97 2.67
N LEU A 155 -12.67 -29.50 3.84
CA LEU A 155 -14.02 -28.95 3.96
C LEU A 155 -14.19 -27.70 3.13
N SER A 156 -13.14 -26.87 3.00
CA SER A 156 -13.31 -25.68 2.19
C SER A 156 -13.48 -26.04 0.73
N GLN A 157 -12.83 -27.10 0.24
CA GLN A 157 -13.15 -27.48 -1.15
C GLN A 157 -14.62 -27.89 -1.32
N LEU A 158 -15.14 -28.66 -0.37
CA LEU A 158 -16.58 -29.00 -0.44
C LEU A 158 -17.45 -27.75 -0.45
N ALA A 159 -17.15 -26.78 0.40
CA ALA A 159 -17.96 -25.57 0.47
C ALA A 159 -17.91 -24.78 -0.82
N ARG A 160 -16.73 -24.69 -1.44
CA ARG A 160 -16.66 -23.99 -2.73
C ARG A 160 -17.55 -24.69 -3.76
N ARG A 161 -17.54 -26.01 -3.80
CA ARG A 161 -18.44 -26.66 -4.76
C ARG A 161 -19.90 -26.34 -4.49
N ILE A 162 -20.35 -26.39 -3.23
CA ILE A 162 -21.77 -26.17 -2.94
C ILE A 162 -22.20 -24.73 -3.22
N LYS A 163 -21.37 -23.76 -2.88
CA LYS A 163 -21.79 -22.39 -3.18
C LYS A 163 -21.82 -22.16 -4.68
N GLY A 164 -20.88 -22.76 -5.42
CA GLY A 164 -20.83 -22.56 -6.86
C GLY A 164 -22.10 -22.97 -7.58
N GLN A 165 -22.69 -24.10 -7.18
CA GLN A 165 -23.96 -24.51 -7.77
C GLN A 165 -25.03 -23.49 -7.40
N ARG A 166 -25.90 -23.21 -8.36
CA ARG A 166 -26.82 -22.07 -8.25
C ARG A 166 -28.00 -22.29 -7.29
N GLY A 167 -27.98 -23.35 -6.48
CA GLY A 167 -29.07 -23.60 -5.55
C GLY A 167 -30.00 -24.70 -6.04
N SER A 168 -29.85 -25.91 -5.48
CA SER A 168 -30.62 -27.07 -5.91
C SER A 168 -31.51 -27.64 -4.80
N LEU A 169 -31.36 -27.14 -3.56
CA LEU A 169 -32.16 -27.54 -2.39
C LEU A 169 -31.83 -28.94 -1.90
N ARG A 170 -30.97 -29.65 -2.64
CA ARG A 170 -30.43 -30.94 -2.23
C ARG A 170 -28.92 -30.93 -2.22
N SER A 171 -28.30 -29.83 -2.63
CA SER A 171 -26.86 -29.72 -2.58
C SER A 171 -26.52 -29.12 -1.22
N ASN A 172 -25.87 -29.91 -0.37
CA ASN A 172 -25.44 -29.44 0.95
C ASN A 172 -24.27 -30.29 1.41
N TRP A 173 -23.58 -29.81 2.43
CA TRP A 173 -22.53 -30.57 3.06
C TRP A 173 -22.68 -30.44 4.56
N LYS A 174 -22.15 -31.41 5.30
CA LYS A 174 -22.22 -31.30 6.75
C LYS A 174 -21.05 -32.00 7.40
N PHE A 175 -20.76 -31.59 8.64
CA PHE A 175 -19.65 -32.17 9.40
C PHE A 175 -20.14 -32.33 10.83
N ILE A 176 -20.01 -33.54 11.38
CA ILE A 176 -20.50 -33.86 12.72
C ILE A 176 -19.29 -34.18 13.59
N GLY A 177 -19.08 -33.40 14.64
CA GLY A 177 -17.97 -33.66 15.55
C GLY A 177 -18.41 -33.93 16.96
N THR A 178 -17.44 -34.02 17.89
CA THR A 178 -17.79 -34.16 19.31
C THR A 178 -18.57 -32.95 19.80
N ASP A 179 -18.12 -31.76 19.45
CA ASP A 179 -18.93 -30.56 19.55
C ASP A 179 -18.98 -29.98 18.15
N LEU A 180 -19.62 -28.84 18.00
CA LEU A 180 -19.47 -28.09 16.77
C LEU A 180 -19.83 -28.89 15.51
N GLU A 181 -21.12 -29.17 15.35
CA GLU A 181 -21.62 -29.63 14.06
C GLU A 181 -21.73 -28.45 13.09
N LEU A 182 -21.56 -28.69 11.78
CA LEU A 182 -21.62 -27.65 10.73
C LEU A 182 -22.58 -28.08 9.63
N PHE A 183 -23.18 -27.13 8.91
CA PHE A 183 -24.08 -27.45 7.81
C PHE A 183 -24.00 -26.35 6.78
N GLY A 184 -23.79 -26.69 5.51
CA GLY A 184 -23.65 -25.70 4.46
C GLY A 184 -24.72 -25.83 3.40
N ILE A 185 -25.42 -24.75 3.12
CA ILE A 185 -26.51 -24.70 2.14
C ILE A 185 -26.12 -23.52 1.25
N ALA A 186 -26.99 -23.04 0.38
CA ALA A 186 -26.56 -22.19 -0.72
C ALA A 186 -25.52 -21.12 -0.39
N ASP A 187 -25.81 -20.19 0.48
CA ASP A 187 -24.84 -19.12 0.75
C ASP A 187 -24.44 -19.06 2.22
N PHE A 188 -24.92 -20.01 3.01
CA PHE A 188 -24.87 -19.93 4.44
C PHE A 188 -24.19 -21.14 5.03
N VAL A 189 -23.63 -20.95 6.22
CA VAL A 189 -23.10 -22.02 7.03
C VAL A 189 -23.66 -21.85 8.44
N ILE A 190 -24.06 -22.96 9.06
CA ILE A 190 -24.70 -22.94 10.36
C ILE A 190 -23.83 -23.69 11.34
N PHE A 191 -23.52 -23.06 12.48
CA PHE A 191 -22.70 -23.65 13.53
C PHE A 191 -23.59 -24.04 14.68
N LYS A 192 -23.36 -25.22 15.25
CA LYS A 192 -24.26 -25.81 16.24
C LYS A 192 -23.42 -26.30 17.42
N VAL A 193 -23.64 -25.75 18.61
CA VAL A 193 -22.83 -26.10 19.77
C VAL A 193 -23.73 -26.46 20.96
N PRO A 194 -23.32 -27.36 21.86
CA PRO A 194 -24.15 -27.65 23.03
C PRO A 194 -24.27 -26.46 23.97
N VAL A 195 -25.43 -26.33 24.61
CA VAL A 195 -25.68 -25.19 25.49
C VAL A 195 -24.79 -25.22 26.72
N LYS A 196 -24.53 -26.41 27.24
CA LYS A 196 -23.79 -26.54 28.49
C LYS A 196 -22.39 -25.98 28.37
N THR A 197 -21.73 -26.18 27.23
CA THR A 197 -20.39 -25.65 27.03
C THR A 197 -20.35 -24.13 26.89
N ILE A 198 -21.50 -23.48 26.73
CA ILE A 198 -21.55 -22.01 26.70
C ILE A 198 -21.94 -21.43 28.05
N ILE A 199 -22.90 -22.05 28.74
CA ILE A 199 -23.25 -21.53 30.06
C ILE A 199 -22.07 -21.70 31.03
N ARG A 200 -21.52 -22.93 31.12
CA ARG A 200 -20.30 -23.20 31.89
C ARG A 200 -20.41 -22.79 33.37
N ASN A 201 -21.45 -23.29 34.04
CA ASN A 201 -21.67 -23.05 35.48
C ASN A 201 -21.72 -21.55 35.83
N ALA A 202 -22.72 -20.89 35.28
CA ALA A 202 -22.99 -19.49 35.52
C ALA A 202 -24.48 -19.35 35.81
N VAL A 203 -24.87 -18.17 36.28
CA VAL A 203 -26.27 -17.95 36.65
C VAL A 203 -27.19 -18.04 35.42
N SER A 204 -26.79 -17.38 34.31
CA SER A 204 -27.62 -17.30 33.11
C SER A 204 -26.70 -17.11 31.91
N LEU A 205 -27.30 -17.12 30.71
CA LEU A 205 -26.50 -16.95 29.50
C LEU A 205 -25.83 -15.58 29.43
N GLN A 206 -26.54 -14.50 29.80
CA GLN A 206 -25.90 -13.19 29.74
C GLN A 206 -24.82 -13.05 30.81
N ALA A 207 -24.97 -13.73 31.94
CA ALA A 207 -23.95 -13.66 33.00
C ALA A 207 -22.63 -14.24 32.52
N SER A 208 -22.68 -15.36 31.76
CA SER A 208 -21.46 -15.99 31.25
C SER A 208 -20.83 -15.21 30.10
N LYS A 209 -21.63 -14.67 29.17
CA LYS A 209 -21.13 -13.88 28.04
C LYS A 209 -21.83 -12.52 28.05
N PRO A 210 -21.24 -11.52 28.69
CA PRO A 210 -21.91 -10.21 28.77
C PRO A 210 -22.15 -9.55 27.43
N GLY A 211 -21.34 -9.87 26.41
CA GLY A 211 -21.57 -9.27 25.10
C GLY A 211 -22.92 -9.61 24.49
N LEU A 212 -23.58 -10.67 24.97
CA LEU A 212 -24.91 -11.02 24.52
C LEU A 212 -25.99 -10.08 25.03
N ARG A 213 -25.68 -9.14 25.94
CA ARG A 213 -26.72 -8.22 26.42
C ARG A 213 -27.24 -7.30 25.33
N ILE A 214 -26.53 -7.18 24.21
CA ILE A 214 -26.97 -6.31 23.13
C ILE A 214 -28.20 -6.88 22.43
N TRP A 215 -28.27 -8.19 22.26
CA TRP A 215 -29.43 -8.80 21.63
C TRP A 215 -30.57 -9.03 22.62
N TYR A 216 -30.26 -9.55 23.81
CA TYR A 216 -31.27 -9.81 24.85
C TYR A 216 -30.88 -8.99 26.07
N ARG A 217 -31.53 -7.85 26.30
CA ARG A 217 -31.04 -6.92 27.32
C ARG A 217 -30.97 -7.55 28.71
N ASP A 218 -32.11 -7.83 29.31
CA ASP A 218 -32.18 -8.57 30.57
C ASP A 218 -33.52 -9.29 30.57
N GLN A 219 -33.50 -10.53 30.10
CA GLN A 219 -34.73 -11.31 29.99
C GLN A 219 -34.46 -12.70 30.53
N ASN A 220 -35.49 -13.28 31.13
CA ASN A 220 -35.36 -14.65 31.62
C ASN A 220 -35.36 -15.59 30.42
N LEU A 221 -34.18 -16.00 29.96
CA LEU A 221 -34.05 -16.84 28.79
C LEU A 221 -34.17 -18.32 29.11
N THR A 222 -34.28 -18.68 30.37
CA THR A 222 -34.30 -20.11 30.66
C THR A 222 -35.55 -20.84 30.14
N PRO A 223 -36.72 -20.21 29.96
CA PRO A 223 -37.83 -20.97 29.34
C PRO A 223 -37.52 -21.47 27.93
N TYR A 224 -36.60 -20.83 27.21
CA TYR A 224 -36.27 -21.22 25.85
C TYR A 224 -35.06 -22.16 25.74
N LEU A 225 -34.38 -22.47 26.85
CA LEU A 225 -33.17 -23.27 26.82
C LEU A 225 -33.23 -24.56 27.63
N CYS A 226 -34.31 -24.81 28.36
CA CYS A 226 -34.36 -26.03 29.18
C CYS A 226 -34.54 -27.29 28.34
N ASP A 227 -35.44 -27.25 27.37
CA ASP A 227 -35.84 -28.47 26.68
C ASP A 227 -34.96 -28.80 25.48
N ASP A 228 -34.04 -27.92 25.13
CA ASP A 228 -33.20 -28.09 23.95
C ASP A 228 -31.72 -28.15 24.36
N GLU A 229 -31.01 -29.10 23.75
CA GLU A 229 -29.64 -29.40 24.14
C GLU A 229 -28.63 -28.55 23.38
N PHE A 230 -29.03 -27.96 22.25
CA PHE A 230 -28.13 -27.23 21.38
C PHE A 230 -28.56 -25.80 21.14
N ILE A 231 -27.60 -25.00 20.68
CA ILE A 231 -27.88 -23.64 20.28
C ILE A 231 -27.12 -23.40 18.98
N VAL A 232 -27.62 -22.47 18.17
CA VAL A 232 -27.25 -22.31 16.76
C VAL A 232 -26.75 -20.89 16.49
N SER A 233 -25.83 -20.77 15.54
CA SER A 233 -25.45 -19.47 14.99
C SER A 233 -25.47 -19.57 13.48
N VAL A 234 -26.11 -18.62 12.80
CA VAL A 234 -26.20 -18.60 11.35
C VAL A 234 -25.14 -17.65 10.82
N ALA A 235 -24.43 -18.03 9.76
CA ALA A 235 -23.41 -17.13 9.24
C ALA A 235 -23.28 -17.36 7.74
N SER A 236 -22.37 -16.63 7.08
CA SER A 236 -22.26 -16.75 5.64
C SER A 236 -21.11 -17.65 5.25
N TYR A 237 -20.95 -17.84 3.95
CA TYR A 237 -19.84 -18.65 3.48
C TYR A 237 -18.51 -17.93 3.74
N GLU A 238 -18.50 -16.61 3.73
CA GLU A 238 -17.24 -15.90 3.98
C GLU A 238 -16.74 -16.10 5.39
N CYS A 239 -17.63 -16.24 6.37
CA CYS A 239 -17.15 -16.50 7.70
C CYS A 239 -16.40 -17.82 7.75
N PHE A 240 -16.92 -18.84 7.10
CA PHE A 240 -16.22 -20.11 7.05
C PHE A 240 -14.87 -20.01 6.33
N ILE A 241 -14.83 -19.32 5.20
CA ILE A 241 -13.54 -19.18 4.52
C ILE A 241 -12.54 -18.44 5.39
N MET A 242 -13.01 -17.45 6.15
CA MET A 242 -12.09 -16.73 7.01
C MET A 242 -11.52 -17.63 8.09
N ILE A 243 -12.33 -18.54 8.63
CA ILE A 243 -11.79 -19.50 9.60
C ILE A 243 -10.70 -20.35 8.96
N LYS A 244 -10.94 -20.81 7.73
CA LYS A 244 -9.93 -21.63 7.04
C LYS A 244 -8.65 -20.86 6.86
N ASP A 245 -8.75 -19.59 6.49
CA ASP A 245 -7.56 -18.75 6.34
C ASP A 245 -6.80 -18.62 7.63
N VAL A 246 -7.52 -18.47 8.75
CA VAL A 246 -6.85 -18.31 10.06
C VAL A 246 -6.06 -19.58 10.41
N PHE A 247 -6.65 -20.77 10.24
CA PHE A 247 -5.86 -21.99 10.47
C PHE A 247 -4.65 -22.09 9.59
N ILE A 248 -4.77 -21.81 8.31
CA ILE A 248 -3.56 -21.95 7.49
C ILE A 248 -2.50 -20.95 7.94
N GLU A 249 -2.87 -19.70 8.19
CA GLU A 249 -1.86 -18.73 8.61
C GLU A 249 -1.18 -19.14 9.91
N ARG A 250 -1.97 -19.58 10.88
CA ARG A 250 -1.37 -19.92 12.16
C ARG A 250 -0.47 -21.14 12.01
N TYR A 251 -0.87 -22.12 11.19
CA TYR A 251 0.01 -23.28 10.99
C TYR A 251 1.35 -22.89 10.35
N ASN A 252 1.32 -22.10 9.28
CA ASN A 252 2.57 -21.72 8.62
C ASN A 252 3.44 -20.97 9.60
N THR A 253 2.88 -20.00 10.35
CA THR A 253 3.67 -19.19 11.28
C THR A 253 4.32 -20.01 12.37
N TRP A 254 3.55 -20.88 13.01
CA TRP A 254 4.14 -21.70 14.05
C TRP A 254 5.25 -22.59 13.51
N GLU A 255 5.03 -23.22 12.36
CA GLU A 255 6.05 -24.14 11.83
C GLU A 255 7.34 -23.39 11.50
N ILE A 256 7.26 -22.22 10.88
CA ILE A 256 8.49 -21.49 10.55
C ILE A 256 9.23 -21.11 11.84
N CYS A 257 8.52 -20.60 12.85
CA CYS A 257 9.19 -20.20 14.08
C CYS A 257 9.83 -21.38 14.78
N ALA A 258 9.13 -22.52 14.87
CA ALA A 258 9.71 -23.65 15.58
C ALA A 258 10.98 -24.15 14.91
N ARG A 259 10.97 -24.25 13.57
CA ARG A 259 12.17 -24.73 12.90
C ARG A 259 13.33 -23.75 13.01
N ALA A 260 13.05 -22.44 12.95
CA ALA A 260 14.13 -21.46 13.10
C ALA A 260 14.80 -21.54 14.45
N TRP A 261 14.01 -21.73 15.51
CA TRP A 261 14.57 -21.80 16.85
C TRP A 261 15.31 -23.08 17.12
N LEU A 262 15.04 -24.16 16.38
CA LEU A 262 15.95 -25.32 16.43
C LEU A 262 17.23 -25.10 15.63
N GLU A 263 17.17 -24.27 14.60
CA GLU A 263 18.33 -24.02 13.74
C GLU A 263 19.36 -23.16 14.46
N ASP A 264 18.92 -22.08 15.14
CA ASP A 264 19.83 -21.14 15.78
C ASP A 264 19.89 -21.29 17.30
N SER A 265 18.77 -21.21 18.00
CA SER A 265 18.68 -21.53 19.43
C SER A 265 19.34 -20.53 20.38
N ASP A 266 20.10 -19.57 19.86
CA ASP A 266 20.58 -18.47 20.68
C ASP A 266 19.84 -17.18 20.32
N GLY A 267 19.95 -16.75 19.06
CA GLY A 267 19.10 -15.70 18.56
C GLY A 267 18.60 -16.04 17.18
N ALA A 268 17.29 -16.23 17.02
CA ALA A 268 16.64 -16.43 15.73
C ALA A 268 15.70 -15.26 15.56
N ASP A 269 15.62 -14.68 14.37
CA ASP A 269 14.82 -13.48 14.14
C ASP A 269 13.33 -13.76 14.00
N TYR A 270 12.76 -14.44 15.00
CA TYR A 270 11.34 -14.82 14.98
C TYR A 270 10.90 -14.83 16.44
N PRO A 271 9.67 -14.43 16.76
CA PRO A 271 9.26 -14.48 18.16
C PRO A 271 9.29 -15.90 18.68
N PRO A 272 9.61 -16.09 19.96
CA PRO A 272 9.63 -17.46 20.51
C PRO A 272 8.23 -18.05 20.59
N LEU A 273 8.14 -19.36 20.87
CA LEU A 273 6.82 -20.02 20.83
C LEU A 273 5.96 -19.69 22.04
N ASP A 274 6.57 -19.31 23.17
CA ASP A 274 5.79 -18.86 24.34
C ASP A 274 4.95 -17.65 24.00
N VAL A 275 5.58 -16.66 23.36
CA VAL A 275 4.85 -15.45 23.02
C VAL A 275 3.72 -15.77 22.05
N LEU A 276 3.97 -16.59 21.02
CA LEU A 276 2.87 -16.95 20.09
C LEU A 276 1.72 -17.64 20.80
N GLY A 277 2.00 -18.65 21.62
CA GLY A 277 0.89 -19.34 22.26
C GLY A 277 0.05 -18.38 23.07
N GLU A 278 0.71 -17.53 23.86
CA GLU A 278 -0.02 -16.57 24.69
C GLU A 278 -0.83 -15.58 23.85
N LEU A 279 -0.22 -14.96 22.84
CA LEU A 279 -0.99 -13.99 22.08
C LEU A 279 -2.16 -14.63 21.38
N TYR A 280 -1.96 -15.80 20.79
CA TYR A 280 -3.07 -16.42 20.09
C TYR A 280 -4.22 -16.69 21.04
N ASN A 281 -3.97 -17.29 22.20
CA ASN A 281 -5.09 -17.57 23.10
C ASN A 281 -5.77 -16.30 23.60
N GLN A 282 -4.99 -15.31 24.00
CA GLN A 282 -5.61 -14.13 24.57
C GLN A 282 -6.40 -13.32 23.54
N GLY A 283 -5.93 -13.24 22.30
CA GLY A 283 -6.74 -12.55 21.31
C GLY A 283 -8.06 -13.27 21.05
N ASP A 284 -8.03 -14.60 21.01
CA ASP A 284 -9.29 -15.33 20.83
C ASP A 284 -10.28 -14.98 21.94
N GLN A 285 -9.81 -14.97 23.20
CA GLN A 285 -10.72 -14.65 24.31
C GLN A 285 -11.25 -13.22 24.24
N ILE A 286 -10.41 -12.26 23.85
CA ILE A 286 -10.86 -10.87 23.72
C ILE A 286 -12.00 -10.75 22.71
N ILE A 287 -11.85 -11.42 21.58
CA ILE A 287 -12.86 -11.42 20.54
C ILE A 287 -14.15 -12.10 21.00
N ALA A 288 -14.04 -13.19 21.74
CA ALA A 288 -15.27 -13.85 22.19
C ALA A 288 -16.05 -12.96 23.14
N MET A 289 -15.34 -12.35 24.09
CA MET A 289 -15.95 -11.46 25.07
C MET A 289 -16.50 -10.12 24.58
N TYR A 290 -15.75 -9.43 23.71
CA TYR A 290 -16.15 -8.12 23.23
C TYR A 290 -16.77 -8.08 21.84
N LEU A 291 -16.92 -9.24 21.20
CA LEU A 291 -17.47 -9.35 19.85
C LEU A 291 -16.72 -8.51 18.82
N GLU A 292 -17.45 -7.71 18.04
CA GLU A 292 -16.84 -6.88 16.99
C GLU A 292 -15.84 -5.84 17.50
N ASP A 293 -16.13 -5.26 18.66
CA ASP A 293 -15.27 -4.23 19.24
C ASP A 293 -13.86 -4.71 19.55
N GLY A 294 -13.73 -5.94 20.03
CA GLY A 294 -12.44 -6.49 20.38
C GLY A 294 -11.43 -6.03 19.37
N PHE A 295 -11.82 -5.98 18.10
CA PHE A 295 -10.90 -5.50 17.10
C PHE A 295 -10.37 -4.12 17.41
N LYS A 296 -11.07 -3.32 18.22
CA LYS A 296 -10.48 -2.04 18.62
C LYS A 296 -9.24 -2.24 19.46
N LEU A 297 -9.24 -3.25 20.34
CA LEU A 297 -8.06 -3.54 21.14
C LEU A 297 -6.99 -4.25 20.34
N ILE A 298 -7.38 -5.22 19.52
CA ILE A 298 -6.42 -5.98 18.73
C ILE A 298 -5.78 -5.13 17.66
N LYS A 299 -6.44 -4.06 17.25
CA LYS A 299 -5.89 -3.18 16.23
C LYS A 299 -4.61 -2.50 16.71
N HIS A 300 -4.30 -2.57 18.01
CA HIS A 300 -3.17 -1.89 18.60
C HIS A 300 -1.88 -2.68 18.52
N LEU A 301 -1.90 -3.87 17.95
CA LEU A 301 -0.70 -4.69 17.95
C LEU A 301 0.41 -4.03 17.14
N GLU A 302 0.05 -3.42 16.00
CA GLU A 302 1.10 -2.89 15.12
C GLU A 302 1.79 -1.67 15.71
N PRO A 303 1.08 -0.62 16.12
CA PRO A 303 1.79 0.50 16.75
C PRO A 303 2.55 0.12 17.99
N LEU A 304 2.08 -0.85 18.78
CA LEU A 304 2.85 -1.27 19.95
C LEU A 304 4.16 -1.90 19.56
N CYS A 305 4.18 -2.73 18.52
CA CYS A 305 5.45 -3.30 18.06
C CYS A 305 6.40 -2.21 17.60
N VAL A 306 5.89 -1.23 16.86
CA VAL A 306 6.77 -0.15 16.41
C VAL A 306 7.32 0.62 17.59
N SER A 307 6.48 0.89 18.58
CA SER A 307 6.94 1.64 19.73
C SER A 307 7.94 0.89 20.56
N CYS A 308 7.89 -0.45 20.57
CA CYS A 308 8.95 -1.17 21.26
C CYS A 308 10.26 -1.17 20.49
N ILE A 309 10.19 -1.20 19.15
CA ILE A 309 11.43 -1.11 18.36
C ILE A 309 12.09 0.23 18.61
N GLN A 310 11.30 1.29 18.79
CA GLN A 310 11.88 2.63 18.86
C GLN A 310 12.68 2.87 20.12
N THR A 311 12.64 1.98 21.11
CA THR A 311 13.25 2.26 22.41
C THR A 311 14.65 1.68 22.47
N HIS A 312 15.40 1.68 21.35
CA HIS A 312 16.62 0.89 21.31
C HIS A 312 17.93 1.64 21.15
N GLY A 313 17.93 2.88 20.70
CA GLY A 313 19.17 3.59 20.51
C GLY A 313 19.77 4.14 21.80
N ILE A 314 20.57 5.21 21.65
CA ILE A 314 21.12 5.91 22.79
C ILE A 314 20.01 6.60 23.57
N PHE A 315 19.99 6.48 24.89
CA PHE A 315 18.83 6.95 25.65
C PHE A 315 18.61 8.45 25.53
N THR A 316 17.37 8.83 25.26
CA THR A 316 16.83 10.18 25.27
C THR A 316 15.38 10.01 25.69
N PRO A 317 14.88 10.84 26.60
CA PRO A 317 13.52 10.62 27.11
C PRO A 317 12.49 10.50 26.01
N ARG A 318 12.65 11.29 24.95
CA ARG A 318 11.68 11.26 23.86
C ARG A 318 11.55 9.86 23.30
N LYS A 319 12.58 9.02 23.38
CA LYS A 319 12.47 7.69 22.79
C LYS A 319 11.39 6.83 23.44
N TYR A 320 10.90 7.17 24.62
CA TYR A 320 9.82 6.38 25.24
C TYR A 320 8.42 6.99 25.13
N TRP A 321 8.33 8.19 24.55
CA TRP A 321 7.05 8.88 24.44
C TRP A 321 6.01 8.18 23.58
N PHE A 322 6.40 7.64 22.43
CA PHE A 322 5.42 6.97 21.58
C PHE A 322 4.84 5.77 22.29
N GLN A 323 5.68 5.01 22.98
CA GLN A 323 5.20 3.85 23.72
C GLN A 323 4.27 4.30 24.82
N SER A 324 4.60 5.38 25.51
CA SER A 324 3.71 5.86 26.56
C SER A 324 2.36 6.24 25.98
N GLN A 325 2.36 6.93 24.84
CA GLN A 325 1.11 7.35 24.22
C GLN A 325 0.25 6.16 23.83
N MET A 326 0.87 5.13 23.27
CA MET A 326 0.14 3.93 22.87
C MET A 326 -0.49 3.18 24.04
N ILE A 327 0.25 3.06 25.14
CA ILE A 327 -0.27 2.38 26.31
C ILE A 327 -1.48 3.10 26.89
N LYS A 328 -1.39 4.42 26.96
CA LYS A 328 -2.47 5.24 27.48
C LYS A 328 -3.70 5.12 26.59
N SER A 329 -3.47 5.10 25.28
CA SER A 329 -4.53 4.97 24.29
C SER A 329 -5.25 3.63 24.43
N TYR A 330 -4.47 2.58 24.68
CA TYR A 330 -5.02 1.24 24.82
C TYR A 330 -5.99 1.08 25.98
N TYR A 331 -5.66 1.69 27.13
CA TYR A 331 -6.54 1.56 28.28
C TYR A 331 -7.77 2.43 28.14
N ASP A 332 -7.67 3.57 27.46
CA ASP A 332 -8.86 4.39 27.23
C ASP A 332 -9.93 3.58 26.51
N GLU A 333 -9.56 2.90 25.41
CA GLU A 333 -10.50 2.04 24.72
C GLU A 333 -11.12 1.06 25.71
N LEU A 334 -10.27 0.41 26.51
CA LEU A 334 -10.79 -0.57 27.45
C LEU A 334 -11.80 0.06 28.38
N HIS A 335 -11.51 1.26 28.91
CA HIS A 335 -12.44 1.86 29.85
C HIS A 335 -13.80 2.11 29.21
N ASP A 336 -13.85 2.42 27.90
CA ASP A 336 -15.15 2.59 27.25
C ASP A 336 -15.87 1.27 27.14
N LEU A 337 -15.17 0.24 26.66
CA LEU A 337 -15.87 -1.02 26.39
C LEU A 337 -16.44 -1.57 27.69
N ASN A 338 -15.67 -1.50 28.78
CA ASN A 338 -16.15 -2.02 30.05
C ASN A 338 -17.38 -1.29 30.57
N LEU A 339 -17.63 -0.03 30.18
CA LEU A 339 -18.89 0.60 30.59
C LEU A 339 -20.03 0.37 29.64
N LYS A 340 -19.74 0.08 28.40
CA LYS A 340 -20.82 -0.17 27.47
C LYS A 340 -21.43 -1.57 27.68
N LEU A 341 -20.66 -2.53 28.18
CA LEU A 341 -21.15 -3.88 28.47
C LEU A 341 -21.25 -4.16 29.97
N GLN A 342 -20.97 -3.19 30.83
CA GLN A 342 -21.07 -3.38 32.28
C GLN A 342 -20.26 -4.58 32.76
N ILE A 343 -18.99 -4.63 32.34
CA ILE A 343 -18.10 -5.74 32.67
C ILE A 343 -17.36 -5.41 33.97
N SER A 344 -17.35 -6.35 34.91
CA SER A 344 -16.59 -6.23 36.15
C SER A 344 -15.10 -6.28 35.84
N ASP A 345 -14.30 -5.70 36.73
CA ASP A 345 -12.86 -5.64 36.46
C ASP A 345 -12.27 -7.05 36.42
N ASN A 346 -12.76 -7.95 37.28
CA ASN A 346 -12.24 -9.32 37.34
C ASN A 346 -12.60 -10.15 36.12
N LYS A 347 -13.61 -9.73 35.35
CA LYS A 347 -13.98 -10.50 34.17
C LYS A 347 -13.03 -10.25 33.00
N ALA A 348 -12.51 -9.03 32.84
CA ALA A 348 -11.72 -8.67 31.67
C ALA A 348 -10.22 -8.76 31.97
N GLU A 349 -9.76 -9.98 32.24
CA GLU A 349 -8.34 -10.17 32.45
C GLU A 349 -7.60 -10.42 31.16
N CYS A 350 -8.31 -10.91 30.15
CA CYS A 350 -7.67 -11.25 28.89
C CYS A 350 -7.13 -9.99 28.20
N ALA A 351 -7.84 -8.86 28.30
CA ALA A 351 -7.36 -7.65 27.64
C ALA A 351 -6.04 -7.15 28.26
N GLN A 352 -5.98 -7.14 29.61
CA GLN A 352 -4.73 -6.76 30.27
C GLN A 352 -3.61 -7.74 29.97
N ASN A 353 -3.91 -9.02 29.91
CA ASN A 353 -2.85 -9.96 29.56
C ASN A 353 -2.34 -9.73 28.14
N PHE A 354 -3.19 -9.33 27.20
CA PHE A 354 -2.73 -9.08 25.83
C PHE A 354 -1.67 -7.96 25.79
N ILE A 355 -1.99 -6.81 26.37
CA ILE A 355 -1.01 -5.70 26.35
C ILE A 355 0.26 -6.07 27.11
N LYS A 356 0.12 -6.75 28.27
CA LYS A 356 1.31 -7.08 29.05
C LYS A 356 2.22 -8.08 28.34
N THR A 357 1.66 -9.06 27.64
CA THR A 357 2.49 -10.00 26.91
C THR A 357 3.32 -9.29 25.87
N ILE A 358 2.74 -8.32 25.17
CA ILE A 358 3.55 -7.60 24.17
C ILE A 358 4.65 -6.80 24.86
N VAL A 359 4.33 -6.06 25.92
CA VAL A 359 5.33 -5.11 26.43
C VAL A 359 6.43 -5.85 27.19
N GLN A 360 6.05 -6.80 28.04
CA GLN A 360 6.99 -7.43 28.96
C GLN A 360 7.91 -8.44 28.30
N ALA A 361 7.62 -8.88 27.08
CA ALA A 361 8.54 -9.75 26.34
C ALA A 361 9.68 -8.87 25.85
N LYS A 362 10.90 -9.16 26.26
CA LYS A 362 12.01 -8.28 25.90
C LYS A 362 12.70 -8.84 24.66
N LEU A 363 12.11 -8.60 23.49
CA LEU A 363 12.64 -9.14 22.23
C LEU A 363 13.61 -8.15 21.57
N THR A 364 14.33 -8.62 20.54
CA THR A 364 15.22 -7.77 19.76
C THR A 364 14.41 -7.00 18.72
N PRO A 365 14.98 -5.95 18.10
CA PRO A 365 14.21 -5.25 17.07
C PRO A 365 13.76 -6.18 15.94
N GLN A 366 14.57 -7.17 15.58
CA GLN A 366 14.17 -8.07 14.51
C GLN A 366 12.90 -8.88 14.89
N GLN A 367 12.84 -9.39 16.12
CA GLN A 367 11.67 -10.17 16.50
C GLN A 367 10.44 -9.31 16.61
N TYR A 368 10.55 -8.07 17.04
CA TYR A 368 9.37 -7.21 17.02
C TYR A 368 8.93 -6.94 15.60
N CYS A 369 9.87 -6.72 14.68
CA CYS A 369 9.46 -6.45 13.31
C CYS A 369 8.77 -7.64 12.67
N GLU A 370 9.14 -8.86 13.04
CA GLU A 370 8.40 -10.01 12.50
C GLU A 370 7.03 -10.15 13.17
N LEU A 371 6.93 -9.92 14.49
CA LEU A 371 5.64 -10.01 15.20
C LEU A 371 4.63 -8.96 14.74
N PHE A 372 5.10 -7.87 14.17
CA PHE A 372 4.24 -6.86 13.56
C PHE A 372 3.36 -7.45 12.50
N SER A 373 3.73 -8.62 11.98
CA SER A 373 3.08 -9.23 10.82
C SER A 373 1.94 -10.15 11.23
N LEU A 374 1.62 -10.24 12.50
CA LEU A 374 0.54 -11.13 12.90
C LEU A 374 -0.75 -10.36 13.03
N GLN A 375 -0.88 -9.24 12.34
CA GLN A 375 -2.03 -8.38 12.63
C GLN A 375 -3.34 -9.03 12.19
N LYS A 376 -3.36 -9.83 11.14
CA LYS A 376 -4.60 -10.39 10.60
C LYS A 376 -4.85 -11.83 11.01
N HIS A 377 -4.18 -12.31 12.06
CA HIS A 377 -4.30 -13.70 12.47
C HIS A 377 -5.46 -13.96 13.41
N TRP A 378 -6.37 -13.01 13.58
CA TRP A 378 -7.55 -13.24 14.41
C TRP A 378 -8.85 -13.11 13.62
N GLY A 379 -8.78 -12.87 12.32
CA GLY A 379 -9.98 -12.71 11.53
C GLY A 379 -10.28 -11.25 11.35
N HIS A 380 -11.51 -10.96 10.89
CA HIS A 380 -11.99 -9.63 10.55
C HIS A 380 -13.39 -9.38 11.07
N PRO A 381 -13.74 -8.11 11.31
CA PRO A 381 -15.04 -7.79 11.93
C PRO A 381 -16.19 -7.75 10.93
N VAL A 382 -17.40 -7.71 11.49
CA VAL A 382 -18.64 -7.50 10.73
C VAL A 382 -18.85 -6.01 10.52
N LEU A 383 -19.27 -5.63 9.32
CA LEU A 383 -19.39 -4.22 9.00
C LEU A 383 -20.84 -3.82 8.90
N TYR A 384 -21.14 -2.60 9.37
CA TYR A 384 -22.49 -2.04 9.28
C TYR A 384 -22.39 -0.73 8.53
N ASN A 385 -23.23 -0.55 7.52
CA ASN A 385 -23.04 0.62 6.69
C ASN A 385 -23.44 1.92 7.41
N ASP A 386 -24.38 1.87 8.36
CA ASP A 386 -24.70 3.11 9.10
C ASP A 386 -23.56 3.53 10.04
N VAL A 387 -22.96 2.59 10.76
CA VAL A 387 -21.80 2.91 11.61
C VAL A 387 -20.65 3.40 10.74
N ALA A 388 -20.51 2.82 9.56
CA ALA A 388 -19.43 3.23 8.66
C ALA A 388 -19.63 4.63 8.14
N LEU A 389 -20.88 5.01 7.76
CA LEU A 389 -21.08 6.33 7.17
C LEU A 389 -21.33 7.42 8.18
N ASP A 390 -21.59 7.12 9.45
CA ASP A 390 -21.66 8.21 10.42
C ASP A 390 -20.34 8.97 10.49
N LYS A 391 -19.23 8.23 10.55
CA LYS A 391 -17.92 8.87 10.64
C LYS A 391 -17.62 9.70 9.39
N VAL A 392 -17.89 9.15 8.21
CA VAL A 392 -17.62 9.85 6.96
C VAL A 392 -18.47 11.11 6.85
N LYS A 393 -19.76 11.01 7.20
CA LYS A 393 -20.64 12.17 7.12
C LYS A 393 -20.19 13.28 8.05
N LYS A 394 -19.82 12.93 9.29
CA LYS A 394 -19.41 13.96 10.24
C LYS A 394 -18.16 14.68 9.76
N HIS A 395 -17.20 13.94 9.20
CA HIS A 395 -15.95 14.56 8.77
C HIS A 395 -16.11 15.37 7.48
N ALA A 396 -17.04 15.02 6.61
CA ALA A 396 -17.18 15.71 5.32
C ALA A 396 -18.18 16.86 5.34
N GLN A 397 -18.92 17.04 6.43
CA GLN A 397 -19.84 18.18 6.54
C GLN A 397 -19.39 19.21 7.57
N SER A 398 -18.26 19.01 8.24
CA SER A 398 -17.87 19.92 9.32
C SER A 398 -17.40 21.23 8.76
N THR A 399 -17.42 22.28 9.60
CA THR A 399 -16.96 23.60 9.19
C THR A 399 -15.52 23.82 9.63
N LYS A 400 -14.76 24.52 8.81
CA LYS A 400 -13.34 24.73 9.05
C LYS A 400 -13.07 26.22 9.19
N ILE A 401 -12.04 26.53 9.95
CA ILE A 401 -11.53 27.88 10.14
C ILE A 401 -10.18 27.95 9.42
N LEU A 402 -10.07 28.81 8.41
CA LEU A 402 -8.88 28.90 7.55
C LEU A 402 -8.26 30.29 7.66
N LYS A 403 -6.94 30.37 7.44
CA LYS A 403 -6.29 31.67 7.51
C LYS A 403 -5.84 32.08 6.13
N PRO A 404 -6.29 33.22 5.59
CA PRO A 404 -5.88 33.56 4.23
C PRO A 404 -4.39 33.67 4.04
N LYS A 405 -3.62 34.12 5.03
CA LYS A 405 -2.19 34.31 4.79
C LYS A 405 -1.50 33.00 4.50
N VAL A 406 -1.81 31.96 5.26
CA VAL A 406 -1.19 30.65 5.07
C VAL A 406 -1.59 30.08 3.71
N MET A 407 -2.87 30.21 3.34
CA MET A 407 -3.29 29.71 2.03
C MET A 407 -2.62 30.46 0.90
N PHE A 408 -2.53 31.77 1.03
CA PHE A 408 -1.85 32.61 0.05
C PHE A 408 -0.41 32.19 -0.15
N GLU A 409 0.32 31.99 0.95
CA GLU A 409 1.74 31.68 0.82
C GLU A 409 1.95 30.30 0.23
N THR A 410 1.12 29.33 0.60
CA THR A 410 1.32 28.01 -0.02
C THR A 410 0.95 28.03 -1.50
N PHE A 411 -0.02 28.84 -1.92
CA PHE A 411 -0.27 28.95 -3.36
C PHE A 411 0.91 29.56 -4.10
N CYS A 412 1.49 30.63 -3.57
CA CYS A 412 2.65 31.23 -4.23
C CYS A 412 3.81 30.24 -4.32
N VAL A 413 4.02 29.42 -3.28
CA VAL A 413 5.09 28.44 -3.37
C VAL A 413 4.79 27.42 -4.48
N PHE A 414 3.53 27.02 -4.64
CA PHE A 414 3.16 26.15 -5.76
C PHE A 414 3.61 26.72 -7.12
N LYS A 415 3.27 27.98 -7.39
CA LYS A 415 3.67 28.55 -8.67
C LYS A 415 5.19 28.62 -8.80
N PHE A 416 5.89 28.96 -7.72
CA PHE A 416 7.36 29.02 -7.76
C PHE A 416 7.99 27.67 -8.07
N ILE A 417 7.46 26.58 -7.50
CA ILE A 417 8.04 25.27 -7.78
C ILE A 417 7.91 24.94 -9.25
N VAL A 418 6.73 25.22 -9.82
CA VAL A 418 6.55 24.95 -11.26
C VAL A 418 7.55 25.74 -12.09
N ALA A 419 7.70 27.04 -11.80
CA ALA A 419 8.62 27.87 -12.57
C ALA A 419 10.06 27.39 -12.44
N LYS A 420 10.48 27.02 -11.24
CA LYS A 420 11.85 26.57 -11.04
C LYS A 420 12.14 25.27 -11.78
N ASN A 421 11.21 24.31 -11.73
CA ASN A 421 11.45 23.07 -12.49
C ASN A 421 11.53 23.34 -13.99
N HIS A 422 10.67 24.21 -14.51
CA HIS A 422 10.75 24.54 -15.95
C HIS A 422 12.12 25.09 -16.29
N TYR A 423 12.63 26.04 -15.49
CA TYR A 423 13.92 26.65 -15.77
C TYR A 423 15.07 25.65 -15.67
N HIS A 424 15.08 24.82 -14.65
CA HIS A 424 16.23 23.91 -14.60
C HIS A 424 16.11 22.80 -15.63
N SER A 425 14.94 22.62 -16.26
CA SER A 425 14.81 21.64 -17.32
C SER A 425 15.21 22.20 -18.69
N GLN A 426 14.74 23.40 -19.03
CA GLN A 426 14.94 23.97 -20.36
C GLN A 426 15.86 25.18 -20.38
N GLY A 427 16.57 25.45 -19.29
CA GLY A 427 17.58 26.48 -19.29
C GLY A 427 17.07 27.87 -19.56
N SER A 428 15.76 28.09 -19.45
CA SER A 428 15.22 29.42 -19.70
C SER A 428 13.85 29.61 -19.07
N TRP A 429 13.48 30.88 -18.89
CA TRP A 429 12.16 31.22 -18.38
C TRP A 429 11.12 30.88 -19.44
N TYR A 430 9.95 30.40 -19.00
CA TYR A 430 8.80 30.36 -19.88
C TYR A 430 8.32 31.77 -20.24
N LYS A 431 7.46 31.85 -21.26
CA LYS A 431 7.11 33.11 -21.89
C LYS A 431 6.03 33.82 -21.08
N THR A 432 6.42 34.77 -20.24
CA THR A 432 5.48 35.51 -19.41
C THR A 432 4.62 36.45 -20.24
N THR A 433 3.37 36.63 -19.81
CA THR A 433 2.43 37.50 -20.49
C THR A 433 1.80 38.53 -19.56
N HIS A 434 2.30 38.60 -18.34
CA HIS A 434 1.80 39.53 -17.33
C HIS A 434 2.64 40.80 -17.33
N ASP A 435 2.08 41.88 -16.82
CA ASP A 435 2.83 43.13 -16.78
C ASP A 435 4.02 43.00 -15.84
N LEU A 436 5.20 43.36 -16.33
CA LEU A 436 6.44 43.30 -15.58
C LEU A 436 6.52 44.26 -14.39
N HIS A 437 5.85 45.40 -14.51
CA HIS A 437 5.86 46.43 -13.49
C HIS A 437 5.34 45.95 -12.13
N LEU A 438 4.32 45.09 -12.14
CA LEU A 438 3.76 44.59 -10.89
C LEU A 438 4.77 43.83 -10.04
N THR A 439 5.64 43.03 -10.66
CA THR A 439 6.65 42.29 -9.89
C THR A 439 8.07 42.74 -10.22
N PRO A 440 8.64 43.63 -9.38
CA PRO A 440 9.99 44.17 -9.54
C PRO A 440 11.19 43.21 -9.35
N TYR A 441 11.16 42.36 -8.32
CA TYR A 441 12.29 41.45 -8.06
C TYR A 441 12.49 40.43 -9.17
N LEU A 442 11.38 39.88 -9.64
CA LEU A 442 11.31 38.92 -10.72
C LEU A 442 11.57 39.59 -12.08
N ARG A 443 11.26 40.88 -12.26
CA ARG A 443 11.53 41.49 -13.57
C ARG A 443 13.02 41.49 -13.90
N GLN A 444 13.89 41.97 -13.00
CA GLN A 444 15.30 41.95 -13.41
C GLN A 444 15.93 40.53 -13.36
N HIS A 445 15.28 39.56 -12.73
CA HIS A 445 15.75 38.21 -13.10
C HIS A 445 15.23 37.75 -14.45
N ILE A 446 14.04 38.17 -14.90
CA ILE A 446 13.56 37.71 -16.22
C ILE A 446 14.34 38.34 -17.35
N VAL A 447 14.59 39.65 -17.27
CA VAL A 447 15.28 40.34 -18.36
C VAL A 447 16.70 39.79 -18.56
N SER A 448 17.38 39.40 -17.49
CA SER A 448 18.73 38.86 -17.56
C SER A 448 18.77 37.34 -17.67
N ASN A 449 17.61 36.70 -17.75
CA ASN A 449 17.51 35.24 -17.90
C ASN A 449 18.27 34.46 -16.82
N SER A 450 18.11 34.88 -15.56
CA SER A 450 18.70 34.16 -14.43
C SER A 450 17.63 33.85 -13.39
N PHE A 451 17.87 32.81 -12.60
CA PHE A 451 16.86 32.41 -11.66
C PHE A 451 17.29 32.68 -10.24
N PRO A 452 16.40 33.25 -9.41
CA PRO A 452 16.76 33.60 -8.03
C PRO A 452 17.06 32.38 -7.18
N SER A 453 17.93 32.57 -6.19
CA SER A 453 18.39 31.53 -5.32
C SER A 453 17.37 31.15 -4.26
N GLN A 454 17.59 29.99 -3.64
CA GLN A 454 16.64 29.48 -2.66
C GLN A 454 16.55 30.38 -1.44
N ALA A 455 17.67 31.00 -1.08
CA ALA A 455 17.72 31.88 0.10
C ALA A 455 16.86 33.15 0.01
N GLU A 456 16.83 33.78 -1.15
CA GLU A 456 16.09 35.04 -1.32
C GLU A 456 14.63 34.92 -1.78
N ILE A 457 14.16 33.70 -1.99
CA ILE A 457 12.79 33.48 -2.44
C ILE A 457 11.69 33.92 -1.48
N TYR A 458 11.87 33.69 -0.19
CA TYR A 458 10.87 34.02 0.82
C TYR A 458 10.53 35.49 0.99
N GLN A 459 11.53 36.36 0.90
CA GLN A 459 11.32 37.79 1.07
C GLN A 459 10.39 38.40 0.02
N HIS A 460 10.52 37.93 -1.22
CA HIS A 460 9.74 38.42 -2.35
C HIS A 460 8.75 37.38 -2.85
N LEU A 461 8.26 36.54 -1.93
CA LEU A 461 7.34 35.46 -2.26
C LEU A 461 6.01 35.88 -2.89
N TRP A 462 5.46 37.02 -2.47
CA TRP A 462 4.17 37.48 -2.99
C TRP A 462 4.15 37.73 -4.50
N GLU A 463 5.24 38.23 -5.05
CA GLU A 463 5.30 38.56 -6.47
C GLU A 463 4.88 37.41 -7.36
N TRP A 464 4.90 36.18 -6.87
CA TRP A 464 4.49 35.07 -7.70
C TRP A 464 2.98 35.00 -7.93
N TYR A 465 2.19 35.80 -7.23
CA TYR A 465 0.75 35.74 -7.49
C TYR A 465 0.40 36.29 -8.85
N PHE A 466 1.15 37.30 -9.32
CA PHE A 466 0.83 37.99 -10.56
C PHE A 466 1.40 37.31 -11.79
N VAL A 467 2.27 36.32 -11.62
CA VAL A 467 2.95 35.77 -12.79
C VAL A 467 1.92 35.00 -13.60
N GLU A 468 1.78 35.34 -14.89
CA GLU A 468 0.98 34.59 -15.85
C GLU A 468 1.84 34.27 -17.05
N HIS A 469 1.50 33.22 -17.77
CA HIS A 469 2.36 32.81 -18.86
C HIS A 469 1.54 32.03 -19.89
N GLU A 470 2.24 31.52 -20.89
CA GLU A 470 1.68 30.70 -21.97
C GLU A 470 1.41 29.27 -21.49
N PRO A 471 0.46 28.57 -22.13
CA PRO A 471 0.17 27.20 -21.72
C PRO A 471 1.37 26.31 -21.91
N LEU A 472 1.46 25.30 -21.08
CA LEU A 472 2.46 24.25 -21.12
C LEU A 472 1.68 22.95 -21.38
N PHE A 473 2.38 21.83 -21.46
CA PHE A 473 1.71 20.52 -21.39
C PHE A 473 0.47 20.38 -22.29
N SER A 474 0.65 20.36 -23.61
CA SER A 474 -0.49 20.19 -24.51
C SER A 474 -1.34 18.98 -24.08
N THR A 475 -2.65 19.04 -24.37
CA THR A 475 -3.63 18.12 -23.81
C THR A 475 -3.96 16.95 -24.71
N LYS A 476 -3.84 17.12 -26.02
CA LYS A 476 -4.33 16.14 -26.96
C LYS A 476 -3.50 14.85 -26.99
N ILE A 477 -2.44 14.75 -26.18
CA ILE A 477 -1.65 13.53 -26.10
C ILE A 477 -1.51 13.11 -24.64
N ILE A 478 -1.83 11.85 -24.35
CA ILE A 478 -1.43 11.18 -23.12
C ILE A 478 -0.59 9.97 -23.50
N SER A 479 0.33 9.61 -22.60
CA SER A 479 1.32 8.59 -22.93
C SER A 479 0.71 7.21 -23.12
N ASP A 480 -0.09 6.75 -22.15
CA ASP A 480 -0.50 5.35 -22.14
C ASP A 480 -1.68 5.09 -23.07
N LEU A 481 -2.83 5.72 -22.78
CA LEU A 481 -4.11 5.56 -23.47
C LEU A 481 -4.69 4.15 -23.32
N SER A 482 -4.09 3.28 -22.50
CA SER A 482 -4.63 1.95 -22.21
C SER A 482 -5.16 1.83 -20.77
N ILE A 483 -5.39 2.96 -20.11
CA ILE A 483 -5.94 2.99 -18.75
C ILE A 483 -7.46 2.91 -18.76
N PHE A 484 -8.09 3.24 -19.91
CA PHE A 484 -9.53 3.19 -20.07
C PHE A 484 -10.02 1.79 -20.28
N ILE A 485 -9.20 0.96 -20.92
CA ILE A 485 -9.58 -0.41 -21.22
C ILE A 485 -9.62 -1.22 -19.95
N LYS A 486 -8.82 -0.85 -18.95
CA LYS A 486 -8.66 -1.67 -17.76
C LYS A 486 -9.96 -1.77 -16.97
N ASP A 487 -10.04 -2.81 -16.17
CA ASP A 487 -11.25 -3.08 -15.40
C ASP A 487 -11.41 -2.06 -14.28
N ARG A 488 -12.66 -1.67 -14.04
CA ARG A 488 -13.05 -0.74 -12.99
C ARG A 488 -14.51 -0.96 -12.59
N ALA A 489 -14.88 -0.56 -11.38
CA ALA A 489 -16.25 -0.68 -10.91
C ALA A 489 -16.93 0.68 -11.04
N THR A 490 -18.16 0.69 -11.58
CA THR A 490 -18.89 1.92 -11.83
C THR A 490 -20.26 1.85 -11.18
N ALA A 491 -20.91 3.00 -11.03
CA ALA A 491 -22.26 3.10 -10.53
C ALA A 491 -23.25 3.19 -11.69
N VAL A 492 -24.53 3.07 -11.37
CA VAL A 492 -25.56 3.16 -12.38
C VAL A 492 -26.04 4.62 -12.51
N ASN A 493 -26.70 4.92 -13.63
CA ASN A 493 -27.22 6.26 -13.86
C ASN A 493 -28.37 6.57 -12.92
N GLN A 494 -28.63 7.86 -12.69
CA GLN A 494 -29.59 8.27 -11.67
C GLN A 494 -31.04 7.91 -11.95
N GLU A 495 -31.44 7.67 -13.20
CA GLU A 495 -32.83 7.25 -13.44
C GLU A 495 -33.12 5.94 -12.74
N CYS A 496 -32.16 5.02 -12.76
CA CYS A 496 -32.26 3.72 -12.14
C CYS A 496 -31.14 3.60 -11.10
N TRP A 497 -31.37 4.17 -9.93
CA TRP A 497 -30.43 4.04 -8.83
C TRP A 497 -30.92 3.08 -7.78
N ASP A 498 -32.22 2.76 -7.78
CA ASP A 498 -32.77 1.75 -6.91
C ASP A 498 -32.45 0.35 -7.37
N SER A 499 -32.08 0.15 -8.63
CA SER A 499 -32.02 -1.19 -9.18
C SER A 499 -30.94 -2.07 -8.54
N VAL A 500 -30.04 -1.49 -7.75
CA VAL A 500 -28.98 -2.24 -7.10
C VAL A 500 -29.42 -2.90 -5.80
N PHE A 501 -30.71 -2.82 -5.46
CA PHE A 501 -31.23 -3.37 -4.20
C PHE A 501 -32.23 -4.47 -4.50
N ASP A 502 -32.64 -5.20 -3.45
CA ASP A 502 -33.61 -6.27 -3.63
C ASP A 502 -35.03 -5.74 -3.64
N ARG A 503 -35.85 -6.29 -4.53
CA ARG A 503 -37.22 -5.80 -4.68
C ARG A 503 -38.05 -6.08 -3.42
N SER A 504 -37.84 -7.21 -2.77
CA SER A 504 -38.66 -7.57 -1.61
C SER A 504 -38.25 -6.78 -0.37
N VAL A 505 -36.95 -6.50 -0.18
CA VAL A 505 -36.51 -5.66 0.94
C VAL A 505 -36.94 -4.22 0.74
N LEU A 506 -36.86 -3.71 -0.49
CA LEU A 506 -37.26 -2.33 -0.78
C LEU A 506 -38.72 -2.09 -0.45
N GLY A 507 -39.60 -3.00 -0.89
CA GLY A 507 -41.03 -2.86 -0.71
C GLY A 507 -41.78 -2.38 -1.92
N TYR A 508 -41.10 -2.10 -3.03
CA TYR A 508 -41.75 -1.67 -4.25
C TYR A 508 -40.88 -2.09 -5.42
N ASN A 509 -41.44 -2.05 -6.61
CA ASN A 509 -40.69 -2.40 -7.80
C ASN A 509 -40.22 -1.12 -8.48
N PRO A 510 -38.90 -0.95 -8.62
CA PRO A 510 -38.41 0.28 -9.25
C PRO A 510 -38.91 0.36 -10.68
N PRO A 511 -39.31 1.56 -11.12
CA PRO A 511 -39.84 1.80 -12.47
C PRO A 511 -38.81 1.49 -13.55
N VAL A 512 -37.56 1.84 -13.31
CA VAL A 512 -36.51 1.61 -14.29
C VAL A 512 -35.47 0.60 -13.81
N ARG A 513 -35.15 -0.36 -14.67
CA ARG A 513 -34.17 -1.38 -14.37
C ARG A 513 -33.01 -1.28 -15.36
N PHE A 514 -31.79 -1.30 -14.82
CA PHE A 514 -30.52 -1.16 -15.56
C PHE A 514 -29.88 -2.40 -16.19
N SER A 516 -26.42 -2.99 -17.54
CA SER A 516 -25.05 -3.43 -17.19
C SER A 516 -24.20 -2.40 -16.42
N LYS A 517 -23.19 -2.88 -15.70
CA LYS A 517 -22.31 -1.98 -14.92
C LYS A 517 -20.77 -1.99 -15.08
N ARG A 518 -20.16 -3.09 -15.50
CA ARG A 518 -18.68 -3.17 -15.60
C ARG A 518 -17.94 -2.35 -16.67
N VAL A 519 -16.75 -1.82 -16.34
CA VAL A 519 -15.98 -1.01 -17.29
C VAL A 519 -15.49 -1.72 -18.56
N PRO A 520 -14.87 -2.92 -18.43
CA PRO A 520 -14.55 -3.64 -19.68
C PRO A 520 -15.76 -3.92 -20.60
N GLU A 521 -16.95 -4.14 -20.05
CA GLU A 521 -18.15 -4.36 -20.86
C GLU A 521 -18.78 -3.07 -21.38
N GLN A 522 -18.45 -1.91 -20.80
CA GLN A 522 -18.99 -0.63 -21.22
C GLN A 522 -18.04 0.18 -22.08
N PHE A 523 -16.74 -0.10 -22.00
CA PHE A 523 -15.80 0.48 -22.96
C PHE A 523 -16.01 -0.11 -24.34
N LEU A 524 -16.32 -1.40 -24.42
CA LEU A 524 -16.62 -2.03 -25.70
C LEU A 524 -17.99 -1.62 -26.24
N GLY A 525 -18.91 -1.19 -25.40
CA GLY A 525 -20.23 -0.79 -25.85
C GLY A 525 -20.31 0.62 -26.38
N GLN A 526 -19.40 1.49 -25.98
CA GLN A 526 -19.43 2.88 -26.41
C GLN A 526 -19.00 3.01 -27.87
N ALA A 527 -19.87 3.60 -28.69
CA ALA A 527 -19.70 3.55 -30.14
C ALA A 527 -18.60 4.48 -30.67
N ASP A 528 -18.31 5.58 -29.98
CA ASP A 528 -17.40 6.59 -30.54
C ASP A 528 -16.07 6.71 -29.80
N PHE A 529 -16.06 7.04 -28.50
CA PHE A 529 -14.83 7.14 -27.71
C PHE A 529 -13.70 7.90 -28.43
N SER A 530 -13.89 9.18 -28.61
CA SER A 530 -12.72 9.99 -28.94
C SER A 530 -12.04 10.41 -27.64
N LEU A 531 -10.86 10.99 -27.73
CA LEU A 531 -10.28 11.54 -26.52
C LEU A 531 -10.63 13.03 -26.41
N ASN A 532 -10.66 13.70 -27.55
CA ASN A 532 -11.20 15.04 -27.62
C ASN A 532 -12.68 15.10 -27.24
N GLN A 533 -13.43 14.02 -27.41
CA GLN A 533 -14.84 14.13 -27.01
C GLN A 533 -15.00 14.07 -25.51
N ILE A 534 -14.16 13.31 -24.79
CA ILE A 534 -14.16 13.44 -23.32
C ILE A 534 -13.79 14.84 -22.89
N LEU A 535 -12.77 15.43 -23.52
CA LEU A 535 -12.44 16.79 -23.14
C LEU A 535 -13.61 17.71 -23.34
N GLU A 536 -14.30 17.58 -24.46
CA GLU A 536 -15.43 18.45 -24.73
C GLU A 536 -16.56 18.24 -23.71
N PHE A 537 -16.73 17.00 -23.26
CA PHE A 537 -17.76 16.67 -22.30
C PHE A 537 -17.52 17.44 -21.00
N ALA A 538 -16.27 17.47 -20.54
CA ALA A 538 -15.89 18.20 -19.34
C ALA A 538 -15.99 19.73 -19.46
N GLU A 539 -15.54 20.24 -20.61
CA GLU A 539 -15.54 21.68 -20.88
C GLU A 539 -16.92 22.32 -20.93
N LYS A 540 -17.88 21.59 -21.50
CA LYS A 540 -19.25 22.08 -21.65
C LYS A 540 -20.12 21.84 -20.43
N LEU A 541 -19.56 21.19 -19.41
CA LEU A 541 -20.25 20.85 -18.16
C LEU A 541 -21.50 20.00 -18.41
N GLU A 542 -21.36 19.05 -19.33
CA GLU A 542 -22.42 18.13 -19.72
C GLU A 542 -22.86 17.24 -18.58
N TYR A 543 -21.93 16.86 -17.71
CA TYR A 543 -22.24 15.99 -16.59
C TYR A 543 -23.29 16.58 -15.64
N LEU A 544 -23.29 17.89 -15.44
CA LEU A 544 -24.28 18.44 -14.53
C LEU A 544 -25.71 18.13 -14.95
N ALA A 545 -25.90 17.35 -16.02
CA ALA A 545 -27.25 16.92 -16.40
C ALA A 545 -27.79 15.99 -15.32
N PRO A 546 -29.11 15.89 -15.18
CA PRO A 546 -29.67 15.10 -14.07
C PRO A 546 -29.33 13.63 -14.15
N SER A 547 -28.94 13.13 -15.31
CA SER A 547 -28.68 11.71 -15.45
C SER A 547 -27.39 11.27 -14.78
N TYR A 548 -26.43 12.17 -14.56
CA TYR A 548 -25.11 11.78 -14.08
C TYR A 548 -24.88 12.24 -12.64
N ARG A 549 -25.91 12.29 -11.83
CA ARG A 549 -25.77 12.82 -10.46
C ARG A 549 -25.98 11.71 -9.45
N ASN A 550 -25.36 10.56 -9.68
CA ASN A 550 -25.39 9.42 -8.78
C ASN A 550 -23.98 9.06 -8.36
N PHE A 551 -23.80 8.76 -7.09
CA PHE A 551 -22.51 8.35 -6.57
C PHE A 551 -22.78 7.31 -5.49
N SER A 552 -22.02 6.21 -5.45
CA SER A 552 -22.27 5.20 -4.42
C SER A 552 -20.97 4.65 -3.86
N PHE A 553 -20.97 4.32 -2.57
CA PHE A 553 -19.82 3.80 -1.84
C PHE A 553 -19.77 2.28 -1.86
N SER A 554 -18.62 1.74 -1.51
CA SER A 554 -18.53 0.32 -1.20
C SER A 554 -17.40 0.09 -0.23
N LEU A 555 -17.51 -0.95 0.61
CA LEU A 555 -16.59 -1.15 1.73
C LEU A 555 -15.39 -2.05 1.38
N LYS A 556 -14.30 -1.90 2.15
CA LYS A 556 -13.05 -2.61 1.82
C LYS A 556 -12.91 -3.95 2.55
N GLU A 557 -11.98 -4.77 2.03
CA GLU A 557 -12.02 -6.20 2.29
C GLU A 557 -11.43 -6.61 3.63
N LYS A 558 -10.14 -6.40 3.83
CA LYS A 558 -9.50 -7.08 4.94
C LYS A 558 -8.83 -6.02 5.79
N GLU A 559 -9.58 -5.43 6.72
CA GLU A 559 -9.04 -4.42 7.62
C GLU A 559 -9.65 -4.62 8.99
N LEU A 560 -9.22 -3.81 9.97
CA LEU A 560 -9.73 -3.99 11.33
C LEU A 560 -10.48 -2.77 11.85
N ASN A 561 -10.87 -1.84 11.00
CA ASN A 561 -11.58 -0.66 11.45
C ASN A 561 -13.07 -0.82 11.23
N ILE A 562 -13.84 0.21 11.55
CA ILE A 562 -15.30 0.13 11.41
C ILE A 562 -15.77 0.17 9.96
N GLY A 563 -14.88 0.42 9.01
CA GLY A 563 -15.20 0.38 7.60
C GLY A 563 -14.65 1.58 6.86
N ARG A 564 -13.84 1.30 5.85
CA ARG A 564 -13.31 2.30 4.93
C ARG A 564 -13.96 2.11 3.58
N THR A 565 -14.30 3.22 2.95
CA THR A 565 -15.09 3.26 1.75
C THR A 565 -14.23 3.65 0.56
N PHE A 566 -14.50 3.05 -0.59
CA PHE A 566 -14.02 3.60 -1.85
C PHE A 566 -15.23 3.88 -2.73
N GLY A 567 -15.14 4.93 -3.53
CA GLY A 567 -16.29 5.45 -4.24
C GLY A 567 -16.39 4.97 -5.68
N LYS A 568 -17.63 5.01 -6.20
CA LYS A 568 -17.92 4.58 -7.55
C LYS A 568 -18.79 5.62 -8.24
N LEU A 569 -18.39 6.00 -9.46
CA LEU A 569 -18.98 7.03 -10.30
C LEU A 569 -19.66 6.42 -11.52
N PRO A 570 -20.57 7.15 -12.17
CA PRO A 570 -21.11 6.67 -13.46
C PRO A 570 -20.02 6.50 -14.50
N TYR A 571 -20.35 5.86 -15.63
CA TYR A 571 -19.29 5.48 -16.55
C TYR A 571 -18.60 6.69 -17.16
N ARG A 572 -19.37 7.67 -17.61
CA ARG A 572 -18.75 8.77 -18.33
C ARG A 572 -18.02 9.73 -17.38
N VAL A 573 -18.55 9.91 -16.18
CA VAL A 573 -17.79 10.67 -15.19
C VAL A 573 -16.48 9.92 -14.83
N ARG A 574 -16.50 8.60 -14.82
CA ARG A 574 -15.24 7.88 -14.58
C ARG A 574 -14.22 8.15 -15.68
N ASN A 575 -14.68 8.26 -16.92
CA ASN A 575 -13.75 8.63 -17.98
C ASN A 575 -13.14 10.01 -17.74
N VAL A 576 -13.96 10.98 -17.30
CA VAL A 576 -13.44 12.32 -17.01
C VAL A 576 -12.39 12.27 -15.91
N GLN A 577 -12.66 11.53 -14.84
CA GLN A 577 -11.67 11.42 -13.78
C GLN A 577 -10.37 10.79 -14.26
N THR A 578 -10.47 9.71 -15.04
CA THR A 578 -9.27 9.03 -15.53
C THR A 578 -8.45 9.93 -16.44
N LEU A 579 -9.09 10.64 -17.35
CA LEU A 579 -8.32 11.52 -18.21
C LEU A 579 -7.62 12.61 -17.41
N ALA A 580 -8.30 13.21 -16.43
CA ALA A 580 -7.66 14.27 -15.65
C ALA A 580 -6.45 13.74 -14.88
N GLU A 581 -6.57 12.57 -14.24
CA GLU A 581 -5.43 12.06 -13.49
C GLU A 581 -4.26 11.72 -14.40
N ALA A 582 -4.52 11.14 -15.58
CA ALA A 582 -3.43 10.83 -16.51
C ALA A 582 -2.73 12.08 -17.02
N LEU A 583 -3.51 13.11 -17.40
CA LEU A 583 -2.91 14.36 -17.86
C LEU A 583 -2.01 14.96 -16.80
N LEU A 584 -2.48 14.96 -15.55
CA LEU A 584 -1.71 15.52 -14.46
C LEU A 584 -0.46 14.69 -14.19
N ALA A 585 -0.58 13.36 -14.21
CA ALA A 585 0.57 12.52 -13.89
C ALA A 585 1.66 12.63 -14.95
N ASP A 586 1.29 12.94 -16.18
CA ASP A 586 2.33 13.07 -17.19
C ASP A 586 2.95 14.46 -17.18
N GLY A 587 2.12 15.50 -17.20
CA GLY A 587 2.67 16.84 -17.34
C GLY A 587 3.20 17.53 -16.11
N LEU A 588 2.34 17.79 -15.15
CA LEU A 588 2.65 18.72 -14.07
C LEU A 588 3.00 18.04 -12.76
N ALA A 589 2.58 16.80 -12.54
CA ALA A 589 2.96 16.16 -11.29
C ALA A 589 4.45 15.83 -11.28
N LYS A 590 5.13 15.99 -12.43
CA LYS A 590 6.55 15.72 -12.53
C LYS A 590 7.42 16.78 -11.85
N ALA A 591 6.87 17.95 -11.60
CA ALA A 591 7.65 19.02 -11.00
C ALA A 591 7.76 18.89 -9.49
N PHE A 592 7.06 17.91 -8.91
CA PHE A 592 6.99 17.73 -7.47
C PHE A 592 7.59 16.40 -7.07
N PRO A 593 8.76 16.40 -6.43
CA PRO A 593 9.37 15.13 -6.01
C PRO A 593 8.74 14.65 -4.71
N SER A 594 7.95 13.57 -4.79
CA SER A 594 7.28 13.02 -3.62
C SER A 594 7.99 11.77 -3.09
N ASN A 595 9.12 11.37 -3.69
CA ASN A 595 9.89 10.21 -3.26
C ASN A 595 11.37 10.53 -3.29
N MET A 596 11.73 11.76 -2.94
CA MET A 596 13.12 12.19 -3.04
C MET A 596 13.99 11.55 -1.98
N MET A 597 13.41 10.90 -1.00
CA MET A 597 14.20 10.42 0.11
C MET A 597 15.00 9.19 -0.27
N VAL A 598 16.18 9.07 0.36
CA VAL A 598 16.89 7.81 0.51
C VAL A 598 17.30 7.81 1.99
N VAL A 599 17.55 6.61 2.54
CA VAL A 599 17.96 6.47 3.95
C VAL A 599 19.31 7.12 4.20
N THR A 600 19.34 8.08 5.14
CA THR A 600 20.52 8.95 5.28
C THR A 600 21.75 8.23 5.85
N GLU A 601 21.58 7.20 6.68
CA GLU A 601 22.74 6.50 7.21
C GLU A 601 23.48 5.73 6.14
N ARG A 602 22.82 5.47 5.01
CA ARG A 602 23.41 4.75 3.88
C ARG A 602 23.88 5.68 2.76
N GLU A 603 23.92 6.99 3.00
CA GLU A 603 24.30 7.94 1.97
C GLU A 603 25.72 8.44 2.23
N GLN A 604 26.44 8.75 1.15
CA GLN A 604 27.82 9.21 1.21
C GLN A 604 27.93 10.57 1.93
N LYS A 605 29.06 10.77 2.63
CA LYS A 605 29.21 11.97 3.47
C LYS A 605 29.22 13.26 2.62
N GLU A 606 29.89 13.24 1.45
CA GLU A 606 29.93 14.43 0.60
C GLU A 606 28.55 14.83 0.11
N ALA A 607 27.73 13.84 -0.29
CA ALA A 607 26.37 14.14 -0.73
C ALA A 607 25.54 14.73 0.41
N LEU A 608 25.68 14.20 1.63
CA LEU A 608 24.95 14.78 2.77
C LEU A 608 25.37 16.22 3.06
N LEU A 609 26.68 16.50 3.07
CA LEU A 609 27.12 17.87 3.34
C LEU A 609 26.60 18.81 2.27
N HIS A 610 26.64 18.39 1.00
CA HIS A 610 26.14 19.28 -0.05
C HIS A 610 24.64 19.46 0.05
N GLN A 611 23.88 18.41 0.42
CA GLN A 611 22.43 18.54 0.42
C GLN A 611 21.90 19.30 1.62
N ALA A 612 22.56 19.18 2.78
CA ALA A 612 22.06 19.72 4.04
C ALA A 612 22.54 21.15 4.30
N SER A 613 23.27 21.74 3.36
CA SER A 613 23.80 23.08 3.49
C SER A 613 22.79 24.06 2.90
N TRP A 614 22.37 25.04 3.72
CA TRP A 614 21.29 25.91 3.31
C TRP A 614 21.68 26.75 2.08
N HIS A 615 22.90 27.27 2.06
CA HIS A 615 23.26 28.15 0.95
C HIS A 615 23.94 27.38 -0.20
N HIS A 616 25.13 26.81 0.05
CA HIS A 616 25.91 26.07 -0.96
C HIS A 616 26.99 25.19 -0.33
N GLU A 623 35.83 19.70 5.14
CA GLU A 623 34.62 20.50 5.28
C GLU A 623 34.30 20.78 6.73
N ASN A 624 34.84 19.93 7.61
CA ASN A 624 34.71 20.02 9.07
C ASN A 624 33.28 20.16 9.62
N ALA A 625 32.36 19.41 9.05
CA ALA A 625 30.96 19.44 9.48
C ALA A 625 30.40 18.03 9.64
N ILE A 626 29.47 17.88 10.57
CA ILE A 626 28.83 16.60 10.83
C ILE A 626 27.33 16.71 10.61
N VAL A 627 26.75 15.74 9.90
CA VAL A 627 25.32 15.77 9.62
C VAL A 627 24.57 14.66 10.35
N ARG A 628 23.50 15.04 11.05
CA ARG A 628 22.66 14.10 11.79
C ARG A 628 21.21 14.38 11.42
N GLY A 629 20.48 13.34 11.08
CA GLY A 629 19.08 13.50 10.67
C GLY A 629 18.07 13.01 11.70
N ALA A 630 16.83 13.48 11.62
CA ALA A 630 15.79 12.95 12.49
C ALA A 630 14.47 13.08 11.76
N SER A 631 13.59 12.12 11.94
CA SER A 631 12.42 12.01 11.10
C SER A 631 11.14 11.93 11.89
N PHE A 632 10.04 12.28 11.23
CA PHE A 632 8.74 12.03 11.84
C PHE A 632 7.78 11.59 10.74
N VAL A 633 6.67 10.97 11.16
CA VAL A 633 5.75 10.33 10.24
C VAL A 633 4.35 10.89 10.40
N THR A 634 3.71 11.23 9.27
CA THR A 634 2.34 11.71 9.25
C THR A 634 1.50 10.79 8.38
N ASP A 635 0.20 10.86 8.57
CA ASP A 635 -0.76 10.01 7.89
C ASP A 635 -1.47 10.83 6.82
N LEU A 636 -1.49 10.33 5.57
CA LEU A 636 -2.17 11.00 4.47
C LEU A 636 -3.60 10.52 4.27
N GLU A 637 -4.03 9.50 4.99
CA GLU A 637 -5.37 8.99 4.77
C GLU A 637 -6.41 10.00 5.20
N LYS A 638 -6.16 10.72 6.30
CA LYS A 638 -7.16 11.62 6.82
C LYS A 638 -7.20 12.95 6.07
N TYR A 639 -6.44 13.11 4.99
CA TYR A 639 -6.48 14.35 4.24
C TYR A 639 -7.72 14.49 3.38
N ASN A 640 -8.23 13.38 2.82
CA ASN A 640 -9.19 13.44 1.73
C ASN A 640 -10.46 14.17 2.13
N LEU A 641 -11.02 13.85 3.28
CA LEU A 641 -12.30 14.48 3.63
C LEU A 641 -12.16 15.92 4.11
N ALA A 642 -10.94 16.38 4.36
CA ALA A 642 -10.75 17.70 4.94
C ALA A 642 -10.55 18.80 3.92
N PHE A 643 -10.52 18.49 2.63
CA PHE A 643 -10.29 19.51 1.63
C PHE A 643 -11.58 20.27 1.36
N ARG A 644 -11.50 21.60 1.32
CA ARG A 644 -12.65 22.45 1.05
C ARG A 644 -12.40 23.28 -0.19
N TYR A 645 -13.48 23.73 -0.85
CA TYR A 645 -13.28 24.48 -2.10
C TYR A 645 -12.57 25.81 -1.85
N GLU A 646 -12.86 26.48 -0.74
CA GLU A 646 -12.20 27.76 -0.47
C GLU A 646 -10.70 27.64 -0.49
N PHE A 647 -10.18 26.46 -0.16
CA PHE A 647 -8.74 26.28 -0.17
C PHE A 647 -8.23 25.95 -1.57
N THR A 648 -8.90 25.07 -2.31
CA THR A 648 -8.37 24.48 -3.53
C THR A 648 -8.80 25.18 -4.81
N ARG A 649 -9.63 26.23 -4.75
CA ARG A 649 -10.01 26.95 -5.96
C ARG A 649 -8.80 27.34 -6.78
N HIS A 650 -7.82 27.95 -6.12
CA HIS A 650 -6.70 28.56 -6.83
C HIS A 650 -5.79 27.54 -7.45
N PHE A 651 -5.52 26.43 -6.76
CA PHE A 651 -4.69 25.40 -7.37
C PHE A 651 -5.38 24.83 -8.60
N ILE A 652 -6.69 24.60 -8.49
CA ILE A 652 -7.42 24.07 -9.65
C ILE A 652 -7.41 25.07 -10.81
N ASP A 653 -7.63 26.36 -10.55
CA ASP A 653 -7.64 27.33 -11.64
C ASP A 653 -6.29 27.44 -12.33
N TYR A 654 -5.21 27.45 -11.56
CA TYR A 654 -3.90 27.52 -12.16
C TYR A 654 -3.62 26.28 -13.00
N CYS A 655 -4.04 25.09 -12.56
CA CYS A 655 -3.88 23.91 -13.42
C CYS A 655 -4.66 24.06 -14.74
N ASN A 656 -5.89 24.57 -14.66
CA ASN A 656 -6.66 24.77 -15.88
C ASN A 656 -5.89 25.66 -16.86
N ARG A 657 -5.33 26.76 -16.36
CA ARG A 657 -4.55 27.65 -17.23
C ARG A 657 -3.30 26.96 -17.78
N CYS A 658 -2.62 26.18 -16.96
CA CYS A 658 -1.40 25.55 -17.41
C CYS A 658 -1.66 24.61 -18.56
N TYR A 659 -2.86 24.00 -18.63
CA TYR A 659 -3.18 23.11 -19.74
C TYR A 659 -4.00 23.77 -20.85
N GLY A 660 -4.32 25.05 -20.73
CA GLY A 660 -5.11 25.75 -21.72
C GLY A 660 -6.60 25.48 -21.66
N VAL A 661 -7.00 24.35 -21.08
CA VAL A 661 -8.39 23.94 -20.96
C VAL A 661 -9.09 24.81 -19.92
N LYS A 662 -10.39 24.67 -19.83
CA LYS A 662 -11.19 25.42 -18.86
C LYS A 662 -12.22 24.45 -18.27
N ASN A 663 -12.45 24.55 -16.95
CA ASN A 663 -13.40 23.69 -16.22
C ASN A 663 -13.01 22.22 -16.17
N LEU A 664 -11.83 21.81 -16.60
CA LEU A 664 -11.55 20.37 -16.60
C LEU A 664 -11.33 19.80 -15.19
N PHE A 665 -10.53 20.48 -14.35
CA PHE A 665 -10.14 19.95 -13.03
C PHE A 665 -11.11 20.26 -11.91
N ASP A 666 -12.21 20.91 -12.21
CA ASP A 666 -13.24 21.25 -11.23
C ASP A 666 -14.32 20.20 -11.08
N TRP A 667 -14.22 19.06 -11.77
CA TRP A 667 -15.36 18.17 -11.86
C TRP A 667 -15.78 17.68 -10.47
N MET A 668 -14.82 17.38 -9.60
CA MET A 668 -15.18 16.78 -8.32
C MET A 668 -15.92 17.76 -7.44
N HIS A 669 -15.39 18.97 -7.29
CA HIS A 669 -16.07 19.92 -6.42
C HIS A 669 -17.39 20.41 -7.01
N PHE A 670 -17.55 20.42 -8.33
CA PHE A 670 -18.83 20.84 -8.90
C PHE A 670 -19.88 19.76 -8.80
N LEU A 671 -19.50 18.49 -8.90
CA LEU A 671 -20.46 17.40 -9.01
C LEU A 671 -20.78 16.73 -7.69
N ILE A 672 -19.79 16.44 -6.86
CA ILE A 672 -20.02 15.62 -5.66
C ILE A 672 -21.06 16.24 -4.73
N PRO A 673 -21.07 17.54 -4.44
CA PRO A 673 -22.11 18.06 -3.54
C PRO A 673 -23.52 17.96 -4.08
N LEU A 674 -23.77 17.49 -5.30
CA LEU A 674 -25.13 17.43 -5.82
C LEU A 674 -25.75 16.04 -5.78
N CYS A 675 -25.04 15.05 -5.25
CA CYS A 675 -25.44 13.65 -5.24
C CYS A 675 -26.01 13.25 -3.89
N TYR A 676 -26.58 12.04 -3.88
CA TYR A 676 -27.17 11.41 -2.68
C TYR A 676 -26.25 10.25 -2.27
N MET A 677 -25.55 10.42 -1.14
CA MET A 677 -24.49 9.48 -0.77
C MET A 677 -25.08 8.29 -0.02
N HIS A 678 -24.75 7.09 -0.49
CA HIS A 678 -25.29 5.87 0.10
C HIS A 678 -24.37 4.69 -0.21
N VAL A 679 -24.58 3.57 0.47
CA VAL A 679 -23.85 2.33 0.21
C VAL A 679 -24.73 1.41 -0.60
N SER A 680 -24.18 0.83 -1.67
CA SER A 680 -24.96 -0.02 -2.57
C SER A 680 -24.89 -1.50 -2.14
N ASP A 681 -25.43 -1.79 -0.94
CA ASP A 681 -25.57 -3.16 -0.42
C ASP A 681 -26.88 -3.79 -0.88
N PHE A 682 -26.80 -5.03 -1.38
CA PHE A 682 -27.97 -5.62 -2.02
C PHE A 682 -29.12 -5.78 -1.03
N TYR A 683 -28.83 -6.01 0.25
CA TYR A 683 -29.87 -6.28 1.26
C TYR A 683 -30.01 -5.18 2.30
N SER A 684 -29.50 -3.97 2.05
CA SER A 684 -29.63 -2.86 3.00
C SER A 684 -29.85 -1.56 2.25
N PRO A 685 -31.07 -1.31 1.78
CA PRO A 685 -31.38 -0.01 1.19
C PRO A 685 -31.42 1.07 2.24
N PRO A 686 -31.50 2.34 1.84
CA PRO A 686 -31.66 3.43 2.81
C PRO A 686 -32.88 3.22 3.68
N HIS A 687 -32.76 3.61 4.95
CA HIS A 687 -33.79 3.26 5.94
C HIS A 687 -35.18 3.75 5.58
N CYS A 688 -35.28 4.86 4.87
CA CYS A 688 -36.53 5.60 4.77
C CYS A 688 -37.09 5.75 3.36
N VAL A 689 -36.52 5.10 2.36
CA VAL A 689 -36.93 5.32 0.98
C VAL A 689 -38.21 4.54 0.72
N THR A 690 -39.21 5.21 0.16
CA THR A 690 -40.45 4.53 -0.23
C THR A 690 -40.77 4.81 -1.68
N GLU A 691 -41.95 4.42 -2.13
CA GLU A 691 -42.23 4.52 -3.55
C GLU A 691 -42.39 5.97 -4.01
N ASP A 692 -43.21 6.75 -3.29
CA ASP A 692 -43.43 8.16 -3.64
C ASP A 692 -42.27 9.06 -3.24
N ASN A 693 -41.54 8.70 -2.19
CA ASN A 693 -40.37 9.37 -1.65
C ASN A 693 -39.13 9.20 -2.51
N ARG A 694 -39.22 8.38 -3.55
CA ARG A 694 -38.06 7.79 -4.23
C ARG A 694 -37.25 8.80 -5.02
N ASN A 695 -37.90 9.79 -5.62
CA ASN A 695 -37.18 10.73 -6.49
C ASN A 695 -36.28 11.66 -5.68
N ASN A 696 -36.76 12.14 -4.53
CA ASN A 696 -35.99 13.00 -3.64
C ASN A 696 -36.08 12.48 -2.21
N PRO A 697 -35.29 11.45 -1.88
CA PRO A 697 -35.36 10.82 -0.56
C PRO A 697 -34.71 11.69 0.50
N PRO A 698 -35.12 11.55 1.78
CA PRO A 698 -34.55 12.41 2.84
C PRO A 698 -33.30 11.86 3.51
N ASP A 699 -32.77 12.56 4.51
CA ASP A 699 -31.63 12.04 5.24
C ASP A 699 -32.06 11.01 6.29
N CYS A 700 -31.23 9.99 6.48
CA CYS A 700 -31.48 8.95 7.48
C CYS A 700 -30.12 8.44 7.97
N ALA A 701 -30.10 7.28 8.64
CA ALA A 701 -28.82 6.76 9.13
C ALA A 701 -27.89 6.27 8.01
N ASN A 702 -28.43 5.63 6.97
CA ASN A 702 -27.58 5.17 5.87
C ASN A 702 -27.07 6.31 5.00
N ALA A 703 -27.94 7.24 4.60
CA ALA A 703 -27.65 8.12 3.47
C ALA A 703 -27.83 9.60 3.82
N TYR A 704 -27.20 10.47 3.03
CA TYR A 704 -27.24 11.90 3.31
C TYR A 704 -26.94 12.70 2.05
N HIS A 705 -27.13 14.02 2.13
CA HIS A 705 -26.87 14.99 1.07
C HIS A 705 -25.70 15.89 1.47
N TYR A 706 -25.14 16.60 0.48
CA TYR A 706 -24.17 17.71 0.65
C TYR A 706 -22.83 17.26 1.27
N HIS A 707 -22.15 16.33 0.59
CA HIS A 707 -20.75 16.06 0.88
C HIS A 707 -19.87 17.23 0.47
N LEU A 708 -19.01 17.71 1.36
CA LEU A 708 -18.26 18.91 1.01
C LEU A 708 -16.78 18.67 0.79
N GLY A 709 -16.23 17.53 1.19
CA GLY A 709 -14.82 17.26 1.03
C GLY A 709 -14.52 16.42 -0.20
N GLY A 710 -13.35 15.81 -0.19
CA GLY A 710 -12.98 14.87 -1.24
C GLY A 710 -13.30 13.45 -0.86
N ILE A 711 -12.95 12.54 -1.77
CA ILE A 711 -13.12 11.10 -1.56
C ILE A 711 -11.83 10.39 -1.92
N GLU A 712 -11.68 9.15 -1.46
CA GLU A 712 -10.37 8.53 -1.27
C GLU A 712 -9.45 8.63 -2.48
N GLY A 713 -9.95 8.35 -3.67
CA GLY A 713 -8.97 8.31 -4.74
C GLY A 713 -9.28 9.19 -5.95
N LEU A 714 -10.13 10.20 -5.75
CA LEU A 714 -10.61 10.95 -6.90
C LEU A 714 -9.59 11.92 -7.46
N GLN A 715 -8.80 12.56 -6.62
CA GLN A 715 -7.87 13.57 -7.13
C GLN A 715 -6.53 13.42 -6.43
N GLN A 716 -6.02 12.18 -6.39
CA GLN A 716 -4.86 11.90 -5.58
C GLN A 716 -3.65 12.70 -6.02
N LYS A 717 -3.48 12.88 -7.33
CA LYS A 717 -2.29 13.55 -7.82
C LYS A 717 -2.24 14.99 -7.35
N LEU A 718 -3.35 15.71 -7.47
CA LEU A 718 -3.37 17.10 -7.03
C LEU A 718 -3.14 17.26 -5.53
N TRP A 719 -3.73 16.38 -4.72
CA TRP A 719 -3.53 16.51 -3.29
C TRP A 719 -2.09 16.25 -2.87
N THR A 720 -1.43 15.26 -3.49
CA THR A 720 0.00 15.07 -3.16
C THR A 720 0.82 16.28 -3.57
N CYS A 721 0.51 16.90 -4.71
CA CYS A 721 1.24 18.11 -5.07
C CYS A 721 1.05 19.25 -4.05
N ILE A 722 -0.17 19.45 -3.57
CA ILE A 722 -0.37 20.50 -2.54
C ILE A 722 0.40 20.17 -1.26
N SER A 723 0.43 18.90 -0.89
CA SER A 723 1.18 18.55 0.31
C SER A 723 2.67 18.88 0.15
N CYS A 724 3.24 18.59 -1.04
CA CYS A 724 4.65 18.94 -1.26
C CYS A 724 4.87 20.44 -1.19
N ALA A 725 3.93 21.20 -1.71
CA ALA A 725 4.06 22.65 -1.57
C ALA A 725 4.03 23.12 -0.11
N GLN A 726 3.16 22.58 0.76
CA GLN A 726 3.26 23.09 2.14
C GLN A 726 4.62 22.68 2.75
N ILE A 727 5.14 21.46 2.50
CA ILE A 727 6.45 21.12 3.09
C ILE A 727 7.53 22.09 2.60
N THR A 728 7.51 22.46 1.32
CA THR A 728 8.51 23.45 0.89
C THR A 728 8.32 24.79 1.59
N LEU A 729 7.07 25.19 1.84
CA LEU A 729 6.85 26.44 2.57
C LEU A 729 7.43 26.39 3.96
N VAL A 730 7.24 25.27 4.64
CA VAL A 730 7.82 25.11 5.98
C VAL A 730 9.34 25.19 5.93
N GLU A 731 9.94 24.60 4.92
CA GLU A 731 11.39 24.65 4.75
C GLU A 731 11.91 26.08 4.58
N LEU A 732 11.21 26.90 3.79
CA LEU A 732 11.58 28.32 3.68
C LEU A 732 11.43 29.03 5.02
N LYS A 733 10.41 28.67 5.80
CA LYS A 733 10.16 29.38 7.06
C LYS A 733 11.19 29.01 8.14
N THR A 734 11.54 27.71 8.28
CA THR A 734 12.43 27.27 9.36
C THR A 734 13.91 27.25 8.96
N LYS A 735 14.22 27.40 7.67
CA LYS A 735 15.60 27.40 7.16
C LYS A 735 16.36 26.10 7.48
N LEU A 736 15.68 24.94 7.39
CA LEU A 736 16.27 23.61 7.55
C LEU A 736 16.00 22.73 6.35
N LYS A 737 16.97 21.93 5.93
CA LYS A 737 16.80 21.09 4.74
C LYS A 737 15.92 19.89 5.04
N LEU A 738 14.92 19.63 4.20
CA LEU A 738 13.99 18.55 4.46
C LEU A 738 13.94 17.60 3.27
N LYS A 739 13.67 16.33 3.55
CA LYS A 739 13.52 15.33 2.51
C LYS A 739 12.31 14.48 2.81
N SER A 740 11.34 14.47 1.90
CA SER A 740 10.09 13.78 2.12
C SER A 740 9.91 12.62 1.13
N SER A 741 9.23 11.58 1.61
CA SER A 741 8.92 10.37 0.84
C SER A 741 7.51 9.88 1.13
N VAL A 742 6.85 9.32 0.10
CA VAL A 742 5.46 8.91 0.19
C VAL A 742 5.33 7.40 -0.09
N MET A 743 4.78 6.69 0.88
CA MET A 743 4.35 5.30 0.69
C MET A 743 2.87 5.30 0.26
N GLY A 744 2.19 4.16 0.35
CA GLY A 744 0.77 4.17 0.04
C GLY A 744 -0.03 5.05 0.97
N ASP A 745 0.28 5.00 2.25
CA ASP A 745 -0.47 5.74 3.26
C ASP A 745 0.38 6.75 4.03
N ASN A 746 1.61 6.40 4.41
CA ASN A 746 2.40 7.24 5.30
C ASN A 746 3.27 8.22 4.52
N GLN A 747 3.59 9.34 5.16
CA GLN A 747 4.56 10.28 4.63
C GLN A 747 5.62 10.54 5.69
N CYS A 748 6.89 10.28 5.35
CA CYS A 748 8.00 10.45 6.27
C CYS A 748 8.83 11.65 5.89
N ILE A 749 9.10 12.51 6.87
CA ILE A 749 9.88 13.72 6.64
C ILE A 749 11.13 13.67 7.49
N THR A 750 12.27 13.95 6.86
CA THR A 750 13.57 13.89 7.52
C THR A 750 14.18 15.28 7.51
N THR A 751 14.64 15.72 8.68
CA THR A 751 15.27 17.00 8.86
C THR A 751 16.75 16.76 9.08
N LEU A 752 17.58 17.47 8.32
CA LEU A 752 19.02 17.30 8.36
C LEU A 752 19.62 18.49 9.09
N SER A 753 20.48 18.23 10.06
CA SER A 753 21.08 19.30 10.86
C SER A 753 22.59 19.16 10.90
N LEU A 754 23.27 20.30 10.94
CA LEU A 754 24.72 20.38 10.86
C LEU A 754 25.38 20.72 12.20
N PHE A 755 26.45 20.03 12.53
CA PHE A 755 27.16 20.19 13.79
C PHE A 755 28.65 20.34 13.54
N PRO A 756 29.38 20.98 14.47
CA PRO A 756 30.84 21.00 14.37
C PRO A 756 31.43 19.62 14.64
N ILE A 757 32.71 19.46 14.29
CA ILE A 757 33.36 18.15 14.41
C ILE A 757 33.42 17.71 15.87
N ASP A 758 33.78 18.63 16.77
CA ASP A 758 33.96 18.33 18.21
C ASP A 758 32.63 18.54 18.95
N ALA A 759 31.77 17.52 18.89
CA ALA A 759 30.47 17.59 19.58
C ALA A 759 30.22 16.22 20.20
N PRO A 760 29.78 16.18 21.46
CA PRO A 760 29.46 14.88 22.09
C PRO A 760 28.29 14.22 21.38
N ASN A 761 28.27 12.87 21.39
CA ASN A 761 27.22 12.16 20.65
C ASN A 761 25.85 12.44 21.26
N ASP A 762 25.78 12.54 22.58
CA ASP A 762 24.51 12.82 23.26
C ASP A 762 23.96 14.18 22.86
N TYR A 763 24.85 15.17 22.74
CA TYR A 763 24.43 16.50 22.33
C TYR A 763 23.82 16.48 20.93
N GLN A 764 24.45 15.77 19.98
CA GLN A 764 23.88 15.67 18.64
C GLN A 764 22.53 14.98 18.64
N GLU A 765 22.40 13.89 19.37
CA GLU A 765 21.13 13.18 19.42
C GLU A 765 20.00 14.05 19.93
N ASN A 766 20.25 14.83 20.98
CA ASN A 766 19.21 15.71 21.49
C ASN A 766 18.88 16.85 20.54
N GLU A 767 19.89 17.48 19.94
CA GLU A 767 19.61 18.65 19.11
C GLU A 767 18.91 18.26 17.81
N ALA A 768 19.27 17.11 17.23
CA ALA A 768 18.60 16.68 16.00
C ALA A 768 17.11 16.47 16.21
N GLU A 769 16.74 15.82 17.31
CA GLU A 769 15.32 15.65 17.61
C GLU A 769 14.64 16.99 17.90
N LEU A 770 15.33 17.93 18.55
CA LEU A 770 14.67 19.23 18.74
C LEU A 770 14.36 19.89 17.42
N ASN A 771 15.29 19.87 16.44
CA ASN A 771 15.02 20.48 15.14
C ASN A 771 13.88 19.79 14.40
N ALA A 772 13.85 18.46 14.43
CA ALA A 772 12.72 17.78 13.78
C ALA A 772 11.42 18.20 14.43
N ALA A 773 11.42 18.40 15.76
CA ALA A 773 10.21 18.86 16.44
C ALA A 773 9.83 20.30 16.09
N ARG A 774 10.80 21.21 15.87
CA ARG A 774 10.40 22.56 15.43
C ARG A 774 9.63 22.43 14.13
N VAL A 775 10.18 21.65 13.21
CA VAL A 775 9.52 21.43 11.92
C VAL A 775 8.15 20.78 12.08
N ALA A 776 8.01 19.79 12.96
CA ALA A 776 6.70 19.15 13.11
C ALA A 776 5.68 20.15 13.63
N VAL A 777 6.06 21.01 14.59
CA VAL A 777 5.12 22.01 15.10
C VAL A 777 4.73 23.00 14.00
N GLU A 778 5.71 23.46 13.22
CA GLU A 778 5.41 24.40 12.16
C GLU A 778 4.48 23.79 11.13
N LEU A 779 4.72 22.54 10.75
CA LEU A 779 3.85 21.87 9.80
C LEU A 779 2.45 21.68 10.38
N ALA A 780 2.35 21.38 11.68
CA ALA A 780 1.02 21.24 12.27
C ALA A 780 0.24 22.54 12.15
N ILE A 781 0.86 23.68 12.41
CA ILE A 781 0.14 24.95 12.25
C ILE A 781 -0.20 25.21 10.78
N THR A 782 0.75 24.99 9.87
CA THR A 782 0.48 25.30 8.47
C THR A 782 -0.66 24.46 7.94
N THR A 783 -0.71 23.17 8.25
CA THR A 783 -1.86 22.39 7.78
C THR A 783 -3.15 22.68 8.59
N GLY A 784 -3.06 23.03 9.88
CA GLY A 784 -4.29 23.32 10.62
C GLY A 784 -5.03 24.51 10.07
N TYR A 785 -4.31 25.56 9.70
CA TYR A 785 -4.90 26.69 8.93
C TYR A 785 -5.22 26.41 7.54
N SER A 786 -5.23 25.17 7.11
CA SER A 786 -5.75 24.82 5.80
C SER A 786 -6.91 23.84 5.97
N GLY A 787 -7.30 23.56 7.22
CA GLY A 787 -8.37 22.63 7.53
C GLY A 787 -7.98 21.18 7.78
N ILE A 788 -6.72 20.83 7.67
CA ILE A 788 -6.24 19.45 7.84
C ILE A 788 -5.51 19.33 9.18
N PHE A 789 -5.96 18.45 10.05
CA PHE A 789 -5.46 18.38 11.41
C PHE A 789 -4.57 17.16 11.63
N LEU A 790 -3.27 17.40 11.77
CA LEU A 790 -2.38 16.37 12.28
C LEU A 790 -2.69 16.15 13.75
N LYS A 791 -2.70 14.89 14.15
CA LYS A 791 -2.99 14.58 15.53
C LYS A 791 -1.68 14.23 16.21
N PRO A 792 -1.16 15.05 17.12
CA PRO A 792 0.20 14.81 17.65
C PRO A 792 0.35 13.52 18.45
N GLU A 793 -0.74 12.90 18.88
CA GLU A 793 -0.66 11.68 19.69
C GLU A 793 -0.16 10.48 18.89
N GLU A 794 -0.55 10.37 17.62
CA GLU A 794 -0.11 9.28 16.73
C GLU A 794 1.13 9.60 15.93
N THR A 795 1.76 10.72 16.20
CA THR A 795 2.97 11.13 15.51
C THR A 795 4.15 10.94 16.45
N PHE A 796 5.24 10.42 15.95
CA PHE A 796 6.41 10.27 16.80
C PHE A 796 7.59 10.96 16.12
N VAL A 797 8.57 11.41 16.90
CA VAL A 797 9.80 11.96 16.35
C VAL A 797 10.96 11.10 16.81
N HIS A 798 11.77 10.60 15.89
CA HIS A 798 12.81 9.66 16.26
C HIS A 798 14.06 9.92 15.46
N SER A 799 15.20 9.47 16.01
CA SER A 799 16.47 9.66 15.32
C SER A 799 16.88 8.50 14.42
N GLY A 800 16.29 7.31 14.59
CA GLY A 800 16.73 6.15 13.85
C GLY A 800 15.68 5.44 13.00
N PHE A 801 14.43 5.53 13.38
CA PHE A 801 13.39 4.73 12.76
C PHE A 801 12.82 5.39 11.52
N ILE A 802 12.65 4.62 10.45
CA ILE A 802 12.21 5.11 9.14
C ILE A 802 11.41 4.04 8.41
N TYR A 803 10.37 4.44 7.65
CA TYR A 803 9.83 3.61 6.54
C TYR A 803 10.35 4.13 5.22
N PHE A 804 11.00 3.29 4.41
CA PHE A 804 11.50 3.80 3.13
C PHE A 804 10.85 3.19 1.89
N GLY A 805 10.94 1.88 1.69
CA GLY A 805 10.30 1.27 0.54
C GLY A 805 8.98 0.77 1.05
N LYS A 806 8.77 -0.54 1.07
CA LYS A 806 7.75 -1.09 1.94
C LYS A 806 8.38 -1.75 3.16
N LYS A 807 9.56 -1.26 3.56
CA LYS A 807 10.40 -1.85 4.57
C LYS A 807 10.70 -0.85 5.66
N GLN A 808 11.21 -1.35 6.78
CA GLN A 808 11.51 -0.53 7.94
C GLN A 808 12.99 -0.60 8.24
N TYR A 809 13.60 0.54 8.59
CA TYR A 809 15.01 0.63 8.93
C TYR A 809 15.19 1.24 10.30
N LEU A 810 16.16 0.76 11.05
CA LEU A 810 16.52 1.35 12.35
C LEU A 810 17.97 1.75 12.32
N ASN A 811 18.26 3.03 12.15
CA ASN A 811 19.64 3.51 12.09
C ASN A 811 20.38 2.92 10.90
N GLY A 812 19.70 2.69 9.79
CA GLY A 812 20.31 2.14 8.60
C GLY A 812 20.37 0.62 8.51
N VAL A 813 19.95 -0.12 9.53
CA VAL A 813 19.95 -1.57 9.55
C VAL A 813 18.56 -2.01 9.14
N GLN A 814 18.45 -2.75 8.03
CA GLN A 814 17.14 -3.16 7.56
C GLN A 814 16.61 -4.27 8.44
N LEU A 815 15.28 -4.26 8.73
CA LEU A 815 14.76 -5.30 9.64
C LEU A 815 13.89 -6.28 8.86
N PRO A 816 13.82 -7.55 9.26
CA PRO A 816 13.12 -8.56 8.47
C PRO A 816 11.62 -8.49 8.58
N GLN A 817 10.94 -8.82 7.48
CA GLN A 817 9.50 -8.82 7.35
C GLN A 817 9.03 -10.04 6.56
N SER A 818 9.58 -11.21 6.87
CA SER A 818 9.37 -12.37 6.02
C SER A 818 7.99 -12.99 6.21
N LEU A 819 7.48 -12.99 7.44
CA LEU A 819 6.20 -13.63 7.72
C LEU A 819 5.05 -12.99 6.96
N LYS A 820 5.12 -11.70 6.69
CA LYS A 820 4.04 -11.01 5.98
C LYS A 820 3.68 -11.72 4.69
N THR A 821 4.67 -12.17 3.96
CA THR A 821 4.44 -12.88 2.70
C THR A 821 4.42 -14.39 2.84
N MET A 822 5.12 -14.97 3.82
CA MET A 822 5.11 -16.44 3.84
C MET A 822 3.97 -17.03 4.64
N ALA A 823 3.20 -16.23 5.36
CA ALA A 823 2.11 -16.84 6.10
C ALA A 823 0.86 -17.01 5.25
N ARG A 824 0.80 -16.42 4.06
CA ARG A 824 -0.35 -16.54 3.18
C ARG A 824 -0.16 -17.64 2.14
N CYS A 825 0.92 -18.39 2.24
CA CYS A 825 1.16 -19.50 1.34
C CYS A 825 0.06 -20.56 1.50
N GLY A 826 -0.46 -21.08 0.38
CA GLY A 826 -1.54 -22.05 0.42
C GLY A 826 -1.55 -22.98 -0.79
N PRO A 827 -2.42 -23.98 -0.76
CA PRO A 827 -2.49 -24.95 -1.86
C PRO A 827 -3.15 -24.39 -3.12
N LEU A 828 -4.10 -23.46 -3.02
CA LEU A 828 -4.82 -22.98 -4.18
C LEU A 828 -4.66 -21.48 -4.30
N SER A 829 -4.72 -21.00 -5.54
CA SER A 829 -4.70 -19.58 -5.86
C SER A 829 -5.83 -19.31 -6.84
N ASP A 830 -5.98 -18.05 -7.22
CA ASP A 830 -7.09 -17.63 -8.07
C ASP A 830 -6.67 -17.71 -9.53
N SER A 831 -6.95 -18.85 -10.16
CA SER A 831 -6.60 -19.03 -11.56
C SER A 831 -7.83 -19.54 -12.31
N ILE A 832 -7.65 -19.93 -13.56
CA ILE A 832 -8.76 -20.33 -14.41
C ILE A 832 -8.94 -21.83 -14.30
N PHE A 833 -10.14 -22.25 -13.92
CA PHE A 833 -10.48 -23.68 -13.88
C PHE A 833 -9.57 -24.45 -12.90
N ASP A 834 -9.07 -23.79 -11.85
CA ASP A 834 -8.23 -24.47 -10.86
C ASP A 834 -7.01 -25.13 -11.50
N ASP A 835 -6.17 -24.32 -12.10
CA ASP A 835 -5.01 -24.83 -12.81
C ASP A 835 -3.92 -25.23 -11.84
N LEU A 836 -3.23 -26.35 -12.13
CA LEU A 836 -2.15 -26.78 -11.22
C LEU A 836 -0.94 -25.86 -11.37
N GLN A 837 -0.57 -25.50 -12.59
CA GLN A 837 0.55 -24.58 -12.71
C GLN A 837 0.25 -23.25 -12.07
N GLY A 838 -1.00 -22.78 -12.13
CA GLY A 838 -1.32 -21.52 -11.46
C GLY A 838 -1.00 -21.57 -9.99
N SER A 839 -1.41 -22.67 -9.33
CA SER A 839 -1.14 -22.83 -7.91
C SER A 839 0.35 -22.91 -7.63
N LEU A 840 1.07 -23.77 -8.38
CA LEU A 840 2.49 -23.93 -8.09
C LEU A 840 3.27 -22.65 -8.39
N ALA A 841 2.90 -21.92 -9.45
CA ALA A 841 3.59 -20.69 -9.75
C ALA A 841 3.36 -19.64 -8.68
N SER A 842 2.14 -19.56 -8.12
CA SER A 842 1.92 -18.63 -7.03
C SER A 842 2.83 -18.95 -5.86
N ILE A 843 2.93 -20.24 -5.50
CA ILE A 843 3.82 -20.63 -4.41
C ILE A 843 5.27 -20.23 -4.69
N GLY A 844 5.74 -20.46 -5.91
CA GLY A 844 7.13 -20.13 -6.21
C GLY A 844 7.44 -18.66 -6.07
N THR A 845 6.57 -17.78 -6.60
CA THR A 845 6.85 -16.34 -6.44
C THR A 845 6.79 -15.89 -4.99
N SER A 846 5.79 -16.36 -4.22
CA SER A 846 5.78 -15.97 -2.82
C SER A 846 7.06 -16.42 -2.12
N PHE A 847 7.58 -17.60 -2.46
CA PHE A 847 8.84 -18.04 -1.84
C PHE A 847 10.01 -17.13 -2.18
N GLU A 848 10.15 -16.70 -3.45
CA GLU A 848 11.33 -15.90 -3.76
C GLU A 848 11.28 -14.52 -3.08
N ARG A 849 10.09 -13.88 -3.00
CA ARG A 849 10.03 -12.63 -2.21
C ARG A 849 10.35 -12.88 -0.73
N GLY A 850 9.77 -13.95 -0.17
CA GLY A 850 10.01 -14.26 1.23
C GLY A 850 11.48 -14.42 1.58
N THR A 851 12.25 -15.11 0.74
CA THR A 851 13.69 -15.19 1.05
C THR A 851 14.39 -13.84 0.94
N SER A 852 13.99 -12.97 0.02
CA SER A 852 14.65 -11.67 0.01
C SER A 852 14.46 -10.90 1.31
N GLU A 853 13.45 -11.21 2.12
CA GLU A 853 13.22 -10.40 3.33
C GLU A 853 13.62 -11.06 4.66
N THR A 854 14.58 -11.99 4.67
CA THR A 854 14.98 -12.63 5.94
C THR A 854 16.38 -13.22 5.83
N ARG A 855 16.83 -13.87 6.91
CA ARG A 855 18.11 -14.56 6.87
C ARG A 855 18.04 -16.05 7.12
N HIS A 856 16.87 -16.61 7.39
CA HIS A 856 16.73 -18.04 7.55
C HIS A 856 16.11 -18.64 6.28
N ILE A 857 16.77 -19.64 5.70
CA ILE A 857 16.37 -20.19 4.41
C ILE A 857 15.50 -21.41 4.57
N PHE A 858 15.94 -22.37 5.37
CA PHE A 858 15.32 -23.69 5.37
C PHE A 858 13.92 -23.74 5.98
N PRO A 859 13.64 -22.99 7.06
CA PRO A 859 12.27 -22.96 7.58
C PRO A 859 11.21 -22.54 6.57
N SER A 860 11.49 -21.59 5.66
CA SER A 860 10.48 -21.23 4.66
C SER A 860 10.43 -22.22 3.52
N ARG A 861 11.57 -22.80 3.17
CA ARG A 861 11.60 -23.77 2.10
C ARG A 861 10.76 -24.99 2.46
N TRP A 862 10.80 -25.43 3.73
CA TRP A 862 9.96 -26.55 4.12
C TRP A 862 8.49 -26.26 3.86
N ILE A 863 8.02 -25.06 4.20
CA ILE A 863 6.60 -24.73 3.99
C ILE A 863 6.24 -24.72 2.50
N ALA A 864 7.11 -24.15 1.66
CA ALA A 864 6.80 -24.09 0.22
C ALA A 864 6.69 -25.50 -0.37
N SER A 865 7.62 -26.41 -0.03
CA SER A 865 7.55 -27.77 -0.54
C SER A 865 6.32 -28.51 -0.04
N PHE A 866 5.98 -28.35 1.24
CA PHE A 866 4.78 -28.98 1.80
C PHE A 866 3.55 -28.61 1.00
N HIS A 867 3.37 -27.32 0.72
CA HIS A 867 2.14 -26.92 0.04
C HIS A 867 2.13 -27.34 -1.43
N SER A 868 3.30 -27.47 -2.08
CA SER A 868 3.32 -28.01 -3.45
C SER A 868 2.78 -29.45 -3.54
N MET A 869 3.29 -30.34 -2.71
CA MET A 869 2.76 -31.71 -2.78
C MET A 869 1.29 -31.73 -2.39
N LEU A 870 0.90 -30.90 -1.43
CA LEU A 870 -0.52 -30.84 -1.09
C LEU A 870 -1.39 -30.42 -2.25
N ALA A 871 -0.95 -29.45 -3.06
CA ALA A 871 -1.78 -29.06 -4.19
C ALA A 871 -2.01 -30.23 -5.12
N ILE A 872 -0.96 -30.99 -5.40
CA ILE A 872 -1.15 -32.14 -6.29
C ILE A 872 -2.20 -33.09 -5.76
N ASN A 873 -2.09 -33.49 -4.49
CA ASN A 873 -3.05 -34.49 -3.96
C ASN A 873 -4.48 -33.96 -3.93
N LEU A 874 -4.67 -32.74 -3.43
CA LEU A 874 -6.00 -32.14 -3.31
C LEU A 874 -6.69 -32.04 -4.66
N LEU A 875 -5.98 -31.49 -5.68
CA LEU A 875 -6.61 -31.37 -7.00
C LEU A 875 -6.79 -32.72 -7.67
N ASN A 876 -5.97 -33.71 -7.34
CA ASN A 876 -6.16 -35.03 -7.95
C ASN A 876 -7.52 -35.58 -7.61
N GLN A 877 -7.94 -35.45 -6.38
CA GLN A 877 -9.18 -36.14 -6.07
C GLN A 877 -10.35 -35.25 -5.70
N ASN A 878 -10.20 -33.93 -5.73
CA ASN A 878 -11.29 -33.01 -5.41
C ASN A 878 -11.31 -31.81 -6.36
N HIS A 879 -11.17 -32.04 -7.66
CA HIS A 879 -11.17 -30.94 -8.63
C HIS A 879 -12.57 -30.39 -8.77
N LEU A 880 -12.71 -29.06 -8.83
CA LEU A 880 -14.08 -28.52 -8.94
C LEU A 880 -14.67 -28.67 -10.35
N GLY A 881 -13.84 -28.75 -11.38
CA GLY A 881 -14.35 -28.84 -12.72
C GLY A 881 -14.86 -30.20 -13.13
N PHE A 882 -14.80 -31.20 -12.25
CA PHE A 882 -15.27 -32.52 -12.62
C PHE A 882 -16.41 -32.95 -11.70
N PRO A 883 -17.05 -34.11 -11.93
CA PRO A 883 -18.04 -34.62 -10.96
C PRO A 883 -17.43 -34.82 -9.59
N LEU A 884 -18.25 -35.18 -8.59
CA LEU A 884 -17.82 -35.05 -7.20
C LEU A 884 -16.62 -35.96 -6.87
N GLY A 885 -16.69 -37.24 -7.21
CA GLY A 885 -15.52 -38.10 -7.05
C GLY A 885 -14.97 -38.56 -8.39
N PHE A 886 -13.79 -38.05 -8.80
CA PHE A 886 -13.46 -38.38 -10.16
C PHE A 886 -12.09 -39.05 -10.33
N ASN A 887 -11.07 -38.69 -9.56
CA ASN A 887 -9.77 -39.37 -9.67
C ASN A 887 -9.13 -39.26 -11.05
N ILE A 888 -8.67 -38.04 -11.34
CA ILE A 888 -8.03 -37.76 -12.63
C ILE A 888 -6.98 -38.81 -13.03
N ASP A 889 -6.15 -39.26 -12.09
CA ASP A 889 -5.06 -40.18 -12.45
C ASP A 889 -5.59 -41.53 -12.93
N ILE A 890 -6.66 -42.03 -12.31
CA ILE A 890 -7.26 -43.28 -12.75
C ILE A 890 -7.90 -43.14 -14.12
N SER A 891 -8.52 -41.99 -14.40
CA SER A 891 -9.13 -41.83 -15.72
C SER A 891 -8.06 -41.77 -16.80
N CYS A 892 -6.87 -41.25 -16.49
CA CYS A 892 -5.80 -41.12 -17.51
C CYS A 892 -4.95 -42.39 -17.66
N PHE A 893 -4.31 -42.84 -16.57
CA PHE A 893 -3.31 -43.91 -16.61
C PHE A 893 -3.83 -45.28 -16.19
N LYS A 894 -5.10 -45.39 -15.85
CA LYS A 894 -5.75 -46.64 -15.44
C LYS A 894 -5.18 -47.22 -14.14
N LYS A 895 -4.36 -46.49 -13.40
CA LYS A 895 -3.83 -46.89 -12.09
C LYS A 895 -3.37 -45.66 -11.33
N PRO A 896 -3.45 -45.65 -10.00
CA PRO A 896 -3.08 -44.44 -9.23
C PRO A 896 -1.60 -44.09 -9.32
N LEU A 897 -1.31 -42.80 -9.16
CA LEU A 897 0.07 -42.32 -9.16
C LEU A 897 0.80 -42.79 -7.90
N THR A 898 2.12 -42.89 -8.01
CA THR A 898 2.96 -43.25 -6.88
C THR A 898 3.76 -42.06 -6.39
N PHE A 899 4.44 -42.26 -5.25
CA PHE A 899 5.25 -41.19 -4.71
C PHE A 899 6.37 -40.83 -5.66
N SER A 900 7.02 -41.83 -6.27
CA SER A 900 8.17 -41.52 -7.12
C SER A 900 7.76 -40.71 -8.36
N GLU A 901 6.61 -41.03 -8.96
CA GLU A 901 6.15 -40.28 -10.14
C GLU A 901 5.86 -38.82 -9.82
N LYS A 902 5.18 -38.56 -8.70
CA LYS A 902 4.94 -37.17 -8.29
C LYS A 902 6.24 -36.44 -7.99
N LEU A 903 7.20 -37.13 -7.35
CA LEU A 903 8.49 -36.50 -7.08
C LEU A 903 9.20 -36.09 -8.35
N ILE A 904 9.24 -36.99 -9.35
CA ILE A 904 9.94 -36.67 -10.59
C ILE A 904 9.27 -35.51 -11.32
N ALA A 905 7.96 -35.42 -11.25
CA ALA A 905 7.34 -34.23 -11.85
C ALA A 905 7.73 -32.95 -11.12
N LEU A 906 7.80 -32.98 -9.79
CA LEU A 906 8.15 -31.76 -9.03
C LEU A 906 9.63 -31.40 -9.08
N ILE A 907 10.50 -32.28 -9.58
CA ILE A 907 11.93 -31.98 -9.75
C ILE A 907 12.24 -31.33 -11.12
N THR A 908 11.50 -31.71 -12.18
CA THR A 908 11.81 -31.25 -13.54
C THR A 908 11.46 -29.79 -13.73
N PRO A 909 12.38 -28.93 -14.20
CA PRO A 909 12.06 -27.50 -14.37
C PRO A 909 10.96 -27.26 -15.38
N GLN A 910 10.30 -26.12 -15.21
CA GLN A 910 9.12 -25.85 -16.02
C GLN A 910 9.45 -25.65 -17.49
N VAL A 911 10.61 -25.08 -17.78
CA VAL A 911 11.00 -24.85 -19.15
C VAL A 911 11.11 -26.17 -19.90
N LEU A 912 11.37 -27.28 -19.20
CA LEU A 912 11.48 -28.58 -19.84
C LEU A 912 10.16 -29.34 -19.83
N GLY A 913 9.09 -28.75 -19.31
CA GLY A 913 7.79 -29.38 -19.31
C GLY A 913 7.42 -30.14 -18.07
N GLY A 914 7.87 -29.68 -16.91
CA GLY A 914 7.65 -30.32 -15.62
C GLY A 914 6.88 -29.36 -14.72
N LEU A 915 7.02 -29.55 -13.43
CA LEU A 915 6.24 -28.73 -12.52
C LEU A 915 7.10 -28.10 -11.43
N SER A 916 8.38 -27.85 -11.68
CA SER A 916 9.26 -27.28 -10.65
C SER A 916 9.40 -25.78 -10.81
N PHE A 917 8.94 -25.05 -9.80
CA PHE A 917 9.00 -23.59 -9.79
C PHE A 917 9.85 -23.05 -8.65
N LEU A 918 10.57 -23.89 -7.92
CA LEU A 918 11.43 -23.42 -6.84
C LEU A 918 12.86 -23.74 -7.27
N ASN A 919 13.45 -22.84 -8.05
CA ASN A 919 14.84 -22.98 -8.50
C ASN A 919 15.77 -22.48 -7.41
N PRO A 920 16.71 -23.28 -6.92
CA PRO A 920 17.63 -22.79 -5.87
C PRO A 920 18.44 -21.58 -6.30
N GLU A 921 18.75 -21.45 -7.57
CA GLU A 921 19.53 -20.32 -8.02
C GLU A 921 18.81 -19.00 -7.77
N LYS A 922 17.49 -19.02 -7.54
CA LYS A 922 16.81 -17.76 -7.25
C LYS A 922 17.04 -17.27 -5.83
N LEU A 923 17.72 -18.04 -4.97
CA LEU A 923 18.18 -17.49 -3.70
C LEU A 923 19.28 -16.44 -3.90
N PHE A 924 19.94 -16.42 -5.06
CA PHE A 924 21.06 -15.52 -5.32
C PHE A 924 20.60 -14.27 -6.07
N TYR A 925 19.71 -14.36 -7.05
CA TYR A 925 19.25 -13.22 -7.84
C TYR A 925 18.00 -13.60 -8.62
N ARG A 926 17.10 -12.65 -8.79
CA ARG A 926 15.82 -12.98 -9.39
C ARG A 926 15.95 -13.16 -10.91
N ASN A 927 16.58 -12.21 -11.57
CA ASN A 927 16.64 -12.24 -13.03
C ASN A 927 17.76 -13.18 -13.46
N ILE A 928 17.38 -14.26 -14.10
CA ILE A 928 18.32 -15.26 -14.58
C ILE A 928 18.47 -15.05 -16.07
N SER A 929 19.71 -15.03 -16.55
CA SER A 929 19.97 -14.70 -17.95
C SER A 929 19.31 -15.70 -18.87
N ASP A 930 19.57 -16.98 -18.63
CA ASP A 930 19.03 -18.06 -19.45
C ASP A 930 18.43 -19.14 -18.57
N PRO A 931 17.11 -19.32 -18.58
CA PRO A 931 16.50 -20.35 -17.72
C PRO A 931 16.78 -21.78 -18.18
N LEU A 932 17.12 -22.01 -19.45
CA LEU A 932 17.32 -23.38 -19.89
C LEU A 932 18.59 -23.97 -19.30
N THR A 933 19.70 -23.23 -19.34
CA THR A 933 20.95 -23.77 -18.83
C THR A 933 20.90 -23.93 -17.31
N SER A 934 20.32 -22.95 -16.60
CA SER A 934 20.21 -23.13 -15.17
C SER A 934 19.28 -24.29 -14.82
N GLY A 935 18.19 -24.48 -15.58
CA GLY A 935 17.31 -25.62 -15.33
C GLY A 935 18.00 -26.95 -15.54
N LEU A 936 18.83 -27.06 -16.58
CA LEU A 936 19.59 -28.29 -16.77
C LEU A 936 20.59 -28.52 -15.64
N PHE A 937 21.27 -27.46 -15.16
CA PHE A 937 22.18 -27.62 -14.02
C PHE A 937 21.44 -28.16 -12.79
N GLN A 938 20.28 -27.56 -12.47
CA GLN A 938 19.52 -28.00 -11.30
C GLN A 938 19.03 -29.44 -11.45
N LEU A 939 18.53 -29.82 -12.63
CA LEU A 939 18.04 -31.18 -12.79
C LEU A 939 19.14 -32.20 -12.64
N LYS A 940 20.33 -31.92 -13.19
CA LYS A 940 21.42 -32.88 -13.03
C LYS A 940 21.78 -33.07 -11.57
N ASN A 941 21.85 -31.97 -10.81
CA ASN A 941 22.17 -32.11 -9.38
C ASN A 941 21.13 -32.92 -8.62
N ALA A 942 19.83 -32.66 -8.88
CA ALA A 942 18.79 -33.38 -8.15
C ALA A 942 18.80 -34.86 -8.47
N LEU A 943 19.01 -35.21 -9.73
CA LEU A 943 19.06 -36.64 -10.05
C LEU A 943 20.29 -37.31 -9.44
N GLU A 944 21.42 -36.58 -9.32
CA GLU A 944 22.59 -37.16 -8.65
C GLU A 944 22.34 -37.39 -7.16
N PHE A 945 21.63 -36.48 -6.50
CA PHE A 945 21.27 -36.68 -5.10
C PHE A 945 20.30 -37.84 -4.92
N LEU A 946 19.32 -37.98 -5.82
CA LEU A 946 18.33 -39.04 -5.77
C LEU A 946 18.86 -40.41 -6.15
N GLU A 947 20.09 -40.49 -6.68
CA GLU A 947 20.84 -41.70 -7.09
C GLU A 947 20.38 -42.26 -8.44
N LYS A 948 19.40 -41.66 -9.10
CA LYS A 948 18.92 -42.06 -10.42
C LYS A 948 19.53 -41.22 -11.52
N GLU A 949 20.84 -41.36 -11.62
CA GLU A 949 21.63 -40.56 -12.58
C GLU A 949 21.44 -40.95 -14.06
N GLU A 950 20.85 -42.12 -14.33
CA GLU A 950 20.65 -42.61 -15.69
C GLU A 950 19.39 -42.05 -16.35
N LEU A 951 18.58 -41.30 -15.59
CA LEU A 951 17.35 -40.74 -16.13
C LEU A 951 17.55 -39.38 -16.77
N PHE A 952 18.76 -38.81 -16.74
CA PHE A 952 18.91 -37.45 -17.21
C PHE A 952 18.53 -37.33 -18.68
N TYR A 953 19.12 -38.17 -19.54
CA TYR A 953 18.85 -38.02 -20.97
C TYR A 953 17.46 -38.50 -21.34
N ILE A 954 16.83 -39.30 -20.49
CA ILE A 954 15.44 -39.67 -20.71
C ILE A 954 14.48 -38.54 -20.36
N LEU A 955 14.72 -37.82 -19.27
CA LEU A 955 13.76 -36.78 -18.88
C LEU A 955 13.88 -35.54 -19.74
N ILE A 956 15.07 -35.21 -20.26
CA ILE A 956 15.13 -33.96 -21.02
C ILE A 956 14.76 -34.11 -22.49
N SER A 957 14.75 -35.32 -23.03
CA SER A 957 14.51 -35.52 -24.46
C SER A 957 13.07 -35.96 -24.66
N LYS A 958 12.19 -34.97 -24.84
CA LYS A 958 10.77 -35.21 -25.04
C LYS A 958 10.37 -34.84 -26.46
N LYS A 959 9.23 -35.38 -26.90
CA LYS A 959 8.77 -35.20 -28.28
C LYS A 959 8.38 -33.76 -28.51
N PRO A 960 8.91 -33.08 -29.53
CA PRO A 960 8.47 -31.72 -29.81
C PRO A 960 7.03 -31.70 -30.28
N GLY A 961 6.36 -30.59 -30.02
CA GLY A 961 4.98 -30.42 -30.36
C GLY A 961 4.83 -29.81 -31.73
N LEU A 962 3.71 -29.13 -31.93
CA LEU A 962 3.41 -28.46 -33.21
C LEU A 962 3.21 -26.98 -32.91
N ALA A 963 4.21 -26.17 -33.22
CA ALA A 963 4.15 -24.75 -32.97
C ALA A 963 4.58 -23.98 -34.20
N ASP A 964 3.94 -22.83 -34.39
CA ASP A 964 4.18 -21.95 -35.52
C ASP A 964 5.35 -21.02 -35.23
N ALA A 965 5.55 -20.06 -36.10
CA ALA A 965 6.57 -19.08 -35.82
C ALA A 965 6.11 -18.07 -34.77
N SER A 966 4.82 -17.79 -34.70
CA SER A 966 4.35 -16.82 -33.72
C SER A 966 4.54 -17.31 -32.28
N ASP A 967 4.40 -18.62 -32.07
CA ASP A 967 4.68 -19.17 -30.75
C ASP A 967 6.13 -18.98 -30.37
N PHE A 968 7.04 -19.15 -31.33
CA PHE A 968 8.44 -18.97 -31.00
C PHE A 968 8.78 -17.49 -30.80
N VAL A 969 8.09 -16.58 -31.47
CA VAL A 969 8.34 -15.16 -31.22
C VAL A 969 7.82 -14.73 -29.86
N MET A 970 6.69 -15.27 -29.42
CA MET A 970 6.17 -14.89 -28.11
C MET A 970 6.96 -15.50 -26.95
N ASN A 971 7.67 -16.61 -27.18
CA ASN A 971 8.43 -17.35 -26.17
C ASN A 971 9.84 -17.58 -26.70
N PRO A 972 10.68 -16.54 -26.68
CA PRO A 972 11.99 -16.61 -27.33
C PRO A 972 12.94 -17.63 -26.76
N LEU A 973 12.92 -17.80 -25.43
CA LEU A 973 13.93 -18.55 -24.72
C LEU A 973 13.48 -19.93 -24.31
N GLY A 974 12.27 -20.34 -24.69
CA GLY A 974 11.73 -21.61 -24.30
C GLY A 974 11.94 -22.69 -25.35
N LEU A 975 11.35 -23.84 -25.06
CA LEU A 975 11.36 -25.00 -25.93
C LEU A 975 9.95 -25.26 -26.47
N ASN A 976 9.90 -26.14 -27.47
CA ASN A 976 8.65 -26.54 -28.09
C ASN A 976 8.15 -27.84 -27.47
N VAL A 977 7.76 -27.78 -26.20
CA VAL A 977 7.23 -28.93 -25.48
C VAL A 977 5.80 -28.59 -25.10
N PRO A 978 4.84 -29.51 -25.30
CA PRO A 978 3.45 -29.19 -24.96
C PRO A 978 3.20 -28.91 -23.47
N GLY A 979 4.00 -29.50 -22.59
CA GLY A 979 3.73 -29.38 -21.17
C GLY A 979 4.10 -28.06 -20.53
N SER A 980 4.96 -27.25 -21.15
CA SER A 980 5.40 -25.99 -20.58
C SER A 980 4.49 -24.83 -20.94
N LYS A 981 3.42 -25.09 -21.66
CA LYS A 981 2.55 -24.08 -22.21
C LYS A 981 1.48 -23.75 -21.16
N GLU A 982 1.16 -22.47 -21.02
CA GLU A 982 0.20 -22.00 -20.03
C GLU A 982 -1.23 -22.20 -20.54
N ILE A 983 -2.20 -22.15 -19.62
CA ILE A 983 -3.58 -22.50 -20.02
C ILE A 983 -4.25 -21.35 -20.76
N ILE A 984 -3.85 -20.12 -20.48
CA ILE A 984 -4.49 -18.96 -21.09
C ILE A 984 -4.34 -18.97 -22.61
N THR A 985 -3.25 -19.52 -23.12
CA THR A 985 -3.05 -19.58 -24.56
C THR A 985 -4.09 -20.42 -25.28
N PHE A 986 -4.83 -21.26 -24.55
CA PHE A 986 -5.91 -22.02 -25.18
C PHE A 986 -7.26 -21.28 -25.20
N LEU A 987 -7.41 -20.26 -24.36
CA LEU A 987 -8.65 -19.49 -24.30
C LEU A 987 -8.55 -18.19 -25.08
N ARG A 988 -7.34 -17.74 -25.38
CA ARG A 988 -7.16 -16.45 -26.04
C ARG A 988 -7.97 -16.43 -27.31
N GLN A 989 -7.92 -17.52 -28.09
CA GLN A 989 -8.66 -17.58 -29.34
C GLN A 989 -10.16 -17.37 -29.15
N THR A 990 -10.73 -17.86 -28.05
CA THR A 990 -12.16 -17.60 -27.84
C THR A 990 -12.41 -16.13 -27.53
N VAL A 991 -11.57 -15.53 -26.67
CA VAL A 991 -11.80 -14.14 -26.28
C VAL A 991 -11.81 -13.25 -27.51
N ARG A 992 -10.80 -13.40 -28.36
CA ARG A 992 -10.78 -12.63 -29.60
C ARG A 992 -12.07 -12.77 -30.39
N GLU A 993 -12.64 -13.97 -30.48
CA GLU A 993 -13.88 -14.14 -31.23
C GLU A 993 -15.02 -13.31 -30.63
N ASN A 994 -15.17 -13.33 -29.30
CA ASN A 994 -16.23 -12.51 -28.72
C ASN A 994 -16.03 -11.03 -29.00
N ILE A 995 -14.78 -10.59 -29.10
CA ILE A 995 -14.51 -9.19 -29.41
C ILE A 995 -15.08 -8.82 -30.77
N THR A 996 -15.07 -9.74 -31.73
CA THR A 996 -15.60 -9.32 -33.03
C THR A 996 -17.12 -9.46 -33.11
N ILE A 997 -17.78 -9.82 -32.03
CA ILE A 997 -19.23 -9.97 -32.00
C ILE A 997 -19.89 -8.89 -31.16
N THR A 998 -19.37 -8.65 -29.96
CA THR A 998 -20.05 -7.81 -28.99
C THR A 998 -19.45 -6.42 -28.90
N SER A 999 -18.61 -6.03 -29.86
CA SER A 999 -17.92 -4.76 -29.80
C SER A 999 -18.50 -3.75 -30.79
N GLN A 1000 -18.74 -2.54 -30.30
CA GLN A 1000 -19.07 -1.39 -31.14
C GLN A 1000 -18.02 -0.30 -31.09
N ASN A 1001 -17.02 -0.42 -30.21
CA ASN A 1001 -16.03 0.63 -30.11
C ASN A 1001 -15.28 0.74 -31.43
N ARG A 1002 -15.09 1.96 -31.90
CA ARG A 1002 -14.42 2.15 -33.19
C ARG A 1002 -12.93 1.85 -33.09
N ILE A 1003 -12.30 2.21 -31.96
CA ILE A 1003 -10.87 1.94 -31.77
C ILE A 1003 -10.59 0.43 -31.80
N ILE A 1004 -11.40 -0.34 -31.07
CA ILE A 1004 -11.20 -1.79 -31.01
C ILE A 1004 -11.49 -2.42 -32.38
N ASN A 1005 -12.56 -2.01 -33.05
CA ASN A 1005 -12.88 -2.59 -34.36
C ASN A 1005 -11.80 -2.27 -35.38
N SER A 1006 -11.16 -1.11 -35.27
CA SER A 1006 -10.09 -0.76 -36.19
C SER A 1006 -8.80 -1.51 -35.84
N LEU A 1007 -8.54 -1.76 -34.56
CA LEU A 1007 -7.35 -2.51 -34.19
C LEU A 1007 -7.49 -3.98 -34.55
N PHE A 1008 -8.64 -4.57 -34.26
CA PHE A 1008 -8.89 -5.97 -34.61
C PHE A 1008 -9.66 -6.06 -35.92
N HIS A 1009 -9.04 -5.60 -37.00
CA HIS A 1009 -9.75 -5.59 -38.28
C HIS A 1009 -9.84 -7.01 -38.83
N ILE A 1010 -10.41 -7.11 -40.03
CA ILE A 1010 -10.81 -8.41 -40.55
C ILE A 1010 -9.59 -9.30 -40.87
N GLY A 1011 -8.49 -8.70 -41.32
CA GLY A 1011 -7.35 -9.51 -41.72
C GLY A 1011 -6.15 -9.33 -40.81
N SER A 1012 -6.40 -9.25 -39.50
CA SER A 1012 -5.30 -9.07 -38.55
C SER A 1012 -4.52 -10.35 -38.32
N ASP A 1013 -5.18 -11.52 -38.37
CA ASP A 1013 -4.48 -12.79 -38.17
C ASP A 1013 -3.43 -13.01 -39.24
N LEU A 1014 -3.76 -12.69 -40.49
CA LEU A 1014 -2.77 -12.83 -41.55
C LEU A 1014 -1.58 -11.90 -41.34
N GLU A 1015 -1.81 -10.66 -40.88
CA GLU A 1015 -0.68 -9.77 -40.59
C GLU A 1015 0.22 -10.33 -39.49
N ASP A 1016 -0.36 -10.85 -38.41
CA ASP A 1016 0.48 -11.42 -37.35
C ASP A 1016 1.32 -12.57 -37.89
N GLN A 1017 0.69 -13.46 -38.65
CA GLN A 1017 1.42 -14.59 -39.21
C GLN A 1017 2.57 -14.14 -40.11
N ARG A 1018 2.30 -13.17 -40.98
CA ARG A 1018 3.33 -12.71 -41.92
C ARG A 1018 4.47 -12.00 -41.22
N VAL A 1019 4.18 -11.15 -40.24
CA VAL A 1019 5.26 -10.45 -39.54
C VAL A 1019 6.14 -11.43 -38.77
N CYS A 1020 5.54 -12.40 -38.06
CA CYS A 1020 6.38 -13.36 -37.33
C CYS A 1020 7.20 -14.21 -38.27
N GLU A 1021 6.66 -14.60 -39.43
CA GLU A 1021 7.47 -15.38 -40.35
C GLU A 1021 8.60 -14.53 -40.89
N TRP A 1022 8.39 -13.24 -41.09
CA TRP A 1022 9.47 -12.42 -41.62
C TRP A 1022 10.57 -12.18 -40.61
N LEU A 1023 10.23 -11.99 -39.33
CA LEU A 1023 11.24 -11.67 -38.34
C LEU A 1023 12.24 -12.82 -38.14
N LEU A 1024 11.86 -14.04 -38.52
CA LEU A 1024 12.73 -15.20 -38.38
C LEU A 1024 13.31 -15.65 -39.73
N SER A 1025 13.45 -14.73 -40.68
CA SER A 1025 13.92 -15.05 -42.02
C SER A 1025 15.35 -14.57 -42.28
N SER A 1026 16.03 -14.01 -41.27
CA SER A 1026 17.42 -13.61 -41.39
C SER A 1026 18.31 -14.83 -41.48
N ASN A 1027 19.52 -14.69 -42.05
CA ASN A 1027 20.35 -15.88 -42.24
C ASN A 1027 20.81 -16.55 -40.96
N PRO A 1028 21.40 -15.85 -39.99
CA PRO A 1028 21.40 -16.43 -38.63
C PRO A 1028 20.18 -15.90 -37.89
N VAL A 1029 19.37 -16.76 -37.30
CA VAL A 1029 18.15 -16.29 -36.64
C VAL A 1029 18.50 -15.80 -35.24
N MET A 1030 17.94 -14.68 -34.82
CA MET A 1030 18.12 -14.21 -33.47
C MET A 1030 16.75 -13.97 -32.84
N SER A 1031 16.37 -14.83 -31.90
CA SER A 1031 15.02 -14.78 -31.36
C SER A 1031 14.79 -13.62 -30.40
N ARG A 1032 15.81 -13.19 -29.65
CA ARG A 1032 15.63 -12.03 -28.78
C ARG A 1032 15.31 -10.77 -29.58
N PHE A 1033 16.01 -10.57 -30.69
CA PHE A 1033 15.73 -9.41 -31.54
C PHE A 1033 14.31 -9.49 -32.11
N ALA A 1034 13.88 -10.68 -32.52
CA ALA A 1034 12.54 -10.84 -33.05
C ALA A 1034 11.48 -10.48 -32.01
N ALA A 1035 11.66 -10.93 -30.76
CA ALA A 1035 10.69 -10.58 -29.71
C ALA A 1035 10.67 -9.09 -29.43
N ASP A 1036 11.85 -8.45 -29.36
CA ASP A 1036 11.88 -7.02 -29.09
C ASP A 1036 11.17 -6.23 -30.16
N ILE A 1037 11.35 -6.62 -31.43
CA ILE A 1037 10.66 -5.91 -32.51
C ILE A 1037 9.17 -6.18 -32.49
N PHE A 1038 8.78 -7.43 -32.29
CA PHE A 1038 7.36 -7.77 -32.33
C PHE A 1038 6.58 -7.04 -31.26
N SER A 1039 7.20 -6.74 -30.12
CA SER A 1039 6.45 -6.04 -29.09
C SER A 1039 6.07 -4.63 -29.50
N ARG A 1040 6.69 -4.05 -30.55
CA ARG A 1040 6.42 -2.64 -30.81
C ARG A 1040 5.62 -2.42 -32.08
N THR A 1041 5.43 -3.46 -32.88
CA THR A 1041 4.57 -3.39 -34.04
C THR A 1041 3.12 -3.43 -33.57
N PRO A 1042 2.16 -3.11 -34.45
CA PRO A 1042 0.75 -3.20 -34.02
C PRO A 1042 0.32 -4.58 -33.54
N SER A 1043 1.02 -5.66 -33.91
CA SER A 1043 0.72 -6.97 -33.34
C SER A 1043 0.97 -7.02 -31.82
N GLY A 1044 2.02 -6.37 -31.35
CA GLY A 1044 2.27 -6.30 -29.92
C GLY A 1044 1.17 -5.54 -29.17
N LYS A 1045 0.70 -4.43 -29.76
CA LYS A 1045 -0.40 -3.70 -29.15
C LYS A 1045 -1.64 -4.56 -29.09
N ARG A 1046 -1.87 -5.33 -30.14
CA ARG A 1046 -3.04 -6.20 -30.15
C ARG A 1046 -2.96 -7.24 -29.03
N LEU A 1047 -1.77 -7.81 -28.82
CA LEU A 1047 -1.59 -8.75 -27.71
C LEU A 1047 -1.76 -8.08 -26.35
N GLN A 1048 -1.25 -6.86 -26.17
CA GLN A 1048 -1.43 -6.16 -24.89
C GLN A 1048 -2.90 -5.96 -24.56
N VAL A 1049 -3.68 -5.51 -25.55
CA VAL A 1049 -5.10 -5.27 -25.32
C VAL A 1049 -5.81 -6.58 -24.99
N LEU A 1050 -5.46 -7.66 -25.68
CA LEU A 1050 -6.01 -8.96 -25.30
C LEU A 1050 -5.72 -9.27 -23.84
N GLY A 1051 -4.49 -9.03 -23.39
CA GLY A 1051 -4.17 -9.29 -21.99
C GLY A 1051 -4.98 -8.48 -21.00
N TYR A 1052 -5.26 -7.21 -21.31
CA TYR A 1052 -6.11 -6.40 -20.42
C TYR A 1052 -7.52 -6.97 -20.35
N LEU A 1053 -8.07 -7.40 -21.47
CA LEU A 1053 -9.48 -7.76 -21.49
C LEU A 1053 -9.73 -9.19 -21.03
N GLU A 1054 -8.69 -9.98 -20.80
CA GLU A 1054 -8.88 -11.39 -20.45
C GLU A 1054 -9.55 -11.53 -19.09
N GLY A 1055 -9.13 -10.75 -18.10
CA GLY A 1055 -9.66 -10.96 -16.77
C GLY A 1055 -11.07 -10.44 -16.64
N THR A 1056 -12.01 -11.05 -17.36
CA THR A 1056 -13.41 -10.64 -17.36
C THR A 1056 -14.33 -11.86 -17.32
N ARG A 1057 -15.63 -11.57 -17.29
CA ARG A 1057 -16.70 -12.55 -17.36
C ARG A 1057 -17.56 -12.26 -18.59
N THR A 1058 -18.21 -13.33 -19.11
CA THR A 1058 -19.11 -13.40 -20.26
C THR A 1058 -18.45 -12.94 -21.55
N LEU A 1059 -17.17 -12.58 -21.43
CA LEU A 1059 -16.30 -12.30 -22.57
C LEU A 1059 -15.32 -13.45 -22.75
N LEU A 1060 -14.62 -13.82 -21.66
CA LEU A 1060 -13.82 -15.04 -21.66
C LEU A 1060 -14.70 -16.29 -21.64
N ALA A 1061 -15.83 -16.22 -20.91
CA ALA A 1061 -16.65 -17.41 -20.66
C ALA A 1061 -17.29 -17.97 -21.94
N SER A 1062 -17.92 -17.12 -22.75
CA SER A 1062 -18.67 -17.61 -23.91
C SER A 1062 -17.78 -18.13 -25.05
N GLY A 1071 -21.93 -26.96 -20.93
CA GLY A 1071 -22.08 -26.93 -22.38
C GLY A 1071 -20.91 -27.58 -23.10
N THR A 1072 -20.43 -26.92 -24.17
CA THR A 1072 -19.27 -27.44 -24.87
C THR A 1072 -17.98 -26.85 -24.31
N MET A 1073 -18.07 -25.67 -23.67
CA MET A 1073 -16.91 -25.09 -22.97
C MET A 1073 -16.42 -25.96 -21.83
N LEU A 1074 -17.34 -26.54 -21.08
CA LEU A 1074 -16.90 -27.43 -20.02
C LEU A 1074 -16.16 -28.63 -20.60
N MET A 1075 -16.68 -29.23 -21.68
CA MET A 1075 -16.00 -30.36 -22.29
C MET A 1075 -14.64 -30.00 -22.87
N LYS A 1076 -14.53 -28.85 -23.52
CA LYS A 1076 -13.22 -28.44 -24.01
C LYS A 1076 -12.22 -28.34 -22.86
N LEU A 1077 -12.61 -27.68 -21.76
CA LEU A 1077 -11.68 -27.53 -20.63
C LEU A 1077 -11.33 -28.86 -19.96
N ARG A 1078 -12.30 -29.77 -19.81
CA ARG A 1078 -12.01 -31.06 -19.18
C ARG A 1078 -11.02 -31.86 -20.03
N GLU A 1079 -11.20 -31.87 -21.34
CA GLU A 1079 -10.27 -32.61 -22.18
C GLU A 1079 -8.87 -32.00 -22.15
N LEU A 1080 -8.77 -30.65 -22.15
CA LEU A 1080 -7.43 -30.05 -22.03
C LEU A 1080 -6.75 -30.46 -20.74
N THR A 1081 -7.50 -30.44 -19.64
CA THR A 1081 -6.90 -30.79 -18.35
C THR A 1081 -6.39 -32.23 -18.32
N ARG A 1082 -7.17 -33.17 -18.84
CA ARG A 1082 -6.68 -34.55 -18.84
C ARG A 1082 -5.43 -34.68 -19.70
N ASN A 1083 -5.39 -34.00 -20.85
CA ASN A 1083 -4.18 -34.07 -21.69
C ASN A 1083 -2.95 -33.52 -20.96
N ARG A 1084 -3.12 -32.40 -20.25
CA ARG A 1084 -2.00 -31.80 -19.52
C ARG A 1084 -1.51 -32.75 -18.43
N TRP A 1085 -2.43 -33.42 -17.71
CA TRP A 1085 -1.96 -34.34 -16.67
C TRP A 1085 -1.19 -35.50 -17.26
N LYS A 1086 -1.63 -36.06 -18.39
CA LYS A 1086 -0.86 -37.14 -19.04
C LYS A 1086 0.55 -36.67 -19.41
N SER A 1087 0.69 -35.45 -19.94
CA SER A 1087 2.04 -35.00 -20.30
C SER A 1087 2.91 -34.73 -19.08
N TRP A 1088 2.36 -34.22 -17.97
CA TRP A 1088 3.22 -33.91 -16.81
C TRP A 1088 3.70 -35.18 -16.13
N PHE A 1089 2.81 -36.14 -15.91
CA PHE A 1089 3.13 -37.25 -15.01
C PHE A 1089 3.52 -38.55 -15.73
N SER A 1090 3.75 -38.54 -17.06
CA SER A 1090 4.28 -39.69 -17.78
C SER A 1090 5.49 -39.25 -18.58
N TYR A 1091 6.61 -39.92 -18.33
CA TYR A 1091 7.84 -39.59 -19.05
C TYR A 1091 8.30 -40.68 -19.98
N ILE A 1092 7.78 -41.90 -19.85
CA ILE A 1092 8.10 -42.91 -20.84
C ILE A 1092 7.24 -42.74 -22.08
N ASP A 1093 6.03 -42.16 -21.95
CA ASP A 1093 5.20 -41.95 -23.13
C ASP A 1093 5.83 -40.94 -24.09
N ALA A 1094 6.40 -39.87 -23.54
CA ALA A 1094 7.03 -38.83 -24.35
C ALA A 1094 8.53 -39.10 -24.40
N LEU A 1095 9.01 -39.65 -25.52
CA LEU A 1095 10.43 -39.91 -25.71
C LEU A 1095 10.78 -39.88 -27.18
N ASP A 1096 11.97 -39.39 -27.49
CA ASP A 1096 12.59 -39.49 -28.81
C ASP A 1096 13.91 -40.22 -28.61
N ASP A 1097 13.93 -41.52 -28.92
CA ASP A 1097 15.14 -42.30 -28.69
C ASP A 1097 16.32 -41.76 -29.50
N ASP A 1098 16.07 -41.24 -30.70
CA ASP A 1098 17.12 -40.62 -31.51
C ASP A 1098 17.70 -39.39 -30.80
N LEU A 1099 16.84 -38.54 -30.24
CA LEU A 1099 17.31 -37.35 -29.56
C LEU A 1099 18.16 -37.71 -28.34
N SER A 1100 17.72 -38.70 -27.56
CA SER A 1100 18.50 -39.13 -26.41
C SER A 1100 19.85 -39.70 -26.84
N GLU A 1101 19.85 -40.50 -27.90
CA GLU A 1101 21.11 -41.04 -28.41
C GLU A 1101 22.06 -39.94 -28.86
N SER A 1102 21.52 -38.88 -29.47
CA SER A 1102 22.37 -37.77 -29.91
C SER A 1102 22.88 -36.96 -28.72
N LEU A 1103 22.06 -36.79 -27.68
CA LEU A 1103 22.45 -35.95 -26.57
C LEU A 1103 23.47 -36.60 -25.64
N GLU A 1104 23.53 -37.93 -25.58
CA GLU A 1104 24.37 -38.54 -24.56
C GLU A 1104 25.87 -38.21 -24.72
N LYS A 1105 26.31 -37.67 -25.87
CA LYS A 1105 27.74 -37.40 -26.06
C LYS A 1105 28.22 -36.13 -25.36
N PHE A 1106 27.35 -35.16 -25.17
CA PHE A 1106 27.78 -33.87 -24.63
C PHE A 1106 27.96 -33.96 -23.13
N THR A 1107 28.80 -33.06 -22.62
CA THR A 1107 29.05 -32.99 -21.18
C THR A 1107 28.81 -31.59 -20.62
N CYS A 1108 29.07 -30.55 -21.40
CA CYS A 1108 28.75 -29.21 -20.94
C CYS A 1108 27.29 -28.90 -21.10
N THR A 1109 26.78 -28.06 -20.21
CA THR A 1109 25.37 -27.74 -20.27
C THR A 1109 25.08 -26.76 -21.43
N VAL A 1110 26.08 -26.01 -21.89
CA VAL A 1110 25.85 -25.09 -23.00
C VAL A 1110 25.65 -25.86 -24.30
N ASP A 1111 26.44 -26.89 -24.53
CA ASP A 1111 26.25 -27.70 -25.73
C ASP A 1111 24.89 -28.37 -25.71
N VAL A 1112 24.49 -28.88 -24.55
CA VAL A 1112 23.19 -29.53 -24.47
C VAL A 1112 22.07 -28.55 -24.78
N ALA A 1113 22.14 -27.34 -24.23
CA ALA A 1113 21.08 -26.37 -24.52
C ALA A 1113 21.05 -26.00 -25.99
N ASN A 1114 22.20 -25.82 -26.61
CA ASN A 1114 22.21 -25.47 -28.03
C ASN A 1114 21.59 -26.57 -28.87
N PHE A 1115 21.95 -27.82 -28.60
CA PHE A 1115 21.39 -28.92 -29.38
C PHE A 1115 19.88 -29.05 -29.18
N LEU A 1116 19.40 -28.90 -27.96
CA LEU A 1116 17.96 -28.98 -27.70
C LEU A 1116 17.20 -27.87 -28.41
N ARG A 1117 17.70 -26.63 -28.36
CA ARG A 1117 17.00 -25.55 -29.05
C ARG A 1117 17.00 -25.77 -30.55
N ALA A 1118 18.10 -26.26 -31.11
CA ALA A 1118 18.13 -26.52 -32.54
C ALA A 1118 17.15 -27.61 -32.94
N TYR A 1119 17.07 -28.69 -32.16
CA TYR A 1119 16.20 -29.81 -32.52
C TYR A 1119 14.74 -29.48 -32.31
N SER A 1120 14.42 -28.74 -31.27
CA SER A 1120 13.02 -28.53 -30.91
C SER A 1120 12.32 -27.64 -31.92
N TRP A 1121 13.02 -26.67 -32.50
CA TRP A 1121 12.44 -25.70 -33.43
C TRP A 1121 12.93 -25.92 -34.86
N SER A 1122 13.13 -27.18 -35.26
CA SER A 1122 13.70 -27.43 -36.57
C SER A 1122 12.76 -26.97 -37.69
N ASP A 1123 11.45 -27.14 -37.52
CA ASP A 1123 10.51 -26.75 -38.58
C ASP A 1123 10.50 -25.25 -38.84
N VAL A 1124 10.57 -24.45 -37.78
CA VAL A 1124 10.60 -23.01 -37.96
C VAL A 1124 11.93 -22.55 -38.55
N LEU A 1125 13.05 -23.14 -38.11
CA LEU A 1125 14.37 -22.64 -38.50
C LEU A 1125 14.76 -22.98 -39.93
N LYS A 1126 14.26 -24.09 -40.49
CA LYS A 1126 14.50 -24.45 -41.89
C LYS A 1126 15.99 -24.57 -42.22
N GLY A 1127 16.78 -25.12 -41.31
CA GLY A 1127 18.19 -25.36 -41.56
C GLY A 1127 19.12 -24.23 -41.16
N LYS A 1128 18.61 -23.03 -40.95
CA LYS A 1128 19.45 -21.94 -40.47
C LYS A 1128 19.78 -22.14 -39.00
N ARG A 1129 20.77 -21.41 -38.50
CA ARG A 1129 21.26 -21.63 -37.16
C ARG A 1129 20.93 -20.45 -36.25
N LEU A 1130 20.63 -20.75 -34.97
CA LEU A 1130 20.14 -19.79 -33.99
C LEU A 1130 21.27 -19.22 -33.14
N ILE A 1131 21.22 -17.92 -32.88
CA ILE A 1131 22.24 -17.25 -32.08
C ILE A 1131 21.59 -16.33 -31.06
N GLY A 1132 22.37 -15.99 -30.04
CA GLY A 1132 21.91 -14.99 -29.11
C GLY A 1132 20.96 -15.46 -28.04
N ALA A 1133 20.81 -16.78 -27.84
CA ALA A 1133 19.87 -17.28 -26.85
C ALA A 1133 20.57 -17.97 -25.70
N THR A 1134 21.62 -18.75 -25.97
CA THR A 1134 22.25 -19.58 -24.94
C THR A 1134 23.35 -18.81 -24.23
N LEU A 1135 23.26 -18.76 -22.90
CA LEU A 1135 24.26 -18.19 -22.02
C LEU A 1135 24.57 -19.16 -20.91
N PRO A 1136 25.81 -19.19 -20.43
CA PRO A 1136 26.19 -20.15 -19.39
C PRO A 1136 25.53 -19.85 -18.06
N CYS A 1137 25.40 -20.90 -17.27
CA CYS A 1137 24.94 -20.76 -15.90
C CYS A 1137 26.07 -20.23 -15.04
N LEU A 1138 25.79 -19.21 -14.22
CA LEU A 1138 26.88 -18.66 -13.41
C LEU A 1138 27.39 -19.68 -12.41
N LEU A 1139 26.49 -20.46 -11.80
CA LEU A 1139 26.93 -21.42 -10.80
C LEU A 1139 27.74 -22.54 -11.39
N GLU A 1140 27.74 -22.70 -12.70
CA GLU A 1140 28.63 -23.67 -13.35
C GLU A 1140 29.87 -23.03 -13.94
N GLN A 1141 29.84 -21.73 -14.20
CA GLN A 1141 30.97 -21.08 -14.82
C GLN A 1141 32.02 -20.68 -13.80
N PHE A 1142 31.61 -20.30 -12.57
CA PHE A 1142 32.51 -19.87 -11.49
C PHE A 1142 32.44 -20.82 -10.31
N GLU A 1143 33.57 -21.10 -9.68
CA GLU A 1143 33.57 -21.90 -8.46
C GLU A 1143 34.17 -21.10 -7.28
N VAL A 1144 33.70 -21.40 -6.07
CA VAL A 1144 34.12 -20.67 -4.88
C VAL A 1144 35.29 -21.38 -4.23
N LYS A 1145 36.38 -20.63 -4.03
CA LYS A 1145 37.59 -21.14 -3.39
C LYS A 1145 37.92 -20.25 -2.18
N TRP A 1146 38.10 -20.87 -1.01
CA TRP A 1146 38.27 -20.12 0.25
C TRP A 1146 39.75 -19.88 0.52
N ILE A 1147 40.11 -18.62 0.71
CA ILE A 1147 41.51 -18.24 0.88
C ILE A 1147 41.88 -18.11 2.34
N ASN A 1148 41.09 -17.36 3.10
CA ASN A 1148 41.41 -17.19 4.49
C ASN A 1148 40.15 -17.11 5.32
N LEU A 1149 40.12 -17.90 6.39
CA LEU A 1149 39.06 -17.93 7.37
C LEU A 1149 39.68 -17.80 8.75
N SER A 1150 39.04 -17.02 9.63
CA SER A 1150 39.56 -16.82 10.96
C SER A 1150 39.42 -18.10 11.78
N GLU A 1151 39.99 -18.09 12.98
CA GLU A 1151 40.04 -19.33 13.77
C GLU A 1151 38.69 -19.70 14.39
N ASP A 1152 37.85 -18.72 14.73
CA ASP A 1152 36.57 -19.00 15.36
C ASP A 1152 35.52 -19.53 14.38
N LEU A 1153 35.70 -19.29 13.07
CA LEU A 1153 34.80 -19.83 12.05
C LEU A 1153 35.24 -21.20 11.57
N ARG A 1154 36.52 -21.54 11.67
CA ARG A 1154 36.96 -22.86 11.28
C ARG A 1154 36.33 -23.92 12.18
N GLU A 1155 36.19 -23.63 13.47
CA GLU A 1155 35.52 -24.57 14.37
C GLU A 1155 34.04 -24.73 14.03
N GLN A 1156 33.37 -23.64 13.64
CA GLN A 1156 31.95 -23.75 13.34
C GLN A 1156 31.68 -24.46 12.02
N PHE A 1157 32.55 -24.33 11.04
CA PHE A 1157 32.36 -25.03 9.76
C PHE A 1157 32.95 -26.44 9.75
N ASN A 1158 33.52 -26.89 10.88
CA ASN A 1158 33.98 -28.27 11.08
C ASN A 1158 35.02 -28.67 10.04
N LEU A 1159 35.92 -27.75 9.75
CA LEU A 1159 36.99 -28.01 8.80
C LEU A 1159 38.34 -27.96 9.51
N SER A 1160 39.23 -28.85 9.07
CA SER A 1160 40.59 -28.97 9.57
C SER A 1160 41.56 -28.80 8.40
N SER A 1161 42.67 -28.11 8.66
CA SER A 1161 43.69 -27.86 7.63
C SER A 1161 44.94 -28.71 7.88
N LEU A 1187 46.02 -16.65 -14.13
CA LEU A 1187 44.74 -16.98 -13.51
C LEU A 1187 43.74 -15.82 -13.48
N ASN A 1188 42.45 -16.14 -13.66
CA ASN A 1188 41.39 -15.15 -13.66
C ASN A 1188 40.35 -15.43 -12.58
N TYR A 1189 40.06 -14.44 -11.75
CA TYR A 1189 39.12 -14.61 -10.65
C TYR A 1189 38.61 -13.27 -10.17
N VAL A 1190 37.49 -13.30 -9.47
CA VAL A 1190 36.96 -12.15 -8.73
C VAL A 1190 37.33 -12.35 -7.27
N SER A 1191 37.70 -11.29 -6.55
CA SER A 1191 38.12 -11.43 -5.15
C SER A 1191 37.14 -10.75 -4.20
N CYS A 1192 36.74 -11.44 -3.12
CA CYS A 1192 35.77 -10.88 -2.18
C CYS A 1192 36.24 -11.02 -0.73
N ALA A 1193 35.93 -10.01 0.08
CA ALA A 1193 36.36 -10.01 1.46
C ALA A 1193 35.28 -9.34 2.31
N LEU A 1194 35.45 -9.43 3.61
CA LEU A 1194 34.50 -8.84 4.55
C LEU A 1194 35.16 -7.64 5.20
N ASP A 1195 34.45 -6.52 5.22
CA ASP A 1195 34.98 -5.30 5.81
C ASP A 1195 34.94 -5.36 7.33
N ARG A 1196 36.07 -5.12 7.98
CA ARG A 1196 36.12 -5.26 9.44
C ARG A 1196 35.49 -4.10 10.16
N LYS A 1197 35.35 -2.94 9.54
CA LYS A 1197 34.84 -1.77 10.25
C LYS A 1197 33.30 -1.77 10.24
N VAL A 1198 32.70 -1.57 11.41
CA VAL A 1198 31.24 -1.54 11.59
C VAL A 1198 30.81 -0.15 12.00
N VAL A 1199 29.74 0.34 11.37
CA VAL A 1199 29.19 1.67 11.61
C VAL A 1199 28.04 1.64 12.62
N GLN A 1200 27.03 0.79 12.39
CA GLN A 1200 25.88 0.65 13.29
C GLN A 1200 25.62 -0.82 13.55
N LYS A 1201 24.91 -1.11 14.64
CA LYS A 1201 24.59 -2.50 14.95
C LYS A 1201 23.40 -2.53 15.88
N HIS A 1202 22.51 -3.49 15.66
CA HIS A 1202 21.33 -3.66 16.52
C HIS A 1202 20.90 -5.12 16.50
N PRO A 1203 20.99 -5.84 17.63
CA PRO A 1203 21.40 -5.48 18.98
C PRO A 1203 22.89 -5.61 19.29
N SER A 1204 23.66 -6.40 18.54
CA SER A 1204 25.07 -6.56 18.83
C SER A 1204 25.80 -6.83 17.52
N VAL A 1205 27.05 -7.23 17.60
CA VAL A 1205 27.88 -7.42 16.43
C VAL A 1205 28.00 -8.92 16.10
N ASN A 1206 27.17 -9.76 16.74
CA ASN A 1206 27.30 -11.21 16.69
C ASN A 1206 26.73 -11.87 15.45
N ARG A 1207 25.92 -11.20 14.64
CA ARG A 1207 25.48 -11.77 13.37
C ARG A 1207 25.78 -10.80 12.26
N LEU A 1208 26.09 -11.32 11.09
CA LEU A 1208 26.42 -10.41 10.01
C LEU A 1208 25.21 -9.58 9.56
N ALA A 1209 24.01 -10.09 9.69
CA ALA A 1209 22.85 -9.33 9.22
C ALA A 1209 22.33 -8.33 10.22
N TRP A 1210 22.96 -8.22 11.39
CA TRP A 1210 22.60 -7.25 12.42
C TRP A 1210 23.41 -5.96 12.33
N THR A 1211 24.32 -5.82 11.37
CA THR A 1211 25.27 -4.72 11.34
C THR A 1211 25.31 -4.09 9.94
N ILE A 1212 25.85 -2.85 9.82
CA ILE A 1212 26.11 -2.27 8.50
C ILE A 1212 27.51 -1.64 8.47
N GLY A 1213 27.97 -1.31 7.27
CA GLY A 1213 29.30 -0.73 7.06
C GLY A 1213 29.32 0.45 6.10
N ASN A 1214 30.40 0.61 5.34
CA ASN A 1214 30.61 1.77 4.49
C ASN A 1214 30.44 1.54 3.00
N ARG A 1215 30.62 0.31 2.54
CA ARG A 1215 30.79 -0.01 1.14
C ARG A 1215 29.48 0.18 0.36
N ALA A 1216 29.61 0.13 -0.96
CA ALA A 1216 28.49 0.22 -1.88
C ALA A 1216 28.93 -0.39 -3.21
N PRO A 1217 28.98 -1.73 -3.32
CA PRO A 1217 29.54 -2.35 -4.54
C PRO A 1217 28.63 -2.26 -5.77
N TYR A 1218 27.35 -1.98 -5.59
CA TYR A 1218 26.42 -1.91 -6.72
C TYR A 1218 26.54 -0.57 -7.44
N ILE A 1219 27.00 0.47 -6.75
CA ILE A 1219 27.16 1.80 -7.36
C ILE A 1219 28.22 1.76 -8.46
N GLY A 1220 29.27 0.96 -8.26
CA GLY A 1220 30.28 0.84 -9.30
C GLY A 1220 29.71 0.35 -10.62
N SER A 1221 28.79 -0.63 -10.57
CA SER A 1221 28.15 -1.14 -11.78
C SER A 1221 26.75 -0.53 -11.98
N PRO A 1230 22.66 11.68 -27.92
CA PRO A 1230 21.33 12.07 -28.42
C PRO A 1230 21.28 13.56 -28.79
N PRO A 1231 21.53 13.87 -30.07
CA PRO A 1231 21.51 15.30 -30.50
C PRO A 1231 20.19 16.02 -30.28
N LEU A 1232 19.05 15.35 -30.37
CA LEU A 1232 17.75 15.99 -30.20
C LEU A 1232 16.94 15.18 -29.19
N ARG A 1233 15.97 15.85 -28.57
CA ARG A 1233 15.14 15.20 -27.58
C ARG A 1233 13.87 16.02 -27.45
N VAL A 1234 12.70 15.38 -27.56
CA VAL A 1234 11.42 16.09 -27.56
C VAL A 1234 10.91 16.19 -26.13
N ASN A 1235 10.28 17.34 -25.82
CA ASN A 1235 9.76 17.57 -24.49
C ASN A 1235 8.74 16.51 -24.09
N CYS A 1236 7.74 16.29 -24.94
CA CYS A 1236 6.65 15.36 -24.67
C CYS A 1236 6.58 14.35 -25.80
N PRO A 1237 7.33 13.25 -25.71
CA PRO A 1237 7.23 12.19 -26.73
C PRO A 1237 6.14 11.19 -26.38
N SER A 1238 5.26 10.89 -27.33
CA SER A 1238 4.21 9.91 -27.10
C SER A 1238 4.82 8.50 -27.05
N ALA A 1239 3.99 7.52 -26.64
CA ALA A 1239 4.45 6.13 -26.60
C ALA A 1239 4.83 5.63 -27.98
N ALA A 1240 4.04 6.02 -29.00
CA ALA A 1240 4.32 5.57 -30.36
C ALA A 1240 5.71 6.02 -30.81
N LEU A 1241 6.06 7.28 -30.55
CA LEU A 1241 7.39 7.75 -30.93
C LEU A 1241 8.50 7.04 -30.16
N LYS A 1242 8.31 6.81 -28.86
CA LYS A 1242 9.34 6.09 -28.13
C LYS A 1242 9.58 4.72 -28.74
N GLU A 1243 8.49 3.99 -29.05
CA GLU A 1243 8.65 2.65 -29.61
C GLU A 1243 9.23 2.67 -31.02
N ALA A 1244 8.86 3.65 -31.85
CA ALA A 1244 9.47 3.73 -33.18
C ALA A 1244 10.96 3.97 -33.07
N ILE A 1245 11.38 4.84 -32.16
CA ILE A 1245 12.80 5.11 -31.98
C ILE A 1245 13.53 3.86 -31.53
N GLU A 1246 12.93 3.10 -30.61
CA GLU A 1246 13.59 1.88 -30.16
C GLU A 1246 13.74 0.87 -31.29
N MET A 1247 12.71 0.70 -32.11
CA MET A 1247 12.79 -0.22 -33.24
C MET A 1247 13.89 0.18 -34.22
N VAL A 1248 13.95 1.48 -34.55
CA VAL A 1248 14.98 1.95 -35.47
C VAL A 1248 16.37 1.69 -34.90
N SER A 1249 16.55 2.01 -33.61
CA SER A 1249 17.83 1.81 -32.96
C SER A 1249 18.26 0.34 -33.01
N ARG A 1250 17.36 -0.56 -32.59
CA ARG A 1250 17.71 -1.98 -32.57
C ARG A 1250 18.02 -2.49 -33.96
N LEU A 1251 17.17 -2.14 -34.94
CA LEU A 1251 17.38 -2.72 -36.25
C LEU A 1251 18.64 -2.16 -36.90
N LEU A 1252 18.97 -0.88 -36.66
CA LEU A 1252 20.23 -0.36 -37.16
C LEU A 1252 21.41 -1.04 -36.51
N TRP A 1253 21.30 -1.32 -35.23
CA TRP A 1253 22.46 -1.84 -34.56
C TRP A 1253 22.72 -3.30 -35.00
N VAL A 1254 21.66 -4.04 -35.37
CA VAL A 1254 21.81 -5.45 -35.77
C VAL A 1254 22.39 -5.62 -37.17
N THR A 1255 22.01 -4.77 -38.12
CA THR A 1255 22.42 -4.95 -39.50
C THR A 1255 23.79 -4.31 -39.77
N GLN A 1256 24.26 -4.48 -41.00
CA GLN A 1256 25.55 -3.96 -41.40
C GLN A 1256 25.42 -2.55 -41.99
N GLY A 1257 26.51 -1.79 -41.90
CA GLY A 1257 26.50 -0.43 -42.44
C GLY A 1257 26.30 -0.41 -43.94
N THR A 1258 27.00 -1.31 -44.64
CA THR A 1258 26.87 -1.42 -46.10
C THR A 1258 25.72 -2.38 -46.33
N ALA A 1259 24.52 -1.84 -46.18
CA ALA A 1259 23.33 -2.60 -46.35
C ALA A 1259 22.32 -1.63 -46.92
N ASP A 1260 21.06 -2.02 -46.93
CA ASP A 1260 20.18 -1.07 -47.56
C ASP A 1260 19.11 -0.74 -46.50
N ARG A 1261 19.58 -0.33 -45.32
CA ARG A 1261 18.79 -0.17 -44.09
C ARG A 1261 17.47 0.61 -44.23
N GLU A 1262 17.43 1.66 -45.06
CA GLU A 1262 16.20 2.46 -45.10
C GLU A 1262 14.94 1.70 -45.53
N LYS A 1263 15.00 0.88 -46.58
CA LYS A 1263 13.84 0.14 -47.09
C LYS A 1263 13.31 -0.91 -46.12
N LEU A 1264 14.14 -1.38 -45.19
CA LEU A 1264 13.67 -2.29 -44.16
C LEU A 1264 12.98 -1.46 -43.10
N LEU A 1265 13.49 -0.24 -42.87
CA LEU A 1265 12.88 0.55 -41.81
C LEU A 1265 11.54 1.18 -42.21
N ILE A 1266 11.34 1.59 -43.48
CA ILE A 1266 10.08 2.29 -43.82
C ILE A 1266 8.82 1.48 -43.54
N PRO A 1267 8.68 0.22 -43.98
CA PRO A 1267 7.43 -0.49 -43.69
C PRO A 1267 7.15 -0.63 -42.20
N LEU A 1268 8.16 -0.80 -41.35
CA LEU A 1268 7.91 -0.88 -39.90
C LEU A 1268 7.57 0.49 -39.32
N LEU A 1269 8.32 1.52 -39.71
CA LEU A 1269 8.15 2.84 -39.11
C LEU A 1269 6.87 3.53 -39.56
N ASN A 1270 6.41 3.26 -40.80
CA ASN A 1270 5.19 3.88 -41.30
C ASN A 1270 3.95 3.46 -40.55
N SER A 1271 4.02 2.40 -39.76
CA SER A 1271 2.86 1.91 -39.04
C SER A 1271 2.66 2.56 -37.68
N ARG A 1272 3.59 3.39 -37.23
CA ARG A 1272 3.51 3.98 -35.89
C ARG A 1272 3.45 5.49 -35.93
N VAL A 1273 4.33 6.15 -36.70
CA VAL A 1273 4.45 7.60 -36.71
C VAL A 1273 4.42 8.08 -38.15
N ASN A 1274 4.44 9.41 -38.29
CA ASN A 1274 4.34 10.10 -39.57
C ASN A 1274 5.68 10.65 -40.04
N LEU A 1275 6.76 10.46 -39.28
CA LEU A 1275 8.05 10.99 -39.76
C LEU A 1275 8.56 10.26 -40.99
N ASP A 1276 9.32 10.99 -41.78
CA ASP A 1276 10.10 10.35 -42.82
C ASP A 1276 11.34 9.69 -42.18
N TYR A 1277 12.11 8.97 -43.00
CA TYR A 1277 13.25 8.24 -42.46
C TYR A 1277 14.33 9.16 -41.91
N GLN A 1278 14.66 10.22 -42.65
CA GLN A 1278 15.85 10.98 -42.30
C GLN A 1278 15.70 11.73 -40.98
N THR A 1279 14.51 12.26 -40.72
CA THR A 1279 14.30 13.03 -39.50
C THR A 1279 14.51 12.15 -38.27
N VAL A 1280 14.18 10.87 -38.37
CA VAL A 1280 14.26 10.00 -37.21
C VAL A 1280 15.70 9.87 -36.70
N LEU A 1281 16.69 9.75 -37.59
CA LEU A 1281 18.08 9.55 -37.16
C LEU A 1281 18.59 10.69 -36.29
N ASN A 1282 17.94 11.85 -36.36
CA ASN A 1282 18.37 12.99 -35.58
C ASN A 1282 18.14 12.78 -34.09
N PHE A 1283 17.36 11.76 -33.70
CA PHE A 1283 17.09 11.41 -32.32
C PHE A 1283 17.81 10.16 -31.85
N LEU A 1284 18.54 9.49 -32.71
CA LEU A 1284 19.22 8.31 -32.24
C LEU A 1284 20.44 8.70 -31.39
N PRO A 1285 20.68 8.01 -30.27
CA PRO A 1285 21.90 8.27 -29.48
C PRO A 1285 23.17 7.78 -30.18
N THR A 1286 24.32 7.84 -29.50
CA THR A 1286 25.56 7.39 -30.11
C THR A 1286 25.55 5.87 -30.30
N HIS A 1287 26.04 5.44 -31.45
CA HIS A 1287 26.10 4.01 -31.83
C HIS A 1287 27.52 3.72 -32.29
N TYR A 1288 27.67 2.57 -32.99
CA TYR A 1288 28.90 2.14 -33.67
C TYR A 1288 29.93 1.49 -32.74
N SER A 1289 29.52 1.01 -31.57
CA SER A 1289 30.42 0.25 -30.70
C SER A 1289 29.65 -0.96 -30.15
N GLY A 1290 30.19 -2.14 -30.38
CA GLY A 1290 29.61 -3.35 -29.81
C GLY A 1290 29.91 -4.58 -30.64
N ASN A 1291 29.64 -5.73 -30.03
CA ASN A 1291 29.77 -7.06 -30.63
C ASN A 1291 28.39 -7.70 -30.58
N ILE A 1292 27.81 -7.96 -31.76
CA ILE A 1292 26.35 -8.08 -31.90
C ILE A 1292 25.77 -9.16 -30.99
N VAL A 1293 26.35 -10.37 -31.02
CA VAL A 1293 25.83 -11.46 -30.19
C VAL A 1293 25.97 -11.12 -28.70
N HIS A 1294 27.18 -10.71 -28.29
CA HIS A 1294 27.40 -10.40 -26.87
C HIS A 1294 26.76 -9.08 -26.48
N ARG A 1295 26.93 -8.05 -27.30
CA ARG A 1295 26.54 -6.71 -26.88
C ARG A 1295 25.04 -6.50 -27.01
N TYR A 1296 24.30 -7.42 -27.67
CA TYR A 1296 22.85 -7.27 -27.67
C TYR A 1296 22.29 -7.57 -26.29
N ASN A 1297 22.77 -8.65 -25.66
CA ASN A 1297 22.23 -9.09 -24.38
C ASN A 1297 22.43 -8.06 -23.30
N ASP A 1298 23.60 -7.41 -23.26
CA ASP A 1298 23.85 -6.46 -22.18
C ASP A 1298 23.28 -5.08 -22.50
N GLN A 1299 23.24 -4.72 -23.78
CA GLN A 1299 22.72 -3.40 -24.14
C GLN A 1299 21.20 -3.36 -23.99
N TYR A 1300 20.49 -4.39 -24.48
CA TYR A 1300 19.03 -4.37 -24.49
C TYR A 1300 18.39 -5.44 -23.62
N GLY A 1301 19.17 -6.18 -22.84
CA GLY A 1301 18.61 -7.21 -22.01
C GLY A 1301 18.07 -6.66 -20.71
N GLN A 1302 17.53 -7.56 -19.90
CA GLN A 1302 16.98 -7.20 -18.60
C GLN A 1302 17.79 -7.88 -17.52
N HIS A 1303 18.43 -7.09 -16.65
CA HIS A 1303 19.36 -7.61 -15.65
C HIS A 1303 18.83 -7.39 -14.25
N SER A 1304 19.51 -8.05 -13.31
CA SER A 1304 19.27 -7.88 -11.89
C SER A 1304 20.33 -6.93 -11.35
N PHE A 1305 19.89 -5.91 -10.62
CA PHE A 1305 20.81 -4.88 -10.14
C PHE A 1305 21.36 -5.19 -8.75
N MET A 1306 20.92 -6.31 -8.16
CA MET A 1306 21.27 -6.70 -6.82
C MET A 1306 20.97 -8.19 -6.51
N ALA A 1307 21.62 -8.69 -5.45
CA ALA A 1307 21.36 -10.03 -4.99
C ALA A 1307 20.05 -10.10 -4.25
N ASN A 1308 19.44 -11.28 -4.28
CA ASN A 1308 18.14 -11.47 -3.68
C ASN A 1308 18.26 -11.72 -2.19
N ARG A 1309 18.97 -10.85 -1.44
CA ARG A 1309 19.17 -11.00 0.01
C ARG A 1309 18.75 -9.69 0.68
N MET A 1310 18.79 -9.68 2.01
CA MET A 1310 18.63 -8.44 2.74
C MET A 1310 19.82 -7.54 2.47
N SER A 1311 19.58 -6.24 2.46
CA SER A 1311 20.59 -5.35 1.94
C SER A 1311 21.66 -4.97 2.95
N ASN A 1312 21.71 -5.60 4.12
CA ASN A 1312 22.76 -5.23 5.07
C ASN A 1312 24.11 -5.80 4.69
N THR A 1313 24.16 -6.98 4.06
CA THR A 1313 25.47 -7.59 3.77
C THR A 1313 26.24 -6.79 2.73
N SER A 1314 25.56 -6.20 1.74
CA SER A 1314 26.30 -5.50 0.70
C SER A 1314 27.11 -4.38 1.28
N THR A 1315 26.68 -3.78 2.38
CA THR A 1315 27.40 -2.66 2.96
C THR A 1315 28.72 -3.07 3.62
N ARG A 1316 29.03 -4.36 3.72
CA ARG A 1316 30.31 -4.77 4.30
C ARG A 1316 31.13 -5.64 3.38
N ALA A 1317 30.82 -5.65 2.09
CA ALA A 1317 31.48 -6.50 1.12
C ALA A 1317 32.44 -5.68 0.27
N ILE A 1318 33.68 -6.16 0.12
CA ILE A 1318 34.69 -5.55 -0.75
C ILE A 1318 34.90 -6.45 -1.97
N ILE A 1319 34.20 -6.14 -3.08
CA ILE A 1319 34.29 -6.92 -4.32
C ILE A 1319 35.22 -6.24 -5.30
N SER A 1320 36.10 -7.00 -5.93
CA SER A 1320 37.11 -6.46 -6.85
C SER A 1320 37.18 -7.31 -8.12
N THR A 1321 36.71 -6.77 -9.25
CA THR A 1321 36.74 -7.47 -10.53
C THR A 1321 37.92 -7.04 -11.39
N ASN A 1322 39.05 -6.66 -10.78
CA ASN A 1322 40.22 -6.27 -11.55
C ASN A 1322 41.18 -7.42 -11.80
N THR A 1323 40.96 -8.55 -11.16
CA THR A 1323 41.97 -9.58 -11.21
C THR A 1323 41.61 -10.67 -12.18
N LEU A 1324 40.52 -10.52 -12.92
CA LEU A 1324 40.19 -11.58 -13.86
C LEU A 1324 40.81 -11.31 -15.23
N GLY A 1325 42.11 -10.97 -15.19
CA GLY A 1325 42.94 -10.99 -16.38
C GLY A 1325 42.43 -10.15 -17.52
N LYS A 1326 42.46 -10.77 -18.71
CA LYS A 1326 42.13 -10.12 -19.97
C LYS A 1326 40.64 -9.91 -20.17
N TYR A 1327 39.84 -10.11 -19.13
CA TYR A 1327 38.39 -9.88 -19.21
C TYR A 1327 37.97 -8.65 -18.42
N ALA A 1328 38.89 -7.98 -17.74
CA ALA A 1328 38.57 -6.78 -16.96
C ALA A 1328 38.07 -5.61 -17.84
N GLY A 1331 38.68 -3.65 -23.81
CA GLY A 1331 37.75 -4.69 -24.22
C GLY A 1331 38.33 -5.81 -25.08
N GLN A 1332 39.54 -6.27 -24.71
CA GLN A 1332 40.20 -7.34 -25.45
C GLN A 1332 39.66 -8.70 -24.99
N ALA A 1333 38.90 -9.38 -25.86
CA ALA A 1333 38.35 -10.70 -25.56
C ALA A 1333 37.37 -10.64 -24.39
N ALA A 1334 37.11 -9.44 -23.85
CA ALA A 1334 36.12 -9.23 -22.81
C ALA A 1334 34.77 -8.88 -23.43
N ILE A 1335 34.77 -7.97 -24.41
CA ILE A 1335 33.59 -7.71 -25.24
C ILE A 1335 33.24 -8.88 -26.14
N ASP A 1336 34.08 -9.91 -26.16
CA ASP A 1336 33.95 -11.05 -27.06
C ASP A 1336 33.92 -12.36 -26.27
N SER A 1337 33.29 -12.35 -25.09
CA SER A 1337 33.17 -13.54 -24.23
C SER A 1337 31.73 -13.70 -23.71
N ASN A 1338 31.53 -14.79 -22.96
CA ASN A 1338 30.24 -15.10 -22.34
C ASN A 1338 30.02 -14.36 -21.02
N ILE A 1339 31.09 -13.89 -20.39
CA ILE A 1339 31.02 -13.40 -19.00
C ILE A 1339 30.24 -12.10 -18.93
N ILE A 1340 29.33 -12.01 -17.97
CA ILE A 1340 28.64 -10.78 -17.65
C ILE A 1340 29.20 -10.30 -16.32
N PHE A 1341 29.90 -9.16 -16.31
CA PHE A 1341 30.64 -8.76 -15.11
C PHE A 1341 29.77 -8.04 -14.10
N GLN A 1342 28.52 -7.76 -14.43
CA GLN A 1342 27.61 -7.20 -13.45
C GLN A 1342 27.03 -8.29 -12.58
N ASN A 1343 26.99 -9.53 -13.06
CA ASN A 1343 26.38 -10.61 -12.29
C ASN A 1343 27.36 -11.28 -11.35
N THR A 1344 28.65 -11.18 -11.60
CA THR A 1344 29.60 -11.73 -10.64
C THR A 1344 29.57 -10.97 -9.32
N ILE A 1345 29.27 -9.68 -9.36
CA ILE A 1345 29.15 -8.94 -8.11
C ILE A 1345 27.95 -9.42 -7.29
N ASN A 1346 26.81 -9.63 -7.92
CA ASN A 1346 25.67 -10.17 -7.18
C ASN A 1346 25.99 -11.53 -6.61
N LEU A 1347 26.67 -12.36 -7.39
CA LEU A 1347 27.04 -13.69 -6.89
C LEU A 1347 27.99 -13.59 -5.69
N GLY A 1348 28.97 -12.68 -5.73
CA GLY A 1348 29.89 -12.54 -4.59
C GLY A 1348 29.17 -12.09 -3.33
N VAL A 1349 28.31 -11.10 -3.44
CA VAL A 1349 27.57 -10.67 -2.26
C VAL A 1349 26.69 -11.82 -1.73
N ALA A 1350 26.01 -12.57 -2.62
CA ALA A 1350 25.11 -13.64 -2.16
C ALA A 1350 25.86 -14.78 -1.50
N VAL A 1351 27.04 -15.14 -2.01
CA VAL A 1351 27.81 -16.20 -1.35
C VAL A 1351 28.22 -15.75 0.04
N LEU A 1352 28.72 -14.52 0.18
CA LEU A 1352 29.11 -14.06 1.51
C LEU A 1352 27.93 -14.04 2.48
N ASP A 1353 26.77 -13.65 1.99
CA ASP A 1353 25.60 -13.59 2.85
C ASP A 1353 25.13 -14.98 3.25
N ILE A 1354 25.01 -15.91 2.30
CA ILE A 1354 24.44 -17.23 2.62
C ILE A 1354 25.40 -18.04 3.49
N ALA A 1355 26.70 -17.94 3.25
CA ALA A 1355 27.62 -18.74 4.06
C ALA A 1355 27.56 -18.36 5.53
N LEU A 1356 27.49 -17.06 5.85
CA LEU A 1356 27.52 -16.61 7.24
C LEU A 1356 26.14 -16.27 7.77
N SER A 1357 25.10 -16.94 7.30
CA SER A 1357 23.76 -16.60 7.76
C SER A 1357 23.51 -17.11 9.16
N LEU A 1358 24.17 -18.18 9.59
CA LEU A 1358 23.98 -18.70 10.93
C LEU A 1358 25.24 -18.68 11.78
N ALA A 1359 26.38 -18.29 11.22
CA ALA A 1359 27.60 -18.27 12.00
C ALA A 1359 27.55 -17.20 13.07
N LYS A 1360 28.22 -17.48 14.21
CA LYS A 1360 28.35 -16.54 15.32
C LYS A 1360 29.63 -15.75 15.16
N LEU A 1361 29.49 -14.45 14.89
CA LEU A 1361 30.61 -13.58 14.57
C LEU A 1361 31.17 -12.92 15.81
N SER A 1362 32.31 -12.29 15.63
CA SER A 1362 32.96 -11.59 16.71
C SER A 1362 33.65 -10.38 16.13
N SER A 1363 34.48 -9.75 16.97
CA SER A 1363 35.22 -8.58 16.53
C SER A 1363 36.52 -8.93 15.85
N ALA A 1364 36.94 -10.17 15.93
CA ALA A 1364 38.19 -10.68 15.39
C ALA A 1364 38.02 -11.55 14.16
N SER A 1365 36.79 -11.72 13.65
CA SER A 1365 36.54 -12.62 12.54
C SER A 1365 36.68 -11.90 11.21
N ASN A 1366 37.30 -12.58 10.23
CA ASN A 1366 37.44 -12.08 8.87
C ASN A 1366 37.32 -13.26 7.91
N VAL A 1367 36.95 -12.94 6.69
CA VAL A 1367 36.64 -13.92 5.65
C VAL A 1367 37.12 -13.37 4.33
N THR A 1368 37.88 -14.18 3.59
CA THR A 1368 38.18 -13.80 2.21
C THR A 1368 38.24 -15.01 1.29
N PHE A 1369 37.61 -14.86 0.12
CA PHE A 1369 37.56 -15.91 -0.88
C PHE A 1369 37.62 -15.31 -2.27
N ARG A 1370 37.60 -16.18 -3.29
CA ARG A 1370 37.61 -15.74 -4.68
C ARG A 1370 36.78 -16.67 -5.55
N LEU A 1371 36.09 -16.10 -6.54
CA LEU A 1371 35.33 -16.86 -7.54
C LEU A 1371 36.23 -17.10 -8.74
N MET A 1372 36.51 -18.37 -9.03
CA MET A 1372 37.46 -18.78 -10.06
C MET A 1372 36.74 -19.15 -11.34
N LEU A 1373 37.30 -18.76 -12.47
CA LEU A 1373 36.71 -19.04 -13.77
C LEU A 1373 37.05 -20.45 -14.24
N ASN A 1374 36.07 -21.15 -14.82
CA ASN A 1374 36.25 -22.47 -15.40
C ASN A 1374 36.25 -22.41 -16.91
N LYS A 1375 36.95 -23.37 -17.52
CA LYS A 1375 37.18 -23.33 -18.96
C LYS A 1375 36.06 -23.98 -19.77
N CYS A 1376 35.27 -24.88 -19.18
CA CYS A 1376 34.31 -25.63 -20.00
C CYS A 1376 33.25 -24.71 -20.62
N CYS A 1377 32.74 -23.75 -19.85
CA CYS A 1377 31.61 -22.96 -20.29
C CYS A 1377 31.98 -21.72 -21.10
N THR A 1378 33.19 -21.20 -20.96
CA THR A 1378 33.55 -19.96 -21.66
C THR A 1378 33.72 -20.23 -23.14
N ARG A 1379 33.07 -19.40 -23.95
CA ARG A 1379 33.16 -19.48 -25.40
C ARG A 1379 33.54 -18.12 -25.96
N HIS A 1380 34.12 -18.14 -27.15
CA HIS A 1380 34.54 -16.94 -27.86
C HIS A 1380 33.54 -16.73 -29.00
N VAL A 1381 32.64 -15.76 -28.85
CA VAL A 1381 31.50 -15.62 -29.75
C VAL A 1381 31.84 -14.59 -30.82
N PRO A 1382 32.09 -15.00 -32.06
CA PRO A 1382 32.53 -14.03 -33.07
C PRO A 1382 31.44 -13.03 -33.39
N SER A 1383 31.85 -11.82 -33.75
CA SER A 1383 30.90 -10.77 -34.13
C SER A 1383 30.21 -11.15 -35.43
N GLU A 1384 28.87 -11.07 -35.45
CA GLU A 1384 28.11 -11.55 -36.58
C GLU A 1384 26.89 -10.66 -36.82
N TYR A 1385 26.60 -10.42 -38.09
CA TYR A 1385 25.50 -9.60 -38.57
C TYR A 1385 24.34 -10.44 -39.09
N LEU A 1386 23.13 -9.88 -39.03
CA LEU A 1386 21.97 -10.52 -39.60
C LEU A 1386 21.72 -9.98 -40.99
N TYR A 1387 21.52 -10.87 -41.94
CA TYR A 1387 21.35 -10.49 -43.35
C TYR A 1387 19.92 -10.79 -43.78
N PHE A 1388 19.11 -9.74 -43.93
CA PHE A 1388 17.77 -9.85 -44.49
C PHE A 1388 17.82 -9.74 -46.01
N ASP A 1389 17.35 -10.75 -46.71
CA ASP A 1389 17.42 -10.78 -48.17
C ASP A 1389 16.16 -10.29 -48.86
N LYS A 1390 15.20 -9.76 -48.09
CA LYS A 1390 13.92 -9.38 -48.66
C LYS A 1390 13.21 -8.45 -47.69
N PRO A 1391 12.77 -7.28 -48.11
CA PRO A 1391 12.01 -6.41 -47.21
C PRO A 1391 10.60 -6.95 -46.98
N LEU A 1392 9.98 -6.48 -45.89
CA LEU A 1392 8.66 -6.95 -45.51
C LEU A 1392 7.63 -6.58 -46.57
N ASP A 1393 6.87 -7.58 -47.04
CA ASP A 1393 5.85 -7.33 -48.04
C ASP A 1393 4.44 -7.59 -47.49
N VAL A 1394 3.96 -6.61 -46.72
CA VAL A 1394 2.62 -6.61 -46.14
C VAL A 1394 2.29 -5.15 -45.86
N ASP A 1395 1.06 -4.76 -46.15
CA ASP A 1395 0.62 -3.40 -45.87
C ASP A 1395 0.30 -3.22 -44.39
N LEU A 1396 1.27 -2.72 -43.62
CA LEU A 1396 1.12 -2.36 -42.21
C LEU A 1396 0.62 -0.95 -42.02
N ASN A 1397 0.31 -0.24 -43.08
CA ASN A 1397 -0.15 1.13 -42.96
C ASN A 1397 -1.69 1.13 -42.99
N LYS A 1398 -2.32 0.85 -41.88
CA LYS A 1398 -3.78 0.81 -41.81
C LYS A 1398 -4.34 1.47 -40.58
N TYR A 1399 -3.53 2.12 -39.78
CA TYR A 1399 -4.01 2.53 -38.47
C TYR A 1399 -3.92 4.04 -38.27
N MET A 1400 -4.00 4.82 -39.34
CA MET A 1400 -3.94 6.27 -39.25
C MET A 1400 -5.13 6.87 -38.50
N ASP A 1401 -6.19 6.10 -38.27
CA ASP A 1401 -7.31 6.58 -37.49
C ASP A 1401 -7.20 6.26 -36.00
N ASN A 1402 -6.51 5.17 -35.63
CA ASN A 1402 -6.29 4.83 -34.23
C ASN A 1402 -5.26 5.76 -33.64
N GLU A 1403 -5.64 6.50 -32.60
CA GLU A 1403 -4.67 7.21 -31.79
C GLU A 1403 -4.03 6.29 -30.75
N LEU A 1404 -4.60 5.09 -30.56
CA LEU A 1404 -3.96 4.11 -29.70
C LEU A 1404 -2.69 3.56 -30.32
N VAL A 1405 -2.63 3.53 -31.66
CA VAL A 1405 -1.53 2.91 -32.40
C VAL A 1405 -0.66 3.96 -33.11
N TYR A 1406 -1.27 5.01 -33.66
CA TYR A 1406 -0.61 5.94 -34.57
C TYR A 1406 -0.44 7.31 -33.95
N ASP A 1407 0.66 7.97 -34.31
CA ASP A 1407 0.95 9.35 -33.93
C ASP A 1407 0.91 10.16 -35.21
N ASN A 1408 -0.15 10.94 -35.37
CA ASN A 1408 -0.34 11.63 -36.65
C ASN A 1408 0.62 12.80 -36.79
N ASP A 1409 0.88 13.51 -35.69
CA ASP A 1409 1.85 14.62 -35.62
C ASP A 1409 2.84 14.31 -34.50
N PRO A 1410 3.93 13.60 -34.82
CA PRO A 1410 4.85 13.11 -33.78
C PRO A 1410 5.57 14.19 -32.98
N LEU A 1411 5.90 15.33 -33.58
CA LEU A 1411 6.67 16.36 -32.89
C LEU A 1411 5.90 17.68 -32.99
N CYS A 1412 4.99 17.88 -32.03
CA CYS A 1412 4.26 19.11 -31.83
C CYS A 1412 4.69 19.86 -30.59
N SER A 1413 5.26 19.15 -29.61
CA SER A 1413 5.83 19.76 -28.43
C SER A 1413 7.16 20.40 -28.80
N GLY A 1414 7.89 20.93 -27.82
CA GLY A 1414 9.13 21.60 -28.15
C GLY A 1414 10.15 20.62 -28.71
N ILE A 1415 10.93 21.11 -29.69
CA ILE A 1415 11.99 20.30 -30.30
C ILE A 1415 13.10 20.05 -29.27
N LYS A 1416 13.37 21.04 -28.40
CA LYS A 1416 14.41 21.03 -27.35
C LYS A 1416 15.77 20.52 -27.85
N MET B 511 11.15 62.87 -4.61
CA MET B 511 10.44 61.90 -3.77
C MET B 511 10.53 60.44 -4.23
N GLY B 512 11.68 60.03 -4.78
CA GLY B 512 11.79 58.68 -5.32
C GLY B 512 11.59 57.59 -4.27
N ARG B 513 12.22 57.74 -3.09
CA ARG B 513 12.08 56.68 -2.08
C ARG B 513 10.65 56.61 -1.55
N THR B 514 10.07 57.75 -1.19
CA THR B 514 8.71 57.80 -0.66
C THR B 514 7.66 57.41 -1.69
N LEU B 515 8.03 57.33 -2.97
CA LEU B 515 7.12 56.87 -4.02
C LEU B 515 7.32 55.39 -4.33
N GLU B 516 8.57 54.92 -4.37
CA GLU B 516 8.83 53.50 -4.64
C GLU B 516 8.33 52.62 -3.50
N ALA B 517 8.49 53.08 -2.25
CA ALA B 517 7.98 52.31 -1.12
C ALA B 517 6.47 52.13 -1.25
N ILE B 518 5.77 53.21 -1.60
CA ILE B 518 4.32 53.13 -1.79
C ILE B 518 3.97 52.21 -2.95
N SER B 519 4.74 52.24 -4.05
CA SER B 519 4.42 51.33 -5.15
C SER B 519 4.51 49.87 -4.72
N LYS B 520 5.61 49.47 -4.05
CA LYS B 520 5.74 48.07 -3.62
C LYS B 520 4.67 47.66 -2.61
N GLY B 521 4.42 48.52 -1.61
CA GLY B 521 3.40 48.17 -0.64
C GLY B 521 2.03 48.05 -1.27
N MET B 522 1.71 48.94 -2.22
CA MET B 522 0.41 48.87 -2.90
C MET B 522 0.27 47.60 -3.72
N SER B 523 1.33 47.19 -4.43
CA SER B 523 1.25 45.95 -5.20
C SER B 523 0.97 44.76 -4.29
N GLU B 524 1.69 44.67 -3.17
CA GLU B 524 1.50 43.56 -2.24
C GLU B 524 0.09 43.55 -1.66
N MET B 525 -0.41 44.71 -1.25
CA MET B 525 -1.74 44.80 -0.68
C MET B 525 -2.78 44.36 -1.70
N LEU B 526 -2.58 44.78 -2.95
CA LEU B 526 -3.46 44.36 -4.04
C LEU B 526 -3.50 42.84 -4.20
N ALA B 527 -2.33 42.18 -4.22
CA ALA B 527 -2.32 40.73 -4.41
C ALA B 527 -3.08 40.03 -3.28
N LYS B 528 -2.79 40.41 -2.04
CA LYS B 528 -3.39 39.70 -0.91
C LYS B 528 -4.89 39.88 -0.88
N TYR B 529 -5.38 41.10 -1.08
CA TYR B 529 -6.83 41.27 -0.98
C TYR B 529 -7.57 40.71 -2.20
N ASP B 530 -6.94 40.70 -3.38
CA ASP B 530 -7.54 40.03 -4.52
C ASP B 530 -7.69 38.52 -4.30
N HIS B 531 -6.65 37.88 -3.76
CA HIS B 531 -6.74 36.47 -3.42
C HIS B 531 -7.88 36.20 -2.45
N LEU B 532 -8.02 37.03 -1.41
CA LEU B 532 -9.08 36.82 -0.42
C LEU B 532 -10.47 36.87 -1.05
N VAL B 533 -10.74 37.91 -1.85
CA VAL B 533 -12.09 38.05 -2.40
C VAL B 533 -12.41 36.95 -3.40
N ILE B 534 -11.44 36.49 -4.18
CA ILE B 534 -11.72 35.36 -5.08
C ILE B 534 -11.99 34.09 -4.29
N SER B 535 -11.28 33.90 -3.16
CA SER B 535 -11.41 32.66 -2.39
C SER B 535 -12.80 32.49 -1.77
N THR B 536 -13.39 33.56 -1.22
CA THR B 536 -14.67 33.38 -0.54
C THR B 536 -15.83 34.01 -1.29
N GLY B 537 -15.71 34.23 -2.58
CA GLY B 537 -16.53 35.25 -3.22
C GLY B 537 -17.98 34.88 -3.40
N ARG B 538 -18.78 35.94 -3.57
CA ARG B 538 -20.09 35.99 -4.19
C ARG B 538 -21.20 35.45 -3.33
N THR B 539 -20.90 34.80 -2.23
CA THR B 539 -21.94 34.32 -1.31
C THR B 539 -21.55 34.58 0.13
N THR B 540 -20.43 35.22 0.38
CA THR B 540 -20.01 35.43 1.75
C THR B 540 -20.97 36.37 2.45
N ALA B 541 -21.22 36.11 3.74
CA ALA B 541 -22.20 36.87 4.51
C ALA B 541 -21.56 38.10 5.12
N PRO B 542 -22.07 39.31 4.84
CA PRO B 542 -21.51 40.51 5.48
C PRO B 542 -21.85 40.54 6.96
N ALA B 543 -21.26 41.51 7.67
CA ALA B 543 -21.38 41.54 9.14
C ALA B 543 -22.83 41.71 9.62
N ALA B 544 -23.56 42.64 9.01
CA ALA B 544 -24.92 42.93 9.46
C ALA B 544 -25.84 41.73 9.27
N ALA B 545 -25.81 41.13 8.07
CA ALA B 545 -26.64 39.95 7.78
C ALA B 545 -26.25 38.77 8.67
N PHE B 546 -24.95 38.58 8.90
CA PHE B 546 -24.48 37.51 9.78
C PHE B 546 -25.04 37.67 11.18
N ASP B 547 -24.95 38.88 11.74
CA ASP B 547 -25.44 39.11 13.10
C ASP B 547 -26.94 38.90 13.19
N ALA B 548 -27.69 39.40 12.20
CA ALA B 548 -29.14 39.23 12.21
C ALA B 548 -29.54 37.76 12.18
N TYR B 549 -28.95 36.97 11.27
CA TYR B 549 -29.28 35.55 11.18
C TYR B 549 -28.94 34.81 12.48
N LEU B 550 -27.77 35.10 13.05
CA LEU B 550 -27.34 34.40 14.27
C LEU B 550 -28.25 34.71 15.44
N ASN B 551 -28.66 35.97 15.61
CA ASN B 551 -29.53 36.32 16.74
C ASN B 551 -30.90 35.70 16.56
N GLU B 552 -31.39 35.66 15.33
CA GLU B 552 -32.77 35.23 15.13
C GLU B 552 -32.92 33.72 15.06
N HIS B 553 -31.90 32.99 14.58
CA HIS B 553 -31.95 31.54 14.47
C HIS B 553 -31.22 30.79 15.60
N GLY B 554 -30.17 31.37 16.17
CA GLY B 554 -29.31 30.72 17.14
C GLY B 554 -28.09 29.99 16.58
N VAL B 555 -27.96 29.87 15.26
CA VAL B 555 -26.78 29.27 14.62
C VAL B 555 -26.38 30.13 13.42
N PRO B 556 -25.09 30.15 13.09
CA PRO B 556 -24.60 31.04 12.01
C PRO B 556 -25.06 30.51 10.66
N PRO B 557 -25.14 31.36 9.64
CA PRO B 557 -25.63 30.94 8.32
C PRO B 557 -24.72 29.90 7.67
N PRO B 558 -25.23 29.18 6.66
CA PRO B 558 -24.43 28.14 5.98
C PRO B 558 -23.46 28.69 4.93
N GLN B 559 -23.16 30.02 4.95
CA GLN B 559 -22.28 30.73 4.03
C GLN B 559 -20.94 31.07 4.66
N PRO B 560 -19.90 31.29 3.85
CA PRO B 560 -18.61 31.70 4.41
C PRO B 560 -18.72 33.08 5.04
N ALA B 561 -17.85 33.35 6.00
CA ALA B 561 -17.82 34.63 6.69
C ALA B 561 -16.38 35.00 6.96
N ILE B 562 -16.12 36.29 7.20
CA ILE B 562 -14.77 36.78 7.47
C ILE B 562 -14.75 37.40 8.88
N PHE B 563 -13.81 36.98 9.70
CA PHE B 563 -13.66 37.48 11.08
C PHE B 563 -12.38 38.27 11.22
N LYS B 564 -12.36 39.17 12.20
CA LYS B 564 -11.15 39.97 12.39
C LYS B 564 -10.01 39.17 12.96
N ASP B 565 -10.27 38.39 14.01
CA ASP B 565 -9.25 37.62 14.71
C ASP B 565 -9.78 36.22 14.98
N LEU B 566 -8.89 35.33 15.39
CA LEU B 566 -9.38 34.03 15.85
C LEU B 566 -10.20 34.16 17.14
N GLY B 567 -9.80 35.07 18.04
CA GLY B 567 -10.59 35.28 19.26
C GLY B 567 -12.00 35.77 19.00
N VAL B 568 -12.21 36.60 17.97
CA VAL B 568 -13.56 37.02 17.62
C VAL B 568 -14.40 35.83 17.20
N ALA B 569 -13.82 34.90 16.42
CA ALA B 569 -14.55 33.71 16.05
C ALA B 569 -14.87 32.82 17.24
N GLN B 570 -14.00 32.78 18.26
CA GLN B 570 -14.30 31.95 19.42
C GLN B 570 -15.51 32.47 20.21
N GLN B 571 -15.78 33.76 20.08
CA GLN B 571 -16.86 34.43 20.80
C GLN B 571 -18.14 34.66 20.01
N ALA B 572 -18.28 34.02 18.86
CA ALA B 572 -19.49 34.24 18.06
C ALA B 572 -20.58 33.31 18.55
N CYS B 573 -21.54 33.90 19.25
CA CYS B 573 -22.67 33.19 19.83
C CYS B 573 -23.88 34.10 19.79
N SER B 574 -25.06 33.52 19.97
CA SER B 574 -26.29 34.31 19.97
C SER B 574 -26.27 35.29 21.14
N LYS B 575 -26.79 36.49 20.92
CA LYS B 575 -26.79 37.50 21.97
C LYS B 575 -27.61 37.10 23.20
N GLY B 576 -28.78 36.50 22.99
CA GLY B 576 -29.64 36.12 24.09
C GLY B 576 -29.10 35.09 25.07
N THR B 577 -28.49 34.02 24.56
CA THR B 577 -27.94 32.97 25.42
C THR B 577 -26.63 32.46 24.86
N MET B 578 -25.71 32.05 25.73
CA MET B 578 -24.43 31.57 25.24
C MET B 578 -24.48 30.06 25.02
N VAL B 579 -24.54 29.66 23.75
CA VAL B 579 -24.58 28.27 23.37
C VAL B 579 -23.52 28.01 22.31
N LYS B 580 -22.75 26.94 22.46
CA LYS B 580 -21.71 26.62 21.50
C LYS B 580 -22.33 26.26 20.15
N ASN B 581 -21.68 26.71 19.08
CA ASN B 581 -22.14 26.44 17.72
C ASN B 581 -20.98 25.91 16.89
N ALA B 582 -21.30 25.19 15.83
CA ALA B 582 -20.27 24.59 14.98
C ALA B 582 -19.12 25.55 14.68
N THR B 583 -19.44 26.82 14.45
CA THR B 583 -18.40 27.81 14.18
C THR B 583 -17.46 27.99 15.38
N THR B 584 -18.00 28.01 16.58
CA THR B 584 -17.21 28.18 17.79
C THR B 584 -16.28 26.99 18.02
N ASP B 585 -16.78 25.78 17.77
CA ASP B 585 -16.00 24.57 17.93
C ASP B 585 -14.78 24.56 17.03
N ALA B 586 -14.96 25.02 15.80
CA ALA B 586 -13.89 25.07 14.83
C ALA B 586 -12.76 25.97 15.32
N ALA B 587 -13.12 27.09 15.93
CA ALA B 587 -12.15 28.03 16.46
C ALA B 587 -11.40 27.48 17.68
N ASP B 588 -12.10 26.78 18.56
CA ASP B 588 -11.47 26.19 19.74
C ASP B 588 -10.46 25.10 19.38
N LYS B 589 -10.79 24.25 18.40
CA LYS B 589 -9.84 23.26 17.89
C LYS B 589 -8.56 23.93 17.40
N MET B 590 -8.72 24.99 16.64
CA MET B 590 -7.54 25.67 16.11
C MET B 590 -6.72 26.35 17.21
N SER B 591 -7.34 26.93 18.24
CA SER B 591 -6.55 27.53 19.31
C SER B 591 -5.73 26.48 20.07
N LYS B 592 -6.33 25.31 20.32
CA LYS B 592 -5.55 24.25 20.96
C LYS B 592 -4.36 23.84 20.10
N VAL B 593 -4.50 23.85 18.76
CA VAL B 593 -3.31 23.60 17.93
C VAL B 593 -2.26 24.69 18.11
N LEU B 594 -2.67 25.96 18.15
CA LEU B 594 -1.71 27.05 18.32
C LEU B 594 -0.95 27.01 19.63
N GLU B 595 -1.51 26.34 20.64
CA GLU B 595 -0.84 26.27 21.94
C GLU B 595 0.41 25.37 21.92
N LEU B 596 0.66 24.64 20.83
CA LEU B 596 1.75 23.67 20.79
C LEU B 596 3.08 24.40 20.91
N SER B 597 4.02 23.72 21.56
CA SER B 597 5.40 24.17 21.63
C SER B 597 6.25 22.98 21.28
N GLU B 598 7.45 23.28 20.86
CA GLU B 598 8.30 22.24 20.30
C GLU B 598 9.10 21.46 21.34
N GLU B 599 9.11 21.88 22.60
CA GLU B 599 9.71 21.08 23.66
C GLU B 599 8.74 20.03 24.17
N THR B 600 7.44 20.26 23.99
CA THR B 600 6.39 19.39 24.52
C THR B 600 5.51 18.85 23.39
N PHE B 601 6.06 18.65 22.21
CA PHE B 601 5.29 18.11 21.11
C PHE B 601 5.14 16.61 21.31
N SER B 602 3.89 16.16 21.42
CA SER B 602 3.58 14.75 21.64
C SER B 602 4.07 14.22 22.98
N LYS B 603 4.29 15.09 23.95
CA LYS B 603 4.65 14.70 25.31
C LYS B 603 3.45 14.09 26.02
N PRO B 604 3.64 12.95 26.68
CA PRO B 604 2.51 12.32 27.36
C PRO B 604 2.05 13.09 28.59
N ASN B 605 0.75 13.28 28.71
CA ASN B 605 0.20 13.94 29.87
C ASN B 605 -0.52 12.86 30.62
N LEU B 606 -0.09 12.57 31.84
CA LEU B 606 -0.70 11.49 32.60
C LEU B 606 -1.19 11.87 33.99
N SER B 607 -2.41 11.43 34.29
CA SER B 607 -3.05 11.63 35.59
C SER B 607 -2.52 10.58 36.57
N ALA B 608 -2.79 10.75 37.85
CA ALA B 608 -2.30 9.79 38.82
C ALA B 608 -2.82 8.39 38.54
N LYS B 609 -4.11 8.28 38.21
CA LYS B 609 -4.68 6.98 37.89
C LYS B 609 -4.05 6.41 36.62
N ASP B 610 -3.86 7.27 35.63
CA ASP B 610 -3.26 6.89 34.35
C ASP B 610 -1.82 6.42 34.46
N LEU B 611 -1.04 7.12 35.29
CA LEU B 611 0.36 6.79 35.50
C LEU B 611 0.51 5.41 36.11
N ALA B 612 -0.38 5.10 37.04
CA ALA B 612 -0.36 3.81 37.72
C ALA B 612 -0.60 2.67 36.75
N LEU B 613 -1.50 2.87 35.79
CA LEU B 613 -1.82 1.83 34.82
C LEU B 613 -0.59 1.47 33.99
N LEU B 614 0.20 2.46 33.62
CA LEU B 614 1.42 2.20 32.87
C LEU B 614 2.41 1.36 33.67
N LEU B 615 2.63 1.75 34.93
CA LEU B 615 3.56 0.97 35.74
C LEU B 615 3.07 -0.47 35.90
N PHE B 616 1.77 -0.67 36.02
CA PHE B 616 1.25 -2.05 36.11
C PHE B 616 1.55 -2.83 34.86
N THR B 617 1.44 -2.20 33.69
CA THR B 617 1.78 -2.91 32.46
C THR B 617 3.22 -3.40 32.46
N HIS B 618 4.13 -2.69 33.11
CA HIS B 618 5.51 -3.20 33.10
C HIS B 618 5.84 -4.22 34.17
N LEU B 619 4.90 -4.58 35.10
CA LEU B 619 5.25 -5.45 36.24
C LEU B 619 4.72 -6.86 36.05
N PRO B 620 5.42 -7.85 36.56
CA PRO B 620 4.96 -9.23 36.47
C PRO B 620 4.12 -9.67 37.64
N GLY B 621 3.26 -10.63 37.37
CA GLY B 621 2.39 -11.14 38.40
C GLY B 621 1.13 -10.31 38.52
N ASN B 622 0.51 -10.41 39.70
CA ASN B 622 -0.70 -9.66 39.97
C ASN B 622 -0.87 -9.52 41.48
N ASN B 623 -1.25 -8.32 41.92
CA ASN B 623 -1.52 -8.03 43.34
C ASN B 623 -0.31 -8.29 44.23
N THR B 624 0.89 -8.12 43.71
CA THR B 624 2.14 -8.20 44.46
C THR B 624 2.38 -6.90 45.25
N PRO B 625 3.35 -6.87 46.17
CA PRO B 625 3.66 -5.61 46.86
C PRO B 625 4.04 -4.49 45.92
N PHE B 626 4.64 -4.82 44.78
CA PHE B 626 5.07 -3.78 43.87
C PHE B 626 3.90 -3.07 43.23
N HIS B 627 2.73 -3.73 43.10
CA HIS B 627 1.55 -3.04 42.60
C HIS B 627 1.07 -1.96 43.59
N ILE B 628 1.05 -2.28 44.88
CA ILE B 628 0.70 -1.28 45.87
C ILE B 628 1.72 -0.15 45.90
N LEU B 629 3.01 -0.50 45.81
CA LEU B 629 4.03 0.55 45.76
C LEU B 629 3.82 1.46 44.56
N ALA B 630 3.45 0.90 43.41
CA ALA B 630 3.23 1.74 42.23
C ALA B 630 2.06 2.71 42.43
N GLN B 631 0.95 2.24 43.02
CA GLN B 631 -0.17 3.16 43.28
C GLN B 631 0.25 4.31 44.20
N VAL B 632 0.94 3.98 45.29
CA VAL B 632 1.33 5.01 46.24
C VAL B 632 2.27 6.05 45.60
N LEU B 633 3.31 5.57 44.90
CA LEU B 633 4.27 6.48 44.30
C LEU B 633 3.63 7.37 43.25
N SER B 634 2.75 6.81 42.41
CA SER B 634 2.13 7.64 41.38
C SER B 634 1.28 8.74 42.01
N LYS B 635 0.51 8.41 43.05
CA LYS B 635 -0.31 9.47 43.68
C LYS B 635 0.56 10.58 44.28
N ILE B 636 1.63 10.20 45.00
CA ILE B 636 2.46 11.22 45.63
C ILE B 636 3.15 12.09 44.60
N ALA B 637 3.69 11.49 43.54
CA ALA B 637 4.38 12.26 42.50
C ALA B 637 3.42 13.20 41.78
N TYR B 638 2.21 12.75 41.48
CA TYR B 638 1.28 13.64 40.77
C TYR B 638 0.86 14.83 41.61
N LYS B 639 0.70 14.62 42.93
CA LYS B 639 0.29 15.73 43.80
C LYS B 639 1.33 16.84 43.83
N SER B 640 2.60 16.49 43.79
CA SER B 640 3.65 17.50 43.88
C SER B 640 4.06 18.04 42.50
N GLY B 641 3.38 17.62 41.43
CA GLY B 641 3.64 18.15 40.10
C GLY B 641 4.91 17.67 39.44
N LYS B 642 5.41 16.50 39.80
CA LYS B 642 6.65 15.99 39.24
C LYS B 642 6.43 14.64 38.54
N SER B 643 5.29 14.51 37.83
CA SER B 643 5.01 13.23 37.19
C SER B 643 5.88 13.03 35.95
N GLY B 644 6.12 14.09 35.17
CA GLY B 644 6.94 13.92 33.99
C GLY B 644 8.39 13.55 34.32
N ALA B 645 8.98 14.21 35.34
CA ALA B 645 10.33 13.84 35.76
C ALA B 645 10.38 12.43 36.33
N PHE B 646 9.35 12.04 37.07
CA PHE B 646 9.27 10.70 37.62
C PHE B 646 9.23 9.66 36.50
N LEU B 647 8.40 9.88 35.48
CA LEU B 647 8.33 8.93 34.37
C LEU B 647 9.65 8.84 33.63
N ASP B 648 10.32 9.97 33.39
CA ASP B 648 11.61 9.93 32.68
C ASP B 648 12.67 9.18 33.48
N ALA B 649 12.72 9.37 34.81
CA ALA B 649 13.69 8.62 35.61
C ALA B 649 13.42 7.12 35.56
N PHE B 650 12.15 6.72 35.63
CA PHE B 650 11.81 5.30 35.54
C PHE B 650 12.28 4.71 34.23
N HIS B 651 11.98 5.40 33.13
CA HIS B 651 12.37 4.94 31.80
C HIS B 651 13.88 4.83 31.68
N GLN B 652 14.62 5.76 32.26
CA GLN B 652 16.07 5.68 32.19
C GLN B 652 16.61 4.43 32.86
N ILE B 653 16.10 4.11 34.04
CA ILE B 653 16.57 2.90 34.71
C ILE B 653 16.19 1.67 33.89
N LEU B 654 15.01 1.68 33.26
CA LEU B 654 14.65 0.56 32.38
C LEU B 654 15.64 0.42 31.23
N SER B 655 16.04 1.54 30.60
CA SER B 655 16.94 1.43 29.46
C SER B 655 18.32 0.94 29.89
N GLU B 656 18.75 1.22 31.11
CA GLU B 656 20.05 0.73 31.54
C GLU B 656 20.11 -0.79 31.56
N GLY B 657 18.95 -1.47 31.53
CA GLY B 657 18.94 -2.91 31.47
C GLY B 657 18.33 -3.64 32.65
N GLU B 658 17.60 -2.94 33.52
CA GLU B 658 17.02 -3.56 34.70
C GLU B 658 15.54 -3.82 34.50
N ASN B 659 14.93 -4.52 35.47
CA ASN B 659 13.51 -4.79 35.40
C ASN B 659 12.73 -3.72 36.16
N ALA B 660 11.39 -3.78 36.05
CA ALA B 660 10.60 -2.71 36.64
C ALA B 660 10.69 -2.73 38.16
N GLN B 661 10.92 -3.89 38.76
CA GLN B 661 10.93 -3.99 40.22
C GLN B 661 12.15 -3.28 40.81
N ALA B 662 13.33 -3.53 40.25
CA ALA B 662 14.53 -2.83 40.70
C ALA B 662 14.41 -1.33 40.46
N ALA B 663 13.80 -0.94 39.33
CA ALA B 663 13.58 0.47 39.05
C ALA B 663 12.71 1.13 40.14
N LEU B 664 11.62 0.48 40.54
CA LEU B 664 10.75 1.07 41.56
C LEU B 664 11.48 1.17 42.90
N THR B 665 12.25 0.15 43.29
CA THR B 665 12.96 0.26 44.56
C THR B 665 13.96 1.41 44.52
N ARG B 666 14.73 1.52 43.43
CA ARG B 666 15.70 2.60 43.35
C ARG B 666 15.04 3.98 43.31
N LEU B 667 13.90 4.11 42.64
CA LEU B 667 13.19 5.40 42.63
C LEU B 667 12.66 5.75 44.01
N SER B 668 12.17 4.76 44.76
CA SER B 668 11.72 5.04 46.12
C SER B 668 12.87 5.55 46.98
N ARG B 669 14.07 4.97 46.84
CA ARG B 669 15.21 5.47 47.62
C ARG B 669 15.65 6.87 47.20
N THR B 670 15.86 7.11 45.89
CA THR B 670 16.65 8.28 45.50
C THR B 670 15.84 9.47 44.97
N PHE B 671 14.68 9.27 44.36
CA PHE B 671 13.93 10.37 43.75
C PHE B 671 13.51 11.40 44.80
N ASP B 672 13.66 12.68 44.45
CA ASP B 672 13.57 13.76 45.43
C ASP B 672 12.18 13.92 46.06
N ALA B 673 11.11 13.67 45.31
CA ALA B 673 9.77 13.92 45.82
C ALA B 673 9.36 12.99 46.97
N PHE B 674 10.12 11.92 47.24
CA PHE B 674 9.75 10.93 48.23
C PHE B 674 10.64 10.98 49.48
N LEU B 675 11.54 11.94 49.59
CA LEU B 675 12.37 12.02 50.79
C LEU B 675 11.54 12.51 51.98
N GLY B 676 11.54 11.74 53.06
CA GLY B 676 10.84 12.14 54.26
C GLY B 676 9.34 12.26 54.09
N VAL B 677 8.72 11.28 53.45
CA VAL B 677 7.27 11.26 53.24
C VAL B 677 6.69 10.07 53.99
N VAL B 678 5.68 10.31 54.82
CA VAL B 678 5.04 9.24 55.60
C VAL B 678 4.17 8.39 54.69
N PRO B 679 4.17 7.07 54.85
CA PRO B 679 3.31 6.22 54.03
C PRO B 679 1.84 6.51 54.32
N PRO B 680 0.98 6.38 53.31
CA PRO B 680 -0.44 6.62 53.53
C PRO B 680 -1.06 5.50 54.33
N VAL B 681 -2.31 5.72 54.74
CA VAL B 681 -3.06 4.77 55.57
C VAL B 681 -4.24 4.25 54.78
N ILE B 682 -4.40 2.92 54.75
CA ILE B 682 -5.47 2.25 54.03
C ILE B 682 -6.41 1.59 55.03
N ARG B 683 -7.70 1.87 54.90
CA ARG B 683 -8.72 1.32 55.79
C ARG B 683 -9.21 -0.02 55.24
N VAL B 684 -9.13 -1.07 56.08
CA VAL B 684 -9.58 -2.40 55.72
C VAL B 684 -10.43 -2.98 56.85
N LYS B 685 -11.24 -3.99 56.51
CA LYS B 685 -12.08 -4.63 57.51
C LYS B 685 -11.26 -5.50 58.47
N ASN B 686 -10.33 -6.30 57.94
CA ASN B 686 -9.43 -7.13 58.75
C ASN B 686 -8.19 -7.43 57.92
N PHE B 687 -7.37 -8.37 58.40
CA PHE B 687 -6.13 -8.74 57.71
C PHE B 687 -6.33 -9.87 56.72
N GLN B 688 -7.55 -10.38 56.58
CA GLN B 688 -7.88 -11.29 55.49
C GLN B 688 -8.23 -10.55 54.21
N THR B 689 -8.46 -9.24 54.30
CA THR B 689 -8.79 -8.42 53.13
C THR B 689 -7.57 -8.08 52.28
N VAL B 690 -6.37 -8.07 52.88
CA VAL B 690 -5.15 -7.75 52.14
C VAL B 690 -4.91 -8.85 51.11
N PRO B 691 -4.32 -8.53 49.96
CA PRO B 691 -4.15 -9.53 48.90
C PRO B 691 -3.27 -10.69 49.34
N ARG B 692 -3.54 -11.86 48.76
CA ARG B 692 -2.83 -13.07 49.16
C ARG B 692 -1.31 -12.99 48.96
N PRO B 693 -0.77 -12.54 47.81
CA PRO B 693 0.70 -12.47 47.68
C PRO B 693 1.38 -11.50 48.64
N CYS B 694 0.66 -10.53 49.21
CA CYS B 694 1.23 -9.54 50.12
C CYS B 694 1.14 -9.92 51.59
N GLN B 695 0.53 -11.05 51.93
CA GLN B 695 0.37 -11.41 53.34
C GLN B 695 1.71 -11.62 54.02
N LYS B 696 2.66 -12.27 53.34
CA LYS B 696 3.91 -12.67 53.98
C LYS B 696 4.81 -11.49 54.34
N SER B 697 4.55 -10.31 53.78
CA SER B 697 5.41 -9.15 53.98
C SER B 697 4.91 -8.20 55.07
N LEU B 698 3.77 -8.48 55.70
CA LEU B 698 3.25 -7.60 56.75
C LEU B 698 4.14 -7.65 58.01
N ARG B 699 4.27 -6.51 58.67
CA ARG B 699 5.13 -6.37 59.86
C ARG B 699 4.41 -5.51 60.89
N ALA B 700 5.10 -5.21 61.99
CA ALA B 700 4.61 -4.32 63.03
C ALA B 700 5.06 -2.89 62.73
N VAL B 701 4.21 -1.94 63.08
CA VAL B 701 4.44 -0.53 62.74
C VAL B 701 5.71 -0.02 63.43
N PRO B 702 6.68 0.50 62.68
CA PRO B 702 7.91 1.06 63.31
C PRO B 702 7.62 2.42 63.91
N PRO B 703 8.56 2.98 64.70
CA PRO B 703 8.33 4.29 65.33
C PRO B 703 7.96 5.42 64.36
N ASN B 704 8.84 5.67 63.37
CA ASN B 704 8.65 6.75 62.39
C ASN B 704 8.82 6.19 60.98
N PRO B 705 7.78 5.54 60.44
CA PRO B 705 7.90 4.97 59.09
C PRO B 705 8.03 6.07 58.04
N THR B 706 8.77 5.76 56.98
CA THR B 706 8.98 6.67 55.88
C THR B 706 9.27 5.86 54.61
N ILE B 707 8.94 6.44 53.46
CA ILE B 707 9.00 5.67 52.20
C ILE B 707 10.43 5.37 51.79
N ASP B 708 11.33 6.32 51.91
CA ASP B 708 12.69 6.07 51.46
C ASP B 708 13.43 5.04 52.30
N LYS B 709 12.81 4.47 53.32
CA LYS B 709 13.43 3.40 54.08
C LYS B 709 12.79 2.05 53.80
N GLY B 710 11.82 1.98 52.89
CA GLY B 710 11.25 0.70 52.48
C GLY B 710 9.85 0.38 52.99
N TRP B 711 9.14 1.32 53.60
CA TRP B 711 7.78 1.08 54.11
C TRP B 711 6.77 1.63 53.12
N VAL B 712 5.94 0.76 52.56
CA VAL B 712 5.04 1.17 51.49
C VAL B 712 3.80 1.86 52.05
N CYS B 713 3.00 1.15 52.82
CA CYS B 713 1.77 1.74 53.33
C CYS B 713 1.43 1.13 54.68
N VAL B 714 0.39 1.67 55.31
CA VAL B 714 -0.05 1.21 56.62
C VAL B 714 -1.50 0.74 56.51
N TYR B 715 -1.72 -0.53 56.85
CA TYR B 715 -3.05 -1.11 56.88
C TYR B 715 -3.60 -1.00 58.29
N SER B 716 -4.73 -0.31 58.44
CA SER B 716 -5.39 -0.15 59.72
C SER B 716 -6.71 -0.91 59.64
N SER B 717 -6.87 -1.91 60.51
CA SER B 717 -8.08 -2.72 60.49
C SER B 717 -9.23 -1.95 61.12
N GLU B 718 -10.43 -2.55 61.09
CA GLU B 718 -11.62 -1.90 61.64
C GLU B 718 -11.55 -1.75 63.15
N GLN B 719 -10.69 -2.52 63.82
CA GLN B 719 -10.62 -2.55 65.28
C GLN B 719 -9.34 -1.93 65.82
N GLY B 720 -8.70 -1.05 65.06
CA GLY B 720 -7.55 -0.32 65.53
C GLY B 720 -6.22 -1.05 65.42
N GLU B 721 -6.22 -2.26 64.85
CA GLU B 721 -4.97 -2.99 64.66
C GLU B 721 -4.30 -2.54 63.37
N THR B 722 -3.02 -2.14 63.47
CA THR B 722 -2.30 -1.58 62.33
C THR B 722 -1.13 -2.47 61.97
N ARG B 723 -1.03 -2.80 60.68
CA ARG B 723 0.08 -3.55 60.11
C ARG B 723 0.75 -2.71 59.05
N ALA B 724 2.08 -2.73 59.04
CA ALA B 724 2.89 -1.95 58.10
C ALA B 724 3.44 -2.86 57.02
N LEU B 725 3.27 -2.46 55.75
CA LEU B 725 3.76 -3.25 54.61
C LEU B 725 5.21 -2.86 54.30
N LYS B 726 6.10 -3.83 54.33
CA LYS B 726 7.53 -3.61 54.09
C LYS B 726 7.93 -4.29 52.79
N ILE B 727 8.70 -3.58 51.98
CA ILE B 727 9.15 -4.10 50.69
C ILE B 727 10.69 -4.10 50.62
N VAL C 508 2.01 70.13 -6.08
CA VAL C 508 2.96 69.35 -5.30
C VAL C 508 2.45 69.12 -3.86
N LEU C 509 1.93 70.17 -3.21
CA LEU C 509 1.40 70.01 -1.85
C LEU C 509 0.22 69.05 -1.80
N LYS C 510 -0.68 69.15 -2.80
CA LYS C 510 -1.77 68.17 -2.89
C LYS C 510 -1.21 66.75 -3.02
N MET C 511 -0.16 66.57 -3.80
CA MET C 511 0.55 65.31 -3.84
C MET C 511 1.17 64.89 -2.48
N GLY C 512 1.78 65.79 -1.74
CA GLY C 512 2.32 65.37 -0.44
C GLY C 512 1.23 64.87 0.48
N ARG C 513 0.11 65.61 0.54
CA ARG C 513 -1.03 65.19 1.37
C ARG C 513 -1.65 63.86 0.90
N THR C 514 -1.84 63.69 -0.43
CA THR C 514 -2.40 62.43 -0.93
C THR C 514 -1.46 61.25 -0.60
N LEU C 515 -0.14 61.44 -0.76
CA LEU C 515 0.80 60.37 -0.42
C LEU C 515 0.76 60.05 1.07
N GLU C 516 0.65 61.08 1.92
CA GLU C 516 0.58 60.82 3.37
C GLU C 516 -0.70 60.11 3.75
N ALA C 517 -1.80 60.32 3.00
CA ALA C 517 -3.01 59.55 3.25
C ALA C 517 -2.86 58.11 2.74
N ILE C 518 -2.28 57.94 1.56
CA ILE C 518 -2.16 56.62 0.94
C ILE C 518 -1.27 55.70 1.78
N SER C 519 -0.13 56.20 2.26
CA SER C 519 0.78 55.35 3.05
C SER C 519 0.10 54.89 4.34
N LYS C 520 -0.62 55.79 5.02
CA LYS C 520 -1.34 55.40 6.23
C LYS C 520 -2.36 54.31 5.94
N GLY C 521 -3.17 54.50 4.89
CA GLY C 521 -4.17 53.49 4.55
C GLY C 521 -3.56 52.15 4.20
N MET C 522 -2.49 52.15 3.41
CA MET C 522 -1.85 50.90 2.99
C MET C 522 -1.24 50.14 4.16
N SER C 523 -0.53 50.84 5.06
CA SER C 523 0.04 50.17 6.23
C SER C 523 -1.07 49.60 7.11
N GLU C 524 -2.17 50.36 7.26
CA GLU C 524 -3.28 49.86 8.06
C GLU C 524 -3.88 48.58 7.47
N MET C 525 -4.09 48.55 6.14
CA MET C 525 -4.65 47.36 5.50
C MET C 525 -3.75 46.15 5.66
N LEU C 526 -2.43 46.33 5.48
CA LEU C 526 -1.52 45.18 5.63
C LEU C 526 -1.50 44.67 7.06
N ALA C 527 -1.46 45.59 8.05
CA ALA C 527 -1.48 45.15 9.43
C ALA C 527 -2.75 44.38 9.76
N LYS C 528 -3.90 44.83 9.26
CA LYS C 528 -5.14 44.08 9.47
C LYS C 528 -5.12 42.72 8.77
N TYR C 529 -4.56 42.65 7.57
CA TYR C 529 -4.55 41.38 6.85
C TYR C 529 -3.76 40.31 7.59
N ASP C 530 -2.75 40.69 8.34
CA ASP C 530 -1.98 39.67 9.06
C ASP C 530 -2.85 38.84 10.02
N HIS C 531 -4.00 39.34 10.50
CA HIS C 531 -4.77 38.67 11.55
C HIS C 531 -6.11 38.09 11.11
N LEU C 532 -6.52 38.21 9.84
CA LEU C 532 -7.84 37.79 9.38
C LEU C 532 -8.02 36.29 9.48
N VAL C 533 -9.27 35.85 9.55
CA VAL C 533 -9.55 34.43 9.56
C VAL C 533 -10.94 34.30 8.96
N ILE C 534 -11.20 33.19 8.25
CA ILE C 534 -12.50 33.00 7.58
C ILE C 534 -13.01 31.62 7.98
N SER C 535 -14.30 31.40 7.77
CA SER C 535 -14.89 30.08 7.99
C SER C 535 -15.57 29.61 6.72
N THR C 536 -15.62 28.30 6.53
CA THR C 536 -16.17 27.77 5.29
C THR C 536 -17.68 27.59 5.41
N GLY C 537 -18.34 27.49 4.27
CA GLY C 537 -19.76 27.25 4.23
C GLY C 537 -20.06 26.25 3.15
N ARG C 538 -21.33 25.93 2.99
CA ARG C 538 -21.72 24.93 2.02
C ARG C 538 -22.27 25.53 0.75
N THR C 539 -22.23 26.84 0.61
CA THR C 539 -22.78 27.41 -0.59
C THR C 539 -21.69 27.79 -1.58
N THR C 540 -20.44 27.44 -1.33
CA THR C 540 -19.36 27.94 -2.18
C THR C 540 -19.27 27.16 -3.49
N ALA C 541 -19.06 25.85 -3.41
CA ALA C 541 -18.91 25.06 -4.65
C ALA C 541 -20.17 25.04 -5.51
N PRO C 542 -21.39 24.84 -4.99
CA PRO C 542 -22.58 24.97 -5.85
C PRO C 542 -22.74 26.32 -6.53
N ALA C 543 -22.42 27.42 -5.85
CA ALA C 543 -22.53 28.72 -6.50
C ALA C 543 -21.54 28.81 -7.65
N ALA C 544 -20.33 28.29 -7.46
CA ALA C 544 -19.37 28.28 -8.56
C ALA C 544 -19.89 27.47 -9.74
N ALA C 545 -20.48 26.29 -9.48
CA ALA C 545 -20.98 25.45 -10.58
C ALA C 545 -22.11 26.12 -11.33
N PHE C 546 -23.02 26.77 -10.62
CA PHE C 546 -24.11 27.49 -11.25
C PHE C 546 -23.57 28.58 -12.17
N ASP C 547 -22.64 29.40 -11.68
CA ASP C 547 -22.09 30.45 -12.53
C ASP C 547 -21.36 29.89 -13.75
N ALA C 548 -20.61 28.81 -13.59
CA ALA C 548 -19.92 28.25 -14.74
C ALA C 548 -20.91 27.78 -15.80
N TYR C 549 -22.02 27.16 -15.39
CA TYR C 549 -22.98 26.71 -16.39
C TYR C 549 -23.64 27.90 -17.11
N LEU C 550 -24.06 28.97 -16.41
CA LEU C 550 -24.58 30.13 -17.16
C LEU C 550 -23.56 30.77 -18.06
N ASN C 551 -22.32 30.85 -17.64
CA ASN C 551 -21.33 31.45 -18.51
C ASN C 551 -21.18 30.61 -19.78
N GLU C 552 -21.25 29.29 -19.65
CA GLU C 552 -21.06 28.44 -20.83
C GLU C 552 -22.28 28.41 -21.76
N HIS C 553 -23.49 28.32 -21.20
CA HIS C 553 -24.67 28.10 -22.02
C HIS C 553 -25.68 29.23 -22.02
N GLY C 554 -25.67 30.11 -21.02
CA GLY C 554 -26.62 31.18 -20.95
C GLY C 554 -27.94 30.88 -20.25
N VAL C 555 -28.14 29.65 -19.77
CA VAL C 555 -29.37 29.31 -19.04
C VAL C 555 -29.00 28.50 -17.79
N PRO C 556 -29.86 28.51 -16.78
CA PRO C 556 -29.60 27.72 -15.57
C PRO C 556 -29.64 26.24 -15.89
N PRO C 557 -28.89 25.43 -15.15
CA PRO C 557 -28.81 23.98 -15.36
C PRO C 557 -30.13 23.27 -15.10
N PRO C 558 -30.36 22.14 -15.77
CA PRO C 558 -31.59 21.35 -15.67
C PRO C 558 -31.78 20.80 -14.27
N GLN C 559 -33.02 20.67 -13.81
CA GLN C 559 -33.31 20.19 -12.46
C GLN C 559 -32.53 21.00 -11.44
N PRO C 560 -32.73 22.33 -11.49
CA PRO C 560 -32.13 23.43 -10.73
C PRO C 560 -32.77 23.63 -9.35
N ALA C 561 -33.72 22.77 -8.99
CA ALA C 561 -34.40 22.86 -7.71
C ALA C 561 -33.43 22.72 -6.53
N ILE C 562 -32.44 21.85 -6.66
CA ILE C 562 -31.46 21.67 -5.60
C ILE C 562 -30.71 22.98 -5.32
N PHE C 563 -30.37 23.72 -6.38
CA PHE C 563 -29.68 24.99 -6.21
C PHE C 563 -30.57 26.01 -5.50
N LYS C 564 -31.89 25.99 -5.73
CA LYS C 564 -32.81 26.81 -4.94
C LYS C 564 -32.81 26.40 -3.48
N ASP C 565 -32.75 25.09 -3.19
CA ASP C 565 -32.69 24.67 -1.78
C ASP C 565 -31.44 25.20 -1.09
N LEU C 566 -30.29 25.19 -1.78
CA LEU C 566 -29.05 25.71 -1.18
C LEU C 566 -28.99 27.24 -1.14
N GLY C 567 -29.94 27.95 -1.77
CA GLY C 567 -29.92 29.40 -1.78
C GLY C 567 -28.94 30.05 -2.74
N VAL C 568 -28.65 29.38 -3.85
CA VAL C 568 -27.62 29.82 -4.78
C VAL C 568 -28.19 30.35 -6.10
N ALA C 569 -29.27 29.74 -6.59
CA ALA C 569 -29.81 30.08 -7.91
C ALA C 569 -30.49 31.44 -7.94
N GLN C 570 -29.72 32.48 -8.24
CA GLN C 570 -30.24 33.84 -8.28
C GLN C 570 -29.30 34.82 -9.01
N ILE D 505 6.07 61.09 -21.72
CA ILE D 505 5.92 62.45 -21.17
C ILE D 505 4.53 62.64 -20.56
N THR D 506 3.56 61.98 -21.19
CA THR D 506 2.16 62.00 -20.75
C THR D 506 2.08 61.35 -19.39
N PRO D 507 3.03 60.45 -19.10
CA PRO D 507 3.07 59.70 -17.85
C PRO D 507 3.20 60.57 -16.61
N VAL D 508 3.99 61.63 -16.57
CA VAL D 508 4.04 62.42 -15.32
C VAL D 508 2.69 63.05 -14.99
N LEU D 509 2.03 63.60 -16.00
CA LEU D 509 0.72 64.20 -15.84
C LEU D 509 -0.29 63.14 -15.42
N LYS D 510 -0.16 61.97 -16.05
CA LYS D 510 -1.04 60.85 -15.73
C LYS D 510 -0.84 60.42 -14.30
N MET D 511 0.40 60.40 -13.83
CA MET D 511 0.71 60.02 -12.45
C MET D 511 0.07 61.02 -11.50
N GLY D 512 0.13 62.31 -11.84
CA GLY D 512 -0.48 63.30 -10.99
C GLY D 512 -1.97 63.06 -10.89
N ARG D 513 -2.61 62.77 -12.03
CA ARG D 513 -4.03 62.48 -12.03
C ARG D 513 -4.42 61.20 -11.28
N THR D 514 -3.62 60.15 -11.45
CA THR D 514 -3.90 58.85 -10.86
C THR D 514 -3.86 58.80 -9.34
N LEU D 515 -2.89 59.46 -8.73
CA LEU D 515 -2.85 59.40 -7.27
C LEU D 515 -4.18 59.76 -6.65
N GLU D 516 -4.94 60.67 -7.26
CA GLU D 516 -6.28 60.95 -6.74
C GLU D 516 -7.19 59.72 -6.87
N ALA D 517 -7.12 59.03 -8.02
CA ALA D 517 -7.91 57.82 -8.20
C ALA D 517 -7.53 56.73 -7.22
N ILE D 518 -6.22 56.58 -6.98
CA ILE D 518 -5.74 55.60 -6.00
C ILE D 518 -6.23 55.96 -4.60
N SER D 519 -6.21 57.25 -4.24
CA SER D 519 -6.73 57.66 -2.94
C SER D 519 -8.22 57.33 -2.83
N LYS D 520 -8.98 57.55 -3.90
CA LYS D 520 -10.40 57.18 -3.89
C LYS D 520 -10.59 55.68 -3.69
N GLY D 521 -9.78 54.86 -4.39
CA GLY D 521 -9.88 53.43 -4.19
C GLY D 521 -9.56 53.00 -2.78
N MET D 522 -8.53 53.59 -2.19
CA MET D 522 -8.19 53.27 -0.80
C MET D 522 -9.32 53.67 0.16
N SER D 523 -9.92 54.85 -0.02
CA SER D 523 -11.04 55.23 0.84
C SER D 523 -12.21 54.25 0.70
N GLU D 524 -12.52 53.84 -0.54
CA GLU D 524 -13.61 52.88 -0.75
C GLU D 524 -13.33 51.54 -0.09
N MET D 525 -12.08 51.07 -0.16
CA MET D 525 -11.74 49.79 0.46
C MET D 525 -11.73 49.85 1.98
N LEU D 526 -11.23 50.93 2.56
CA LEU D 526 -11.38 51.11 4.00
C LEU D 526 -12.86 51.10 4.38
N ALA D 527 -13.73 51.63 3.50
CA ALA D 527 -15.17 51.59 3.75
C ALA D 527 -15.73 50.16 3.68
N LYS D 528 -15.30 49.37 2.69
CA LYS D 528 -15.89 48.04 2.50
C LYS D 528 -15.43 47.09 3.60
N TYR D 529 -14.19 47.26 4.07
CA TYR D 529 -13.68 46.42 5.15
C TYR D 529 -14.54 46.53 6.40
N ASP D 530 -15.13 47.69 6.66
CA ASP D 530 -15.95 47.87 7.86
C ASP D 530 -17.27 47.14 7.79
N HIS D 531 -17.77 46.86 6.58
CA HIS D 531 -19.03 46.12 6.41
C HIS D 531 -18.80 44.63 6.24
N LEU D 532 -17.68 44.21 5.62
CA LEU D 532 -17.47 42.79 5.37
C LEU D 532 -17.06 42.04 6.63
N VAL D 533 -16.16 42.60 7.42
CA VAL D 533 -15.47 41.85 8.48
C VAL D 533 -16.22 41.96 9.79
N ILE D 534 -16.47 40.82 10.43
CA ILE D 534 -17.13 40.75 11.72
C ILE D 534 -16.14 41.06 12.84
N SER D 535 -16.51 41.99 13.73
CA SER D 535 -15.59 42.41 14.80
C SER D 535 -16.27 42.57 16.16
N THR D 536 -17.43 41.97 16.39
CA THR D 536 -18.10 42.09 17.69
C THR D 536 -17.35 41.36 18.81
N VAL E 508 11.86 58.44 -14.18
CA VAL E 508 10.56 58.81 -13.59
C VAL E 508 9.42 58.22 -14.43
N LEU E 509 9.70 57.80 -15.67
CA LEU E 509 8.66 57.17 -16.48
C LEU E 509 8.22 55.83 -15.87
N LYS E 510 9.17 55.05 -15.31
CA LYS E 510 8.83 53.76 -14.70
C LYS E 510 7.84 53.91 -13.53
N MET E 511 7.99 54.98 -12.78
CA MET E 511 7.09 55.23 -11.66
C MET E 511 5.69 55.48 -12.17
N GLY E 512 5.55 56.31 -13.21
CA GLY E 512 4.24 56.59 -13.73
C GLY E 512 3.57 55.34 -14.25
N ARG E 513 4.33 54.52 -14.98
CA ARG E 513 3.77 53.29 -15.52
C ARG E 513 3.33 52.37 -14.39
N THR E 514 4.14 52.27 -13.36
CA THR E 514 3.80 51.42 -12.23
C THR E 514 2.53 51.91 -11.57
N LEU E 515 2.41 53.21 -11.40
CA LEU E 515 1.23 53.76 -10.76
C LEU E 515 0.01 53.46 -11.60
N GLU E 516 0.11 53.59 -12.92
CA GLU E 516 -1.04 53.31 -13.75
C GLU E 516 -1.43 51.83 -13.66
N ALA E 517 -0.44 50.94 -13.61
CA ALA E 517 -0.72 49.52 -13.50
C ALA E 517 -1.42 49.24 -12.19
N ILE E 518 -0.97 49.87 -11.11
CA ILE E 518 -1.58 49.68 -9.81
C ILE E 518 -3.02 50.17 -9.82
N SER E 519 -3.26 51.30 -10.46
CA SER E 519 -4.60 51.85 -10.55
C SER E 519 -5.52 50.91 -11.31
N LYS E 520 -5.00 50.31 -12.38
CA LYS E 520 -5.80 49.38 -13.18
C LYS E 520 -6.33 48.24 -12.32
N GLY E 521 -5.42 47.58 -11.61
CA GLY E 521 -5.71 46.47 -10.73
C GLY E 521 -6.68 46.83 -9.61
N MET E 522 -6.50 48.03 -9.03
CA MET E 522 -7.41 48.51 -8.00
C MET E 522 -8.84 48.58 -8.51
N SER E 523 -9.02 49.09 -9.73
CA SER E 523 -10.37 49.18 -10.28
C SER E 523 -11.01 47.79 -10.39
N GLU E 524 -10.27 46.81 -10.94
CA GLU E 524 -10.84 45.45 -11.13
C GLU E 524 -11.23 44.78 -9.81
N MET E 525 -10.33 44.91 -8.80
CA MET E 525 -10.43 44.23 -7.51
C MET E 525 -11.53 44.91 -6.66
N LEU E 526 -11.74 46.24 -6.88
CA LEU E 526 -12.92 46.95 -6.35
C LEU E 526 -14.23 46.48 -6.97
N ALA E 527 -14.25 46.17 -8.27
CA ALA E 527 -15.46 45.62 -8.87
C ALA E 527 -15.82 44.27 -8.24
N LYS E 528 -14.82 43.39 -8.08
CA LYS E 528 -15.09 42.09 -7.42
C LYS E 528 -15.69 42.28 -6.03
N TYR E 529 -15.16 43.22 -5.24
CA TYR E 529 -15.73 43.49 -3.91
C TYR E 529 -17.12 44.09 -3.98
N ASP E 530 -17.40 44.87 -5.04
CA ASP E 530 -18.73 45.46 -5.25
C ASP E 530 -19.80 44.39 -5.40
N HIS E 531 -19.44 43.25 -6.00
CA HIS E 531 -20.38 42.13 -6.12
C HIS E 531 -20.86 41.63 -4.75
N LEU E 532 -19.96 41.52 -3.77
CA LEU E 532 -20.28 40.93 -2.47
C LEU E 532 -21.30 41.78 -1.69
N VAL E 533 -21.01 43.07 -1.53
CA VAL E 533 -21.86 43.96 -0.72
C VAL E 533 -23.04 44.50 -1.54
#